data_9FA1
#
_entry.id   9FA1
#
_cell.length_a   1.00
_cell.length_b   1.00
_cell.length_c   1.00
_cell.angle_alpha   90.00
_cell.angle_beta   90.00
_cell.angle_gamma   90.00
#
_symmetry.space_group_name_H-M   'P 1'
#
loop_
_entity.id
_entity.type
_entity.pdbx_description
1 polymer 'Large T antigen'
2 polymer 'Chains: S'
3 non-polymer "ADENOSINE-5'-TRIPHOSPHATE"
#
loop_
_entity_poly.entity_id
_entity_poly.type
_entity_poly.pdbx_seq_one_letter_code
_entity_poly.pdbx_strand_id
1 'polypeptide(L)'
;KQVSWKLVTEYAMETKCDDVLLLLGMYLEFQYSFEMCLKCIKKEQPSHYKYHEKHYANAAIFADSKNQKTICQQAVDTVL
AKKRVDSLQLTREQMLTNRFNDLLDRMDIMFGSTGSADIEEWMAGVAWLHCLLPKMDSVVYDFLKCMVYNIPKKRYWLFK
GPIDSGKTTLAAALLELCGGKALNVNLPLDRLNFELGVAIDQFLVVFEDVKGTGGESRDLPSGQGINNLDNLRDYLDGSV
KVNLEKKHLNKRTQIFPPGIVTMNEYSVPKTLQARFVKQIDFRPKDYLKHCLERSEFLLEKRIIQSGIALLLMLIWYRPV
AEFAQSIQSRIVEWKERLDKEFSLSVYQKMKFNVAMGIGVLD
;
A,B,C,D,E,F
2 'polydeoxyribonucleotide' (DT)(DT)(DT)(DT)(DT)(DT)(DT)(DT) S
#
loop_
_chem_comp.id
_chem_comp.type
_chem_comp.name
_chem_comp.formula
ATP non-polymer ADENOSINE-5'-TRIPHOSPHATE 'C10 H16 N5 O13 P3'
DT DNA linking THYMIDINE-5'-MONOPHOSPHATE 'C10 H15 N2 O8 P'
#
# COMPACT_ATOMS: atom_id res chain seq x y z
N LYS A 1 -9.35 -44.76 0.54
CA LYS A 1 -10.41 -43.86 0.99
C LYS A 1 -9.92 -42.43 1.04
N GLN A 2 -10.76 -41.50 1.50
CA GLN A 2 -10.42 -40.09 1.49
C GLN A 2 -10.79 -39.41 2.79
N VAL A 3 -10.13 -38.28 3.02
CA VAL A 3 -10.32 -37.49 4.23
C VAL A 3 -11.76 -37.11 4.37
N SER A 4 -12.31 -37.27 5.57
CA SER A 4 -13.56 -36.60 5.90
C SER A 4 -13.27 -35.19 6.38
N TRP A 5 -13.60 -34.21 5.54
CA TRP A 5 -13.57 -32.81 5.94
C TRP A 5 -14.60 -32.54 7.03
N LYS A 6 -15.64 -33.35 7.09
CA LYS A 6 -16.68 -33.21 8.11
C LYS A 6 -16.11 -33.47 9.50
N LEU A 7 -15.41 -34.59 9.67
CA LEU A 7 -14.79 -34.89 10.95
C LEU A 7 -13.78 -33.82 11.36
N VAL A 8 -13.03 -33.28 10.41
CA VAL A 8 -12.14 -32.17 10.73
C VAL A 8 -12.93 -30.99 11.25
N THR A 9 -14.02 -30.64 10.55
CA THR A 9 -14.76 -29.44 10.93
C THR A 9 -15.43 -29.61 12.29
N GLU A 10 -15.87 -30.83 12.63
CA GLU A 10 -16.39 -31.08 13.97
C GLU A 10 -15.37 -30.78 15.05
N TYR A 11 -14.14 -31.25 14.89
CA TYR A 11 -13.10 -30.94 15.86
C TYR A 11 -12.90 -29.44 16.00
N ALA A 12 -12.88 -28.73 14.86
CA ALA A 12 -12.69 -27.29 14.92
C ALA A 12 -13.82 -26.61 15.68
N MET A 13 -15.03 -27.10 15.51
CA MET A 13 -16.17 -26.56 16.23
C MET A 13 -16.07 -26.87 17.72
N GLU A 14 -15.75 -28.12 18.05
CA GLU A 14 -15.77 -28.55 19.44
C GLU A 14 -14.59 -28.00 20.22
N THR A 15 -13.44 -27.81 19.59
CA THR A 15 -12.38 -27.04 20.20
C THR A 15 -12.68 -25.55 20.19
N LYS A 16 -13.62 -25.11 19.36
CA LYS A 16 -13.78 -23.70 19.07
C LYS A 16 -12.48 -23.08 18.59
N CYS A 17 -11.66 -23.89 17.93
CA CYS A 17 -10.40 -23.42 17.41
C CYS A 17 -10.66 -22.50 16.22
N ASP A 18 -9.98 -21.37 16.18
CA ASP A 18 -10.19 -20.44 15.08
C ASP A 18 -8.89 -19.87 14.56
N ASP A 19 -7.80 -20.63 14.66
CA ASP A 19 -6.58 -20.30 13.96
C ASP A 19 -6.20 -21.49 13.09
N VAL A 20 -5.90 -21.22 11.83
CA VAL A 20 -5.67 -22.29 10.86
C VAL A 20 -4.37 -23.03 11.15
N LEU A 21 -3.34 -22.33 11.61
CA LEU A 21 -2.11 -23.02 11.98
C LEU A 21 -2.29 -23.85 13.24
N LEU A 22 -2.91 -23.28 14.26
CA LEU A 22 -3.17 -24.02 15.48
C LEU A 22 -3.94 -25.30 15.16
N LEU A 23 -5.05 -25.17 14.43
CA LEU A 23 -5.83 -26.34 14.06
C LEU A 23 -4.99 -27.37 13.34
N LEU A 24 -4.19 -26.91 12.36
CA LEU A 24 -3.40 -27.85 11.58
C LEU A 24 -2.46 -28.62 12.47
N GLY A 25 -1.73 -27.90 13.32
CA GLY A 25 -0.79 -28.56 14.22
C GLY A 25 -1.50 -29.54 15.12
N MET A 26 -2.59 -29.10 15.74
CA MET A 26 -3.38 -29.96 16.62
C MET A 26 -3.76 -31.27 15.93
N TYR A 27 -4.38 -31.19 14.76
CA TYR A 27 -4.93 -32.41 14.18
C TYR A 27 -3.84 -33.39 13.79
N LEU A 28 -2.67 -32.90 13.39
CA LEU A 28 -1.59 -33.77 12.98
C LEU A 28 -1.06 -34.62 14.12
N GLU A 29 -1.20 -34.14 15.36
CA GLU A 29 -0.82 -34.97 16.49
C GLU A 29 -1.58 -36.28 16.52
N PHE A 30 -2.80 -36.32 16.02
CA PHE A 30 -3.61 -37.52 16.11
C PHE A 30 -3.15 -38.64 15.16
N GLN A 31 -2.20 -38.37 14.27
CA GLN A 31 -1.81 -39.40 13.30
C GLN A 31 -1.13 -40.60 13.93
N TYR A 32 -0.59 -40.49 15.13
CA TYR A 32 0.00 -41.65 15.79
C TYR A 32 -1.08 -42.45 16.50
N SER A 33 -0.76 -43.70 16.80
CA SER A 33 -1.70 -44.54 17.51
C SER A 33 -1.95 -43.98 18.90
N PHE A 34 -3.20 -43.62 19.19
CA PHE A 34 -3.57 -43.17 20.51
C PHE A 34 -3.33 -44.27 21.53
N GLU A 35 -3.34 -45.51 21.06
CA GLU A 35 -3.03 -46.67 21.88
C GLU A 35 -1.80 -46.50 22.76
N MET A 36 -0.77 -45.79 22.27
CA MET A 36 0.42 -45.52 23.06
C MET A 36 0.60 -44.06 23.42
N CYS A 37 -0.30 -43.20 23.00
CA CYS A 37 -0.03 -41.77 23.01
C CYS A 37 0.29 -41.26 24.42
N LEU A 38 1.52 -40.78 24.58
CA LEU A 38 1.97 -40.30 25.89
C LEU A 38 1.11 -39.15 26.40
N LYS A 39 0.68 -38.26 25.50
CA LYS A 39 -0.18 -37.16 25.93
C LYS A 39 -1.50 -37.67 26.46
N CYS A 40 -2.08 -38.67 25.80
CA CYS A 40 -3.27 -39.32 26.35
C CYS A 40 -2.97 -39.89 27.72
N ILE A 41 -1.89 -40.65 27.83
CA ILE A 41 -1.54 -41.33 29.07
C ILE A 41 -1.32 -40.31 30.18
N LYS A 42 -0.59 -39.25 29.89
CA LYS A 42 -0.37 -38.17 30.84
C LYS A 42 -1.62 -37.36 31.14
N LYS A 43 -2.68 -37.49 30.34
CA LYS A 43 -3.82 -36.57 30.39
C LYS A 43 -3.33 -35.13 30.38
N GLU A 44 -2.46 -34.86 29.41
CA GLU A 44 -1.72 -33.60 29.38
C GLU A 44 -2.60 -32.43 28.96
N GLN A 45 -3.30 -32.56 27.82
CA GLN A 45 -4.20 -31.51 27.34
C GLN A 45 -5.55 -32.07 26.90
N PRO A 46 -6.67 -31.54 27.40
CA PRO A 46 -7.97 -32.14 27.04
C PRO A 46 -8.27 -32.01 25.56
N SER A 47 -7.89 -30.88 24.97
CA SER A 47 -8.03 -30.67 23.55
C SER A 47 -7.36 -31.75 22.73
N HIS A 48 -6.44 -32.50 23.34
CA HIS A 48 -5.92 -33.70 22.73
C HIS A 48 -6.60 -34.96 23.25
N TYR A 49 -6.48 -35.23 24.55
CA TYR A 49 -6.74 -36.59 25.00
C TYR A 49 -8.21 -36.97 24.88
N LYS A 50 -9.11 -36.00 24.87
CA LYS A 50 -10.52 -36.32 24.66
C LYS A 50 -10.80 -36.81 23.26
N TYR A 51 -9.97 -36.44 22.28
CA TYR A 51 -10.33 -36.58 20.89
C TYR A 51 -9.43 -37.52 20.11
N HIS A 52 -8.23 -37.82 20.62
CA HIS A 52 -7.27 -38.58 19.85
C HIS A 52 -7.85 -39.90 19.36
N GLU A 53 -8.48 -40.66 20.25
CA GLU A 53 -9.00 -41.97 19.85
C GLU A 53 -10.03 -41.84 18.74
N LYS A 54 -10.94 -40.88 18.87
CA LYS A 54 -12.00 -40.70 17.90
C LYS A 54 -11.46 -40.33 16.52
N HIS A 55 -10.54 -39.37 16.45
CA HIS A 55 -10.08 -38.84 15.17
C HIS A 55 -8.91 -39.59 14.55
N TYR A 56 -8.32 -40.55 15.28
CA TYR A 56 -7.14 -41.25 14.79
C TYR A 56 -7.23 -41.71 13.34
N ALA A 57 -8.30 -42.45 12.99
CA ALA A 57 -8.39 -43.00 11.65
C ALA A 57 -8.40 -41.91 10.59
N ASN A 58 -9.22 -40.89 10.80
CA ASN A 58 -9.28 -39.77 9.87
C ASN A 58 -7.96 -39.00 9.82
N ALA A 59 -7.31 -38.81 10.97
CA ALA A 59 -6.03 -38.12 10.99
C ALA A 59 -4.96 -38.85 10.19
N ALA A 60 -4.94 -40.18 10.23
CA ALA A 60 -3.98 -40.93 9.43
C ALA A 60 -4.15 -40.60 7.95
N ILE A 61 -5.39 -40.62 7.47
CA ILE A 61 -5.66 -40.31 6.08
C ILE A 61 -5.41 -38.84 5.79
N PHE A 62 -5.74 -37.96 6.75
CA PHE A 62 -5.41 -36.55 6.61
C PHE A 62 -3.91 -36.34 6.49
N ALA A 63 -3.12 -37.10 7.25
CA ALA A 63 -1.67 -36.91 7.23
C ALA A 63 -1.07 -37.12 5.85
N ASP A 64 -1.72 -37.88 4.97
CA ASP A 64 -1.23 -38.09 3.62
C ASP A 64 -1.75 -37.08 2.60
N SER A 65 -2.72 -36.27 2.96
CA SER A 65 -3.35 -35.41 1.97
C SER A 65 -2.39 -34.34 1.46
N LYS A 66 -2.71 -33.83 0.27
CA LYS A 66 -1.99 -32.72 -0.34
C LYS A 66 -2.74 -31.40 -0.24
N ASN A 67 -3.90 -31.38 0.41
CA ASN A 67 -4.76 -30.20 0.48
C ASN A 67 -4.80 -29.60 1.89
N GLN A 68 -3.84 -29.93 2.73
CA GLN A 68 -4.07 -29.90 4.17
C GLN A 68 -4.51 -28.52 4.65
N LYS A 69 -3.85 -27.46 4.18
CA LYS A 69 -4.24 -26.11 4.61
C LYS A 69 -5.62 -25.72 4.10
N THR A 70 -6.00 -26.20 2.91
CA THR A 70 -7.33 -25.88 2.39
C THR A 70 -8.42 -26.51 3.24
N ILE A 71 -8.22 -27.75 3.68
CA ILE A 71 -9.18 -28.39 4.57
C ILE A 71 -9.35 -27.55 5.84
N CYS A 72 -8.23 -27.14 6.43
CA CYS A 72 -8.26 -26.36 7.66
C CYS A 72 -8.90 -25.00 7.45
N GLN A 73 -8.69 -24.38 6.30
CA GLN A 73 -9.30 -23.09 6.04
C GLN A 73 -10.83 -23.17 6.06
N GLN A 74 -11.40 -24.18 5.41
CA GLN A 74 -12.85 -24.35 5.44
C GLN A 74 -13.34 -24.61 6.86
N ALA A 75 -12.63 -25.43 7.62
CA ALA A 75 -13.03 -25.70 9.00
C ALA A 75 -12.99 -24.44 9.84
N VAL A 76 -11.95 -23.64 9.71
CA VAL A 76 -11.85 -22.40 10.47
C VAL A 76 -12.98 -21.45 10.09
N ASP A 77 -13.31 -21.36 8.82
CA ASP A 77 -14.39 -20.49 8.41
C ASP A 77 -15.73 -20.92 9.01
N THR A 78 -15.93 -22.22 9.18
CA THR A 78 -17.14 -22.69 9.87
C THR A 78 -17.23 -22.14 11.28
N VAL A 79 -16.11 -22.13 12.00
CA VAL A 79 -16.09 -21.61 13.36
C VAL A 79 -16.34 -20.11 13.38
N LEU A 80 -15.70 -19.37 12.48
CA LEU A 80 -15.97 -17.93 12.37
C LEU A 80 -17.41 -17.67 11.99
N ALA A 81 -17.96 -18.48 11.09
CA ALA A 81 -19.35 -18.28 10.69
C ALA A 81 -20.29 -18.47 11.87
N LYS A 82 -20.05 -19.50 12.67
CA LYS A 82 -20.86 -19.71 13.87
C LYS A 82 -20.81 -18.50 14.79
N LYS A 83 -19.62 -17.98 15.06
CA LYS A 83 -19.49 -16.76 15.86
C LYS A 83 -20.30 -15.60 15.28
N ARG A 84 -20.18 -15.37 13.98
CA ARG A 84 -20.92 -14.28 13.35
C ARG A 84 -22.44 -14.47 13.46
N VAL A 85 -22.93 -15.70 13.37
CA VAL A 85 -24.36 -15.93 13.51
C VAL A 85 -24.81 -15.65 14.93
N ASP A 86 -24.08 -16.18 15.91
CA ASP A 86 -24.38 -15.85 17.29
C ASP A 86 -24.29 -14.35 17.54
N SER A 87 -23.28 -13.71 16.95
CA SER A 87 -23.03 -12.30 17.20
C SER A 87 -24.26 -11.43 17.00
N LEU A 88 -25.01 -11.66 15.92
CA LEU A 88 -26.19 -10.86 15.66
C LEU A 88 -27.47 -11.41 16.29
N GLN A 89 -27.61 -12.73 16.40
CA GLN A 89 -28.88 -13.26 16.88
C GLN A 89 -29.04 -13.22 18.40
N LEU A 90 -27.97 -13.40 19.17
CA LEU A 90 -28.16 -13.61 20.61
C LEU A 90 -28.39 -12.32 21.37
N THR A 91 -29.08 -12.43 22.50
CA THR A 91 -29.14 -11.36 23.47
C THR A 91 -27.82 -11.27 24.23
N ARG A 92 -27.51 -10.07 24.72
CA ARG A 92 -26.30 -9.89 25.49
C ARG A 92 -26.28 -10.75 26.75
N GLU A 93 -27.44 -11.02 27.34
CA GLU A 93 -27.49 -11.96 28.46
C GLU A 93 -27.14 -13.37 28.00
N GLN A 94 -27.72 -13.81 26.89
CA GLN A 94 -27.41 -15.15 26.38
C GLN A 94 -25.94 -15.31 26.10
N MET A 95 -25.30 -14.29 25.53
CA MET A 95 -23.86 -14.34 25.33
C MET A 95 -23.14 -14.56 26.65
N LEU A 96 -23.46 -13.73 27.64
CA LEU A 96 -22.76 -13.80 28.92
C LEU A 96 -22.95 -15.16 29.57
N THR A 97 -24.14 -15.73 29.45
CA THR A 97 -24.42 -17.05 29.99
C THR A 97 -23.53 -18.11 29.35
N ASN A 98 -23.32 -18.02 28.04
CA ASN A 98 -22.39 -18.93 27.38
C ASN A 98 -20.97 -18.74 27.93
N ARG A 99 -20.51 -17.50 27.99
CA ARG A 99 -19.18 -17.21 28.49
C ARG A 99 -18.95 -17.83 29.87
N PHE A 100 -19.93 -17.69 30.75
CA PHE A 100 -19.78 -18.25 32.10
C PHE A 100 -19.66 -19.76 32.07
N ASN A 101 -20.47 -20.43 31.24
CA ASN A 101 -20.34 -21.88 31.09
C ASN A 101 -18.93 -22.30 30.71
N ASP A 102 -18.29 -21.56 29.80
CA ASP A 102 -16.92 -21.89 29.41
C ASP A 102 -15.98 -21.80 30.60
N LEU A 103 -16.05 -20.70 31.35
CA LEU A 103 -15.18 -20.55 32.51
C LEU A 103 -15.45 -21.63 33.55
N LEU A 104 -16.72 -21.94 33.78
CA LEU A 104 -17.05 -22.97 34.75
C LEU A 104 -16.50 -24.33 34.35
N ASP A 105 -16.60 -24.67 33.06
CA ASP A 105 -15.96 -25.89 32.57
C ASP A 105 -14.46 -25.90 32.85
N ARG A 106 -13.79 -24.76 32.69
CA ARG A 106 -12.36 -24.72 33.00
C ARG A 106 -12.10 -24.92 34.49
N MET A 107 -12.87 -24.25 35.33
CA MET A 107 -12.71 -24.43 36.77
C MET A 107 -12.94 -25.88 37.17
N ASP A 108 -13.93 -26.53 36.57
CA ASP A 108 -14.14 -27.95 36.83
C ASP A 108 -12.87 -28.76 36.60
N ILE A 109 -12.10 -28.40 35.58
CA ILE A 109 -10.84 -29.10 35.33
C ILE A 109 -9.76 -28.63 36.30
N MET A 110 -9.62 -27.32 36.46
CA MET A 110 -8.52 -26.76 37.25
C MET A 110 -8.50 -27.33 38.66
N PHE A 111 -9.65 -27.35 39.31
CA PHE A 111 -9.79 -27.88 40.65
C PHE A 111 -10.21 -29.35 40.65
N GLY A 112 -10.16 -30.00 39.50
CA GLY A 112 -10.57 -31.38 39.37
C GLY A 112 -9.57 -32.36 39.96
N SER A 113 -9.67 -33.62 39.50
CA SER A 113 -8.63 -34.59 39.81
C SER A 113 -7.28 -34.16 39.25
N THR A 114 -7.29 -33.56 38.06
CA THR A 114 -6.09 -32.90 37.56
C THR A 114 -5.62 -31.84 38.56
N GLY A 115 -6.52 -31.00 39.02
CA GLY A 115 -6.36 -30.33 40.30
C GLY A 115 -5.14 -29.44 40.41
N SER A 116 -4.58 -29.00 39.29
CA SER A 116 -3.30 -28.29 39.34
C SER A 116 -3.41 -27.01 40.17
N ALA A 117 -4.59 -26.40 40.18
CA ALA A 117 -4.89 -25.29 41.08
C ALA A 117 -5.51 -25.81 42.36
N ASP A 118 -5.22 -25.14 43.46
CA ASP A 118 -5.91 -25.39 44.72
C ASP A 118 -6.72 -24.18 45.16
N ILE A 119 -8.02 -24.39 45.32
CA ILE A 119 -8.98 -23.32 45.49
C ILE A 119 -8.70 -22.45 46.70
N GLU A 120 -8.01 -22.99 47.70
CA GLU A 120 -7.55 -22.15 48.82
C GLU A 120 -6.74 -20.97 48.34
N GLU A 121 -5.88 -21.18 47.35
CA GLU A 121 -5.05 -20.08 46.85
C GLU A 121 -5.91 -19.06 46.13
N TRP A 122 -6.81 -19.54 45.29
CA TRP A 122 -7.71 -18.66 44.56
C TRP A 122 -8.67 -17.97 45.50
N MET A 123 -9.07 -18.65 46.57
CA MET A 123 -9.85 -18.00 47.61
C MET A 123 -9.06 -16.91 48.31
N ALA A 124 -7.77 -17.14 48.55
CA ALA A 124 -6.92 -16.05 49.04
C ALA A 124 -6.91 -14.91 48.02
N GLY A 125 -6.89 -15.24 46.74
CA GLY A 125 -7.03 -14.22 45.72
C GLY A 125 -8.33 -13.46 45.83
N VAL A 126 -9.44 -14.19 46.00
CA VAL A 126 -10.72 -13.56 46.23
C VAL A 126 -10.65 -12.61 47.41
N ALA A 127 -10.01 -13.04 48.50
CA ALA A 127 -9.88 -12.18 49.67
C ALA A 127 -9.12 -10.90 49.34
N TRP A 128 -7.99 -11.03 48.64
CA TRP A 128 -7.22 -9.85 48.24
C TRP A 128 -8.03 -8.93 47.34
N LEU A 129 -8.78 -9.50 46.41
CA LEU A 129 -9.59 -8.70 45.52
C LEU A 129 -10.74 -8.02 46.24
N HIS A 130 -11.49 -8.77 47.05
CA HIS A 130 -12.58 -8.14 47.78
C HIS A 130 -12.07 -7.10 48.77
N CYS A 131 -10.83 -7.28 49.24
CA CYS A 131 -10.18 -6.24 50.03
C CYS A 131 -9.80 -5.01 49.20
N LEU A 132 -9.61 -5.16 47.90
CA LEU A 132 -9.02 -4.07 47.11
C LEU A 132 -9.91 -2.83 47.10
N LEU A 133 -11.22 -3.00 46.99
CA LEU A 133 -12.15 -1.88 47.07
C LEU A 133 -13.43 -2.33 47.77
N PRO A 134 -14.13 -1.40 48.42
CA PRO A 134 -15.36 -1.76 49.15
C PRO A 134 -16.36 -2.54 48.32
N LYS A 135 -16.89 -3.61 48.92
CA LYS A 135 -18.04 -4.34 48.39
C LYS A 135 -17.80 -4.77 46.94
N MET A 136 -16.58 -5.23 46.69
CA MET A 136 -16.08 -5.43 45.34
C MET A 136 -17.07 -6.19 44.47
N ASP A 137 -17.56 -7.31 45.00
CA ASP A 137 -18.58 -8.12 44.31
C ASP A 137 -19.75 -7.29 43.83
N SER A 138 -20.17 -6.31 44.63
CA SER A 138 -21.34 -5.52 44.30
C SER A 138 -21.03 -4.55 43.16
N VAL A 139 -19.90 -3.89 43.24
CA VAL A 139 -19.46 -3.02 42.15
C VAL A 139 -19.30 -3.81 40.85
N VAL A 140 -18.81 -5.04 40.95
CA VAL A 140 -18.75 -5.90 39.76
C VAL A 140 -20.15 -6.20 39.23
N TYR A 141 -21.08 -6.53 40.13
CA TYR A 141 -22.43 -6.83 39.70
C TYR A 141 -23.05 -5.65 38.97
N ASP A 142 -22.79 -4.43 39.43
CA ASP A 142 -23.22 -3.24 38.71
C ASP A 142 -22.60 -3.15 37.32
N PHE A 143 -21.28 -3.29 37.23
CA PHE A 143 -20.63 -3.22 35.92
C PHE A 143 -21.17 -4.27 34.96
N LEU A 144 -21.34 -5.50 35.42
CA LEU A 144 -21.91 -6.53 34.55
C LEU A 144 -23.29 -6.13 34.02
N LYS A 145 -24.18 -5.70 34.90
CA LYS A 145 -25.52 -5.33 34.44
C LYS A 145 -25.46 -4.14 33.50
N CYS A 146 -24.67 -3.13 33.86
CA CYS A 146 -24.52 -1.98 32.98
C CYS A 146 -24.07 -2.42 31.60
N MET A 147 -23.12 -3.34 31.55
CA MET A 147 -22.58 -3.84 30.29
C MET A 147 -23.57 -4.70 29.52
N VAL A 148 -24.42 -5.47 30.20
CA VAL A 148 -25.46 -6.22 29.50
C VAL A 148 -26.53 -5.28 28.95
N TYR A 149 -27.00 -4.32 29.76
CA TYR A 149 -28.03 -3.41 29.28
C TYR A 149 -27.51 -2.41 28.25
N ASN A 150 -26.22 -2.14 28.22
CA ASN A 150 -25.60 -1.50 27.04
C ASN A 150 -26.25 -0.15 26.70
N ILE A 151 -26.57 0.62 27.73
CA ILE A 151 -27.36 1.86 27.59
C ILE A 151 -26.50 2.96 26.95
N PRO A 152 -26.95 3.58 25.85
CA PRO A 152 -26.08 4.52 25.14
C PRO A 152 -25.76 5.77 25.95
N LYS A 153 -24.60 6.37 25.67
CA LYS A 153 -23.95 7.40 26.46
C LYS A 153 -23.70 6.98 27.91
N LYS A 154 -23.95 5.71 28.23
CA LYS A 154 -23.69 5.13 29.54
C LYS A 154 -22.96 3.80 29.38
N ARG A 155 -22.45 3.54 28.19
CA ARG A 155 -21.74 2.33 27.79
C ARG A 155 -20.31 2.25 28.30
N TYR A 156 -19.81 3.27 29.00
CA TYR A 156 -18.40 3.33 29.37
C TYR A 156 -18.20 3.81 30.79
N TRP A 157 -17.23 3.19 31.47
CA TRP A 157 -16.71 3.64 32.75
C TRP A 157 -15.21 3.91 32.56
N LEU A 158 -14.71 4.91 33.27
CA LEU A 158 -13.32 5.33 33.18
C LEU A 158 -12.60 5.07 34.50
N PHE A 159 -11.38 4.54 34.42
CA PHE A 159 -10.47 4.46 35.56
C PHE A 159 -9.34 5.47 35.42
N LYS A 160 -9.24 6.37 36.39
CA LYS A 160 -8.12 7.32 36.50
C LYS A 160 -7.23 6.95 37.68
N GLY A 161 -6.06 7.60 37.79
CA GLY A 161 -5.24 7.51 38.98
C GLY A 161 -3.83 6.97 38.78
N PRO A 162 -2.98 7.08 39.81
CA PRO A 162 -1.55 6.82 39.65
C PRO A 162 -1.24 5.41 39.17
N ILE A 163 -0.01 5.23 38.71
CA ILE A 163 0.47 3.88 38.37
C ILE A 163 0.46 3.00 39.61
N ASP A 164 0.38 1.69 39.38
CA ASP A 164 0.41 0.71 40.46
C ASP A 164 -0.70 0.97 41.47
N SER A 165 -1.83 1.46 40.98
CA SER A 165 -3.04 1.65 41.77
C SER A 165 -4.12 0.65 41.37
N GLY A 166 -3.82 -0.26 40.45
CA GLY A 166 -4.61 -1.45 40.26
C GLY A 166 -5.63 -1.34 39.15
N LYS A 167 -5.76 -0.17 38.53
CA LYS A 167 -6.75 -0.02 37.47
C LYS A 167 -6.54 -1.07 36.39
N THR A 168 -5.28 -1.29 35.99
CA THR A 168 -4.99 -2.38 35.06
C THR A 168 -5.35 -3.73 35.66
N THR A 169 -4.96 -3.96 36.91
CA THR A 169 -5.26 -5.23 37.57
C THR A 169 -6.74 -5.57 37.48
N LEU A 170 -7.59 -4.59 37.77
CA LEU A 170 -9.04 -4.81 37.69
C LEU A 170 -9.51 -4.95 36.25
N ALA A 171 -9.02 -4.10 35.36
CA ALA A 171 -9.41 -4.21 33.96
C ALA A 171 -9.08 -5.59 33.40
N ALA A 172 -7.91 -6.13 33.74
CA ALA A 172 -7.52 -7.44 33.23
C ALA A 172 -8.50 -8.52 33.66
N ALA A 173 -8.89 -8.51 34.94
CA ALA A 173 -9.81 -9.51 35.43
C ALA A 173 -11.18 -9.40 34.78
N LEU A 174 -11.71 -8.19 34.67
CA LEU A 174 -12.98 -7.99 33.99
C LEU A 174 -12.93 -8.42 32.54
N LEU A 175 -11.84 -8.06 31.86
CA LEU A 175 -11.74 -8.36 30.44
C LEU A 175 -11.66 -9.86 30.19
N GLU A 176 -10.91 -10.58 31.01
CA GLU A 176 -10.94 -12.03 30.93
C GLU A 176 -12.34 -12.55 31.19
N LEU A 177 -13.01 -12.04 32.21
CA LEU A 177 -14.34 -12.52 32.53
C LEU A 177 -15.28 -12.33 31.34
N CYS A 178 -15.26 -11.14 30.74
CA CYS A 178 -16.19 -10.83 29.65
C CYS A 178 -15.75 -11.37 28.30
N GLY A 179 -14.47 -11.69 28.13
CA GLY A 179 -13.98 -12.04 26.81
C GLY A 179 -14.02 -10.90 25.81
N GLY A 180 -13.75 -9.68 26.26
CA GLY A 180 -13.58 -8.55 25.37
C GLY A 180 -12.23 -8.53 24.71
N LYS A 181 -11.87 -7.34 24.21
CA LYS A 181 -10.53 -7.07 23.69
C LYS A 181 -9.96 -5.80 24.32
N ALA A 182 -8.65 -5.78 24.49
CA ALA A 182 -7.97 -4.52 24.71
C ALA A 182 -7.72 -3.82 23.37
N LEU A 183 -7.58 -2.49 23.42
CA LEU A 183 -7.27 -1.70 22.23
C LEU A 183 -6.39 -0.52 22.61
N ASN A 184 -5.65 -0.02 21.63
CA ASN A 184 -4.78 1.14 21.79
C ASN A 184 -5.16 2.23 20.78
N VAL A 185 -5.00 3.49 21.19
CA VAL A 185 -5.31 4.64 20.33
C VAL A 185 -4.28 5.74 20.45
N ASN A 186 -3.21 5.49 21.18
CA ASN A 186 -2.11 6.45 21.32
C ASN A 186 -1.26 6.44 20.07
N LEU A 187 -1.88 6.66 18.91
CA LEU A 187 -1.42 6.12 17.65
C LEU A 187 -1.73 7.08 16.51
N PRO A 188 -1.09 6.91 15.36
CA PRO A 188 -1.45 7.68 14.16
C PRO A 188 -2.92 7.56 13.80
N LEU A 189 -3.56 8.72 13.68
CA LEU A 189 -5.01 8.80 13.54
C LEU A 189 -5.52 7.93 12.40
N ASP A 190 -4.75 7.83 11.32
CA ASP A 190 -5.10 6.96 10.18
C ASP A 190 -5.07 5.49 10.56
N ARG A 191 -3.98 5.05 11.20
CA ARG A 191 -3.76 3.64 11.50
C ARG A 191 -4.77 3.05 12.47
N LEU A 192 -5.62 3.87 13.08
CA LEU A 192 -6.72 3.33 13.88
C LEU A 192 -7.63 2.42 13.06
N ASN A 193 -7.60 2.54 11.73
CA ASN A 193 -8.51 1.80 10.85
C ASN A 193 -8.59 0.31 11.16
N PHE A 194 -7.46 -0.41 11.09
CA PHE A 194 -7.48 -1.84 11.41
C PHE A 194 -7.50 -2.11 12.91
N GLU A 195 -6.98 -1.17 13.70
CA GLU A 195 -6.96 -1.37 15.15
C GLU A 195 -8.37 -1.44 15.69
N LEU A 196 -9.18 -0.42 15.42
CA LEU A 196 -10.60 -0.51 15.72
C LEU A 196 -11.26 -1.64 14.96
N GLY A 197 -10.70 -2.00 13.80
CA GLY A 197 -11.14 -3.19 13.09
C GLY A 197 -11.21 -4.44 13.94
N VAL A 198 -10.34 -4.56 14.95
CA VAL A 198 -10.41 -5.71 15.84
C VAL A 198 -11.68 -5.74 16.68
N ALA A 199 -12.35 -4.61 16.85
CA ALA A 199 -13.56 -4.57 17.67
C ALA A 199 -14.72 -5.34 17.07
N ILE A 200 -14.60 -5.81 15.83
CA ILE A 200 -15.63 -6.65 15.22
C ILE A 200 -16.01 -7.81 16.12
N ASP A 201 -17.31 -7.94 16.35
CA ASP A 201 -17.88 -9.09 17.05
C ASP A 201 -17.29 -9.33 18.44
N GLN A 202 -17.16 -8.25 19.22
CA GLN A 202 -16.68 -8.33 20.59
C GLN A 202 -17.73 -7.83 21.57
N PHE A 203 -17.75 -8.47 22.74
CA PHE A 203 -18.72 -8.08 23.77
C PHE A 203 -18.34 -6.77 24.44
N LEU A 204 -17.04 -6.48 24.53
CA LEU A 204 -16.52 -5.45 25.42
C LEU A 204 -15.14 -5.04 24.90
N VAL A 205 -14.73 -3.79 25.15
CA VAL A 205 -13.36 -3.38 24.87
C VAL A 205 -12.77 -2.54 26.00
N VAL A 206 -11.44 -2.50 26.03
CA VAL A 206 -10.68 -1.77 27.04
C VAL A 206 -9.60 -0.94 26.36
N PHE A 207 -9.45 0.31 26.76
CA PHE A 207 -8.39 1.20 26.29
C PHE A 207 -7.45 1.54 27.44
N GLU A 208 -6.15 1.33 27.23
CA GLU A 208 -5.19 1.28 28.31
C GLU A 208 -4.35 2.55 28.44
N ASP A 209 -4.34 3.10 29.65
CA ASP A 209 -3.54 4.26 30.06
C ASP A 209 -3.36 5.32 28.96
N VAL A 210 -4.47 5.69 28.31
CA VAL A 210 -4.38 6.50 27.10
C VAL A 210 -3.87 7.90 27.47
N LYS A 211 -3.05 8.48 26.60
CA LYS A 211 -2.29 9.69 26.93
C LYS A 211 -3.07 10.97 26.66
N GLY A 212 -3.23 11.78 27.71
CA GLY A 212 -3.66 13.17 27.64
C GLY A 212 -2.68 14.07 26.90
N THR A 213 -2.95 15.37 26.95
CA THR A 213 -2.03 16.41 26.50
C THR A 213 -1.96 17.49 27.56
N GLY A 214 -0.74 17.88 27.94
CA GLY A 214 -0.52 18.55 29.20
C GLY A 214 -0.73 17.61 30.39
N GLY A 215 -0.48 18.17 31.58
CA GLY A 215 -0.21 17.36 32.74
C GLY A 215 1.21 16.88 32.85
N GLU A 216 2.06 17.24 31.88
CA GLU A 216 3.48 16.94 31.96
C GLU A 216 4.16 17.73 33.06
N SER A 217 3.53 18.81 33.52
CA SER A 217 3.86 19.41 34.81
C SER A 217 3.86 18.39 35.93
N ARG A 218 3.14 17.28 35.76
CA ARG A 218 3.11 16.17 36.69
C ARG A 218 3.67 14.90 36.05
N ASP A 219 4.59 15.09 35.09
CA ASP A 219 5.30 13.99 34.42
C ASP A 219 4.37 13.05 33.65
N LEU A 220 3.26 13.59 33.13
CA LEU A 220 2.39 12.85 32.21
C LEU A 220 2.56 13.39 30.79
N PRO A 221 3.40 12.77 29.95
CA PRO A 221 3.64 13.29 28.59
C PRO A 221 2.40 13.37 27.71
N SER A 222 2.33 14.42 26.91
CA SER A 222 1.28 14.61 25.91
C SER A 222 1.32 13.54 24.83
N GLY A 223 0.14 13.20 24.29
CA GLY A 223 0.10 12.30 23.15
C GLY A 223 -1.24 12.29 22.43
N GLN A 224 -1.29 11.50 21.34
CA GLN A 224 -2.48 11.39 20.49
C GLN A 224 -3.64 10.69 21.18
N GLY A 225 -3.41 10.03 22.30
CA GLY A 225 -4.47 9.34 23.00
C GLY A 225 -5.73 10.15 23.19
N ILE A 226 -5.63 11.22 23.98
CA ILE A 226 -6.81 12.02 24.32
C ILE A 226 -7.38 12.69 23.09
N ASN A 227 -6.54 13.04 22.10
CA ASN A 227 -7.05 13.57 20.85
C ASN A 227 -8.01 12.59 20.20
N ASN A 228 -7.57 11.35 20.05
CA ASN A 228 -8.39 10.34 19.39
C ASN A 228 -9.60 9.95 20.24
N LEU A 229 -9.47 10.00 21.58
CA LEU A 229 -10.61 9.74 22.45
C LEU A 229 -11.71 10.79 22.31
N ASP A 230 -11.37 12.06 22.58
CA ASP A 230 -12.39 13.10 22.58
C ASP A 230 -12.93 13.36 21.18
N ASN A 231 -12.24 12.90 20.15
CA ASN A 231 -12.79 12.79 18.81
C ASN A 231 -13.98 11.83 18.77
N LEU A 232 -13.71 10.56 19.01
CA LEU A 232 -14.59 9.46 18.62
C LEU A 232 -15.75 9.20 19.59
N ARG A 233 -16.34 10.25 20.17
CA ARG A 233 -17.29 10.06 21.27
C ARG A 233 -18.52 9.27 20.86
N ASP A 234 -18.86 9.31 19.57
CA ASP A 234 -19.93 8.45 19.04
C ASP A 234 -19.71 6.99 19.37
N TYR A 235 -18.46 6.54 19.40
CA TYR A 235 -18.17 5.16 19.77
C TYR A 235 -18.44 4.90 21.24
N LEU A 236 -18.41 5.94 22.06
CA LEU A 236 -18.69 5.85 23.49
C LEU A 236 -20.16 6.06 23.78
N ASP A 237 -20.81 6.90 22.98
CA ASP A 237 -22.26 7.02 23.01
C ASP A 237 -22.90 5.71 22.57
N GLY A 238 -22.41 5.14 21.46
CA GLY A 238 -22.88 3.87 20.96
C GLY A 238 -24.23 3.91 20.29
N SER A 239 -24.79 5.09 20.06
CA SER A 239 -26.03 5.24 19.32
C SER A 239 -25.84 5.07 17.81
N VAL A 240 -24.62 4.80 17.36
CA VAL A 240 -24.25 4.95 15.95
C VAL A 240 -23.45 3.73 15.50
N LYS A 241 -23.77 3.23 14.31
CA LYS A 241 -22.97 2.15 13.70
C LYS A 241 -21.72 2.69 13.02
N VAL A 242 -20.70 1.86 12.97
CA VAL A 242 -19.45 2.14 12.27
C VAL A 242 -19.06 0.93 11.44
N ASN A 243 -18.41 1.19 10.31
CA ASN A 243 -17.90 0.16 9.41
C ASN A 243 -16.44 -0.14 9.73
N LEU A 244 -16.12 -1.43 9.93
CA LEU A 244 -14.85 -1.86 10.53
C LEU A 244 -14.08 -2.78 9.59
N GLU A 245 -12.75 -2.66 9.60
CA GLU A 245 -11.88 -3.21 8.56
C GLU A 245 -11.11 -4.45 9.00
N LYS A 246 -10.80 -5.33 8.04
CA LYS A 246 -9.78 -6.37 8.17
C LYS A 246 -9.08 -6.60 6.83
N LYS A 247 -7.81 -7.02 6.88
CA LYS A 247 -7.02 -7.17 5.66
C LYS A 247 -7.59 -8.28 4.77
N HIS A 248 -7.54 -8.05 3.45
CA HIS A 248 -7.98 -9.05 2.47
C HIS A 248 -9.37 -9.56 2.78
N LEU A 249 -10.20 -8.69 3.35
CA LEU A 249 -11.55 -9.05 3.77
C LEU A 249 -12.42 -7.80 3.66
N ASN A 250 -13.73 -8.00 3.58
CA ASN A 250 -14.64 -6.87 3.56
C ASN A 250 -14.59 -6.07 4.86
N LYS A 251 -14.85 -4.77 4.75
CA LYS A 251 -15.25 -3.95 5.88
C LYS A 251 -16.66 -4.36 6.33
N ARG A 252 -16.91 -4.34 7.64
CA ARG A 252 -18.21 -4.73 8.16
C ARG A 252 -18.74 -3.73 9.18
N THR A 253 -20.04 -3.42 9.08
CA THR A 253 -20.68 -2.39 9.89
C THR A 253 -21.43 -2.98 11.08
N GLN A 254 -21.28 -2.35 12.24
CA GLN A 254 -22.03 -2.71 13.44
C GLN A 254 -22.00 -1.53 14.41
N ILE A 255 -22.85 -1.61 15.45
CA ILE A 255 -22.65 -0.76 16.62
C ILE A 255 -21.33 -1.14 17.27
N PHE A 256 -20.56 -0.12 17.67
CA PHE A 256 -19.30 -0.40 18.34
C PHE A 256 -19.54 -1.00 19.73
N PRO A 257 -18.68 -1.92 20.18
CA PRO A 257 -18.83 -2.48 21.52
C PRO A 257 -18.74 -1.42 22.60
N PRO A 258 -19.44 -1.61 23.72
CA PRO A 258 -19.19 -0.83 24.94
C PRO A 258 -17.86 -1.24 25.58
N GLY A 259 -17.44 -0.52 26.62
CA GLY A 259 -16.09 -0.76 27.10
C GLY A 259 -15.71 -0.02 28.37
N ILE A 260 -14.40 -0.06 28.66
CA ILE A 260 -13.74 0.70 29.71
C ILE A 260 -12.55 1.46 29.12
N VAL A 261 -12.30 2.64 29.65
CA VAL A 261 -11.08 3.39 29.33
C VAL A 261 -10.31 3.63 30.63
N THR A 262 -8.99 3.70 30.50
CA THR A 262 -8.12 3.93 31.66
C THR A 262 -7.04 4.95 31.33
N MET A 263 -6.68 5.74 32.35
CA MET A 263 -5.62 6.73 32.27
C MET A 263 -5.04 6.92 33.67
N ASN A 264 -3.82 7.45 33.73
CA ASN A 264 -3.43 8.22 34.89
C ASN A 264 -4.11 9.59 34.84
N GLU A 265 -3.81 10.45 35.81
CA GLU A 265 -4.54 11.70 36.00
C GLU A 265 -4.20 12.77 34.98
N TYR A 266 -4.29 12.40 33.71
CA TYR A 266 -4.16 13.31 32.57
C TYR A 266 -5.26 14.39 32.54
N SER A 267 -5.04 15.34 31.63
CA SER A 267 -6.10 16.18 31.08
C SER A 267 -7.16 15.37 30.31
N VAL A 268 -8.41 15.82 30.41
CA VAL A 268 -9.53 15.19 29.71
C VAL A 268 -10.60 16.23 29.37
N PRO A 269 -10.87 16.50 28.09
CA PRO A 269 -11.99 17.39 27.74
C PRO A 269 -13.32 16.98 28.36
N LYS A 270 -14.03 17.95 28.95
CA LYS A 270 -15.30 17.67 29.61
C LYS A 270 -16.31 17.07 28.64
N THR A 271 -16.24 17.46 27.37
CA THR A 271 -17.00 16.84 26.29
C THR A 271 -16.85 15.32 26.30
N LEU A 272 -15.62 14.84 26.48
CA LEU A 272 -15.39 13.42 26.67
C LEU A 272 -15.86 12.95 28.05
N GLN A 273 -15.53 13.70 29.11
CA GLN A 273 -15.93 13.28 30.46
C GLN A 273 -17.44 13.00 30.57
N ALA A 274 -18.24 13.67 29.75
CA ALA A 274 -19.68 13.43 29.74
C ALA A 274 -20.05 11.96 29.52
N ARG A 275 -19.20 11.20 28.84
CA ARG A 275 -19.57 9.86 28.37
C ARG A 275 -19.59 8.79 29.44
N PHE A 276 -19.06 9.03 30.64
CA PHE A 276 -18.75 7.95 31.57
C PHE A 276 -19.70 7.93 32.76
N VAL A 277 -20.31 6.77 32.98
CA VAL A 277 -21.24 6.60 34.09
C VAL A 277 -20.51 6.68 35.42
N LYS A 278 -19.41 5.94 35.53
CA LYS A 278 -18.51 6.02 36.67
C LYS A 278 -17.11 6.32 36.16
N GLN A 279 -16.37 7.10 36.93
CA GLN A 279 -15.15 7.75 36.49
C GLN A 279 -14.08 7.54 37.56
N ILE A 280 -14.12 6.36 38.16
CA ILE A 280 -13.51 6.11 39.47
C ILE A 280 -12.00 6.27 39.42
N ASP A 281 -11.46 6.85 40.47
CA ASP A 281 -10.04 7.16 40.61
C ASP A 281 -9.38 6.19 41.58
N PHE A 282 -8.28 5.57 41.15
CA PHE A 282 -7.63 4.47 41.85
C PHE A 282 -6.35 4.98 42.50
N ARG A 283 -6.13 4.66 43.78
CA ARG A 283 -4.90 5.09 44.45
C ARG A 283 -4.31 4.03 45.36
N PRO A 284 -2.97 3.99 45.48
CA PRO A 284 -2.29 2.86 46.15
C PRO A 284 -2.62 2.71 47.63
N LYS A 285 -2.47 1.48 48.13
CA LYS A 285 -2.48 1.15 49.56
C LYS A 285 -1.44 0.07 49.88
N ASP A 286 -0.65 0.31 50.93
CA ASP A 286 0.64 -0.38 51.10
C ASP A 286 0.52 -1.76 51.72
N TYR A 287 -0.37 -1.96 52.69
CA TYR A 287 -0.52 -3.27 53.31
C TYR A 287 -0.80 -4.35 52.28
N LEU A 288 -1.47 -3.98 51.19
CA LEU A 288 -1.60 -4.89 50.05
C LEU A 288 -0.23 -5.38 49.59
N LYS A 289 0.70 -4.45 49.42
CA LYS A 289 2.05 -4.83 48.99
C LYS A 289 2.69 -5.78 49.98
N HIS A 290 2.59 -5.47 51.27
CA HIS A 290 3.18 -6.34 52.28
C HIS A 290 2.55 -7.72 52.25
N CYS A 291 1.25 -7.80 52.02
CA CYS A 291 0.63 -9.11 51.82
C CYS A 291 1.20 -9.79 50.58
N LEU A 292 1.22 -9.07 49.45
CA LEU A 292 1.71 -9.64 48.20
C LEU A 292 3.13 -10.15 48.35
N GLU A 293 3.99 -9.32 48.94
CA GLU A 293 5.37 -9.70 49.24
C GLU A 293 5.46 -11.00 49.99
N ARG A 294 4.43 -11.35 50.75
CA ARG A 294 4.40 -12.53 51.58
C ARG A 294 3.51 -13.63 51.01
N SER A 295 2.96 -13.41 49.81
CA SER A 295 1.93 -14.27 49.25
C SER A 295 2.14 -14.44 47.74
N GLU A 296 3.40 -14.46 47.32
CA GLU A 296 3.76 -14.13 45.95
C GLU A 296 3.26 -15.14 44.93
N PHE A 297 2.89 -16.34 45.35
CA PHE A 297 2.16 -17.25 44.46
C PHE A 297 0.91 -16.61 43.86
N LEU A 298 0.32 -15.64 44.54
CA LEU A 298 -0.78 -14.87 43.96
C LEU A 298 -0.38 -14.24 42.64
N LEU A 299 0.73 -13.51 42.64
CA LEU A 299 1.20 -12.88 41.41
C LEU A 299 1.80 -13.89 40.47
N GLU A 300 2.59 -14.83 41.00
CA GLU A 300 3.28 -15.77 40.13
C GLU A 300 2.28 -16.57 39.30
N LYS A 301 1.19 -17.02 39.90
CA LYS A 301 0.15 -17.72 39.16
C LYS A 301 -0.88 -16.76 38.55
N ARG A 302 -0.62 -15.46 38.60
CA ARG A 302 -1.48 -14.42 38.03
C ARG A 302 -2.91 -14.47 38.53
N ILE A 303 -3.13 -15.01 39.73
CA ILE A 303 -4.48 -15.22 40.23
C ILE A 303 -5.25 -13.89 40.26
N ILE A 304 -4.64 -12.85 40.83
CA ILE A 304 -5.29 -11.56 40.94
C ILE A 304 -5.44 -10.81 39.63
N GLN A 305 -5.05 -11.43 38.52
CA GLN A 305 -5.45 -10.92 37.22
C GLN A 305 -6.57 -11.72 36.58
N SER A 306 -6.86 -12.92 37.07
CA SER A 306 -7.82 -13.79 36.40
C SER A 306 -9.25 -13.31 36.59
N GLY A 307 -10.04 -13.42 35.54
CA GLY A 307 -11.49 -13.39 35.68
C GLY A 307 -12.03 -14.58 36.45
N ILE A 308 -11.30 -15.69 36.45
CA ILE A 308 -11.67 -16.83 37.27
C ILE A 308 -11.81 -16.42 38.73
N ALA A 309 -10.87 -15.61 39.23
CA ALA A 309 -11.01 -15.11 40.59
C ALA A 309 -12.26 -14.26 40.78
N LEU A 310 -12.64 -13.45 39.79
CA LEU A 310 -13.88 -12.71 39.94
C LEU A 310 -15.08 -13.64 39.97
N LEU A 311 -15.05 -14.69 39.17
CA LEU A 311 -16.19 -15.60 39.11
C LEU A 311 -16.34 -16.35 40.42
N LEU A 312 -15.22 -16.79 40.98
CA LEU A 312 -15.24 -17.33 42.34
C LEU A 312 -15.79 -16.31 43.34
N MET A 313 -15.40 -15.05 43.22
CA MET A 313 -15.93 -14.04 44.12
C MET A 313 -17.43 -13.89 43.99
N LEU A 314 -17.93 -13.85 42.76
CA LEU A 314 -19.36 -13.69 42.57
C LEU A 314 -20.11 -14.91 43.08
N ILE A 315 -19.57 -16.11 42.87
CA ILE A 315 -20.18 -17.31 43.43
C ILE A 315 -20.29 -17.19 44.94
N TRP A 316 -19.24 -16.72 45.60
CA TRP A 316 -19.27 -16.61 47.06
C TRP A 316 -20.26 -15.55 47.53
N TYR A 317 -20.26 -14.38 46.89
CA TYR A 317 -21.01 -13.24 47.41
C TYR A 317 -22.46 -13.15 46.94
N ARG A 318 -22.73 -13.51 45.71
CA ARG A 318 -24.03 -13.10 45.17
C ARG A 318 -25.11 -14.16 45.41
N PRO A 319 -26.36 -13.73 45.56
CA PRO A 319 -27.49 -14.67 45.54
C PRO A 319 -27.53 -15.51 44.27
N VAL A 320 -28.00 -16.75 44.41
CA VAL A 320 -28.14 -17.62 43.24
C VAL A 320 -29.08 -16.99 42.21
N ALA A 321 -30.12 -16.32 42.67
CA ALA A 321 -31.08 -15.67 41.80
C ALA A 321 -30.50 -14.51 41.01
N GLU A 322 -29.39 -13.93 41.45
CA GLU A 322 -28.79 -12.83 40.70
C GLU A 322 -28.16 -13.27 39.39
N PHE A 323 -27.88 -14.56 39.24
CA PHE A 323 -27.32 -15.09 38.00
C PHE A 323 -28.42 -15.32 36.97
N ALA A 324 -28.01 -15.37 35.70
CA ALA A 324 -28.90 -15.82 34.64
C ALA A 324 -29.44 -17.21 34.97
N GLN A 325 -30.68 -17.46 34.55
CA GLN A 325 -31.45 -18.57 35.10
C GLN A 325 -30.78 -19.93 34.85
N SER A 326 -30.39 -20.23 33.61
CA SER A 326 -30.04 -21.61 33.27
C SER A 326 -28.85 -22.11 34.06
N ILE A 327 -27.84 -21.27 34.27
CA ILE A 327 -26.64 -21.67 35.01
C ILE A 327 -26.86 -21.83 36.50
N GLN A 328 -27.98 -21.36 37.04
CA GLN A 328 -28.17 -21.39 38.48
C GLN A 328 -28.01 -22.79 39.06
N SER A 329 -28.30 -23.83 38.29
CA SER A 329 -27.93 -25.19 38.68
C SER A 329 -26.45 -25.28 39.02
N ARG A 330 -25.59 -24.88 38.08
CA ARG A 330 -24.15 -24.93 38.30
C ARG A 330 -23.71 -23.96 39.39
N ILE A 331 -24.39 -22.81 39.52
CA ILE A 331 -24.06 -21.89 40.60
C ILE A 331 -24.22 -22.58 41.94
N VAL A 332 -25.38 -23.19 42.16
CA VAL A 332 -25.64 -23.88 43.41
C VAL A 332 -24.61 -24.97 43.64
N GLU A 333 -24.35 -25.79 42.62
CA GLU A 333 -23.35 -26.83 42.72
C GLU A 333 -21.97 -26.31 43.14
N TRP A 334 -21.56 -25.15 42.63
CA TRP A 334 -20.30 -24.58 43.09
C TRP A 334 -20.41 -23.93 44.47
N LYS A 335 -21.53 -23.27 44.78
CA LYS A 335 -21.70 -22.78 46.14
C LYS A 335 -21.59 -23.92 47.15
N GLU A 336 -22.16 -25.08 46.83
CA GLU A 336 -21.94 -26.26 47.67
C GLU A 336 -20.45 -26.52 47.87
N ARG A 337 -19.72 -26.61 46.76
CA ARG A 337 -18.31 -26.96 46.84
C ARG A 337 -17.50 -25.93 47.63
N LEU A 338 -17.75 -24.63 47.41
CA LEU A 338 -17.07 -23.62 48.21
C LEU A 338 -17.43 -23.75 49.68
N ASP A 339 -18.72 -23.71 49.99
CA ASP A 339 -19.14 -23.65 51.39
C ASP A 339 -18.82 -24.96 52.11
N LYS A 340 -18.78 -26.06 51.36
CA LYS A 340 -18.25 -27.31 51.88
C LYS A 340 -16.78 -27.17 52.26
N GLU A 341 -15.97 -26.72 51.32
CA GLU A 341 -14.53 -26.70 51.53
C GLU A 341 -14.10 -25.65 52.56
N PHE A 342 -14.78 -24.52 52.61
CA PHE A 342 -14.39 -23.41 53.46
C PHE A 342 -15.47 -23.06 54.49
N SER A 343 -15.09 -23.08 55.76
CA SER A 343 -15.78 -22.27 56.75
C SER A 343 -15.57 -20.79 56.43
N LEU A 344 -16.47 -19.96 56.97
CA LEU A 344 -16.25 -18.52 56.94
C LEU A 344 -15.02 -18.13 57.73
N SER A 345 -14.70 -18.86 58.80
CA SER A 345 -13.56 -18.51 59.64
C SER A 345 -12.26 -18.58 58.86
N VAL A 346 -12.13 -19.55 57.96
CA VAL A 346 -10.96 -19.60 57.09
C VAL A 346 -10.92 -18.35 56.23
N TYR A 347 -12.05 -17.98 55.63
CA TYR A 347 -12.10 -16.76 54.85
C TYR A 347 -11.82 -15.53 55.71
N GLN A 348 -12.26 -15.53 56.96
CA GLN A 348 -11.86 -14.45 57.87
C GLN A 348 -10.35 -14.45 58.07
N LYS A 349 -9.78 -15.61 58.37
CA LYS A 349 -8.34 -15.72 58.56
C LYS A 349 -7.60 -15.13 57.38
N MET A 350 -7.99 -15.53 56.17
CA MET A 350 -7.43 -14.94 54.98
C MET A 350 -7.61 -13.42 54.97
N LYS A 351 -8.85 -12.96 55.10
CA LYS A 351 -9.12 -11.55 54.83
C LYS A 351 -8.47 -10.63 55.85
N PHE A 352 -8.44 -11.00 57.14
CA PHE A 352 -7.67 -10.17 58.05
C PHE A 352 -6.18 -10.25 57.76
N ASN A 353 -5.66 -11.44 57.38
CA ASN A 353 -4.26 -11.51 57.00
C ASN A 353 -3.96 -10.56 55.85
N VAL A 354 -4.84 -10.50 54.85
CA VAL A 354 -4.71 -9.52 53.78
C VAL A 354 -4.69 -8.11 54.34
N ALA A 355 -5.69 -7.77 55.14
CA ALA A 355 -5.78 -6.41 55.66
C ALA A 355 -4.56 -6.08 56.49
N MET A 356 -4.07 -7.05 57.26
CA MET A 356 -2.89 -6.94 58.07
C MET A 356 -1.60 -6.85 57.26
N GLY A 357 -1.64 -7.14 55.96
CA GLY A 357 -0.43 -7.16 55.15
C GLY A 357 0.50 -8.30 55.45
N ILE A 358 0.00 -9.38 56.06
CA ILE A 358 0.78 -10.58 56.31
C ILE A 358 0.44 -11.61 55.24
N GLY A 359 1.28 -12.64 55.13
CA GLY A 359 0.98 -13.75 54.25
C GLY A 359 -0.40 -14.34 54.47
N VAL A 360 -1.20 -14.43 53.40
CA VAL A 360 -2.60 -14.85 53.57
C VAL A 360 -2.67 -16.27 54.08
N LEU A 361 -1.98 -17.18 53.41
CA LEU A 361 -1.91 -18.56 53.88
C LEU A 361 -1.05 -18.61 55.13
N ASP A 362 -1.52 -19.35 56.11
CA ASP A 362 -1.13 -19.10 57.48
C ASP A 362 -1.44 -20.28 58.40
N LYS B 1 6.06 -43.36 -10.84
CA LYS B 1 6.00 -43.34 -9.38
C LYS B 1 6.08 -41.90 -8.90
N GLN B 2 5.65 -41.63 -7.66
CA GLN B 2 5.33 -40.27 -7.25
C GLN B 2 6.04 -39.82 -5.98
N VAL B 3 6.15 -38.50 -5.87
CA VAL B 3 6.81 -37.85 -4.74
C VAL B 3 6.07 -38.16 -3.45
N SER B 4 6.80 -38.55 -2.43
CA SER B 4 6.23 -38.57 -1.08
C SER B 4 6.34 -37.19 -0.45
N TRP B 5 5.21 -36.50 -0.33
CA TRP B 5 5.17 -35.24 0.41
C TRP B 5 5.47 -35.48 1.88
N LYS B 6 5.17 -36.68 2.36
CA LYS B 6 5.40 -37.05 3.76
C LYS B 6 6.88 -37.05 4.10
N LEU B 7 7.70 -37.66 3.24
CA LEU B 7 9.15 -37.64 3.45
C LEU B 7 9.72 -36.24 3.47
N VAL B 8 9.23 -35.36 2.59
CA VAL B 8 9.69 -33.97 2.64
C VAL B 8 9.34 -33.37 3.98
N THR B 9 8.13 -33.62 4.46
CA THR B 9 7.68 -32.99 5.70
C THR B 9 8.52 -33.44 6.87
N GLU B 10 8.87 -34.74 6.93
CA GLU B 10 9.78 -35.23 7.95
C GLU B 10 11.08 -34.46 7.97
N TYR B 11 11.69 -34.26 6.79
CA TYR B 11 12.95 -33.55 6.75
C TYR B 11 12.82 -32.15 7.33
N ALA B 12 11.72 -31.46 7.01
CA ALA B 12 11.53 -30.13 7.58
C ALA B 12 11.37 -30.19 9.09
N MET B 13 10.67 -31.20 9.59
CA MET B 13 10.58 -31.38 11.03
C MET B 13 11.95 -31.69 11.61
N GLU B 14 12.66 -32.61 10.97
CA GLU B 14 13.97 -33.03 11.45
C GLU B 14 14.93 -31.85 11.53
N THR B 15 15.00 -31.05 10.47
CA THR B 15 15.87 -29.89 10.45
C THR B 15 15.30 -28.71 11.23
N LYS B 16 14.02 -28.72 11.56
CA LYS B 16 13.33 -27.52 12.05
C LYS B 16 13.49 -26.35 11.08
N CYS B 17 13.62 -26.65 9.80
CA CYS B 17 13.69 -25.60 8.79
C CYS B 17 12.34 -24.92 8.65
N ASP B 18 12.37 -23.61 8.43
CA ASP B 18 11.10 -22.89 8.24
C ASP B 18 11.22 -21.74 7.23
N ASP B 19 12.21 -21.75 6.36
CA ASP B 19 12.21 -20.91 5.18
C ASP B 19 12.02 -21.81 3.96
N VAL B 20 11.01 -21.50 3.16
CA VAL B 20 10.70 -22.35 2.02
C VAL B 20 11.84 -22.41 1.02
N LEU B 21 12.58 -21.32 0.85
CA LEU B 21 13.70 -21.35 -0.08
C LEU B 21 14.86 -22.17 0.48
N LEU B 22 15.17 -21.99 1.76
CA LEU B 22 16.21 -22.81 2.37
C LEU B 22 15.83 -24.30 2.31
N LEU B 23 14.59 -24.62 2.63
CA LEU B 23 14.13 -26.01 2.50
C LEU B 23 14.30 -26.51 1.07
N LEU B 24 13.79 -25.75 0.10
CA LEU B 24 13.88 -26.17 -1.29
C LEU B 24 15.33 -26.38 -1.69
N GLY B 25 16.18 -25.40 -1.40
CA GLY B 25 17.58 -25.49 -1.76
C GLY B 25 18.25 -26.75 -1.25
N MET B 26 18.09 -27.02 0.04
CA MET B 26 18.78 -28.17 0.64
C MET B 26 18.21 -29.49 0.18
N TYR B 27 16.89 -29.59 0.00
CA TYR B 27 16.35 -30.86 -0.46
C TYR B 27 16.82 -31.20 -1.87
N LEU B 28 17.01 -30.20 -2.72
CA LEU B 28 17.49 -30.45 -4.06
C LEU B 28 18.86 -31.11 -4.07
N GLU B 29 19.71 -30.77 -3.11
CA GLU B 29 21.06 -31.32 -3.11
C GLU B 29 21.04 -32.84 -3.02
N PHE B 30 20.03 -33.41 -2.37
CA PHE B 30 19.94 -34.85 -2.24
C PHE B 30 19.67 -35.56 -3.56
N GLN B 31 19.43 -34.86 -4.66
CA GLN B 31 19.16 -35.54 -5.92
C GLN B 31 20.35 -36.31 -6.44
N TYR B 32 21.57 -35.87 -6.13
CA TYR B 32 22.75 -36.60 -6.59
C TYR B 32 23.02 -37.80 -5.70
N SER B 33 23.77 -38.74 -6.23
CA SER B 33 24.04 -39.97 -5.50
C SER B 33 24.78 -39.70 -4.20
N PHE B 34 24.14 -39.95 -3.07
CA PHE B 34 24.82 -39.82 -1.78
C PHE B 34 26.07 -40.68 -1.76
N GLU B 35 26.00 -41.82 -2.45
CA GLU B 35 27.15 -42.70 -2.67
C GLU B 35 28.41 -41.96 -3.04
N MET B 36 28.29 -40.88 -3.80
CA MET B 36 29.43 -40.12 -4.25
C MET B 36 29.56 -38.78 -3.57
N CYS B 37 28.58 -38.40 -2.77
CA CYS B 37 28.40 -37.01 -2.39
C CYS B 37 29.61 -36.44 -1.66
N LEU B 38 30.31 -35.53 -2.34
CA LEU B 38 31.50 -34.90 -1.78
C LEU B 38 31.24 -34.25 -0.43
N LYS B 39 30.08 -33.61 -0.27
CA LYS B 39 29.76 -32.98 1.02
C LYS B 39 29.67 -34.01 2.13
N CYS B 40 29.04 -35.14 1.86
CA CYS B 40 29.05 -36.23 2.82
C CYS B 40 30.47 -36.67 3.14
N ILE B 41 31.31 -36.83 2.11
CA ILE B 41 32.69 -37.26 2.34
C ILE B 41 33.45 -36.24 3.17
N LYS B 42 33.26 -34.95 2.89
CA LYS B 42 33.83 -33.92 3.78
C LYS B 42 33.17 -33.89 5.16
N LYS B 43 32.01 -34.52 5.32
CA LYS B 43 31.22 -34.43 6.56
C LYS B 43 31.01 -32.98 6.98
N GLU B 44 30.69 -32.13 6.01
CA GLU B 44 30.80 -30.70 6.23
C GLU B 44 29.60 -30.10 6.96
N GLN B 45 28.38 -30.47 6.57
CA GLN B 45 27.16 -29.96 7.22
C GLN B 45 26.27 -31.10 7.73
N PRO B 46 25.98 -31.17 9.03
CA PRO B 46 25.25 -32.34 9.55
C PRO B 46 23.85 -32.45 9.00
N SER B 47 23.17 -31.32 8.86
CA SER B 47 21.84 -31.28 8.26
C SER B 47 21.82 -31.79 6.84
N HIS B 48 22.98 -31.96 6.21
CA HIS B 48 23.07 -32.66 4.94
C HIS B 48 23.43 -34.12 5.15
N TYR B 49 24.63 -34.39 5.66
CA TYR B 49 25.18 -35.73 5.53
C TYR B 49 24.44 -36.74 6.40
N LYS B 50 23.78 -36.30 7.46
CA LYS B 50 22.91 -37.21 8.22
C LYS B 50 21.77 -37.73 7.37
N TYR B 51 21.28 -36.92 6.43
CA TYR B 51 20.01 -37.16 5.78
C TYR B 51 20.12 -37.61 4.33
N HIS B 52 21.21 -37.28 3.65
CA HIS B 52 21.29 -37.48 2.21
C HIS B 52 20.92 -38.90 1.81
N GLU B 53 21.53 -39.90 2.46
CA GLU B 53 21.27 -41.29 2.07
C GLU B 53 19.80 -41.66 2.22
N LYS B 54 19.16 -41.21 3.29
CA LYS B 54 17.75 -41.51 3.48
C LYS B 54 16.87 -40.88 2.41
N HIS B 55 17.09 -39.61 2.11
CA HIS B 55 16.19 -38.85 1.26
C HIS B 55 16.49 -38.96 -0.23
N TYR B 56 17.64 -39.53 -0.59
CA TYR B 56 18.09 -39.58 -1.98
C TYR B 56 17.02 -40.07 -2.95
N ALA B 57 16.41 -41.21 -2.65
CA ALA B 57 15.43 -41.80 -3.57
C ALA B 57 14.27 -40.87 -3.83
N ASN B 58 13.74 -40.23 -2.79
CA ASN B 58 12.65 -39.29 -2.97
C ASN B 58 13.10 -38.01 -3.65
N ALA B 59 14.32 -37.56 -3.37
CA ALA B 59 14.84 -36.34 -3.99
C ALA B 59 14.96 -36.48 -5.51
N ALA B 60 15.31 -37.67 -5.99
CA ALA B 60 15.37 -37.88 -7.43
C ALA B 60 14.01 -37.65 -8.10
N ILE B 61 12.92 -38.07 -7.46
CA ILE B 61 11.59 -37.84 -8.03
C ILE B 61 11.15 -36.40 -7.81
N PHE B 62 11.48 -35.82 -6.66
CA PHE B 62 11.21 -34.40 -6.45
C PHE B 62 11.88 -33.53 -7.51
N ALA B 63 13.07 -33.92 -7.93
CA ALA B 63 13.79 -33.09 -8.91
C ALA B 63 13.04 -32.94 -10.22
N ASP B 64 12.17 -33.89 -10.57
CA ASP B 64 11.35 -33.76 -11.77
C ASP B 64 10.05 -33.01 -11.58
N SER B 65 9.60 -32.82 -10.34
CA SER B 65 8.23 -32.39 -10.12
C SER B 65 7.98 -30.97 -10.61
N LYS B 66 6.73 -30.73 -10.99
CA LYS B 66 6.25 -29.43 -11.42
C LYS B 66 5.64 -28.62 -10.28
N ASN B 67 5.53 -29.18 -9.08
CA ASN B 67 4.82 -28.57 -7.97
C ASN B 67 5.75 -27.99 -6.91
N GLN B 68 7.05 -27.97 -7.18
CA GLN B 68 8.05 -28.03 -6.11
C GLN B 68 7.78 -27.04 -4.98
N LYS B 69 7.54 -25.78 -5.32
CA LYS B 69 7.29 -24.78 -4.27
C LYS B 69 6.06 -25.11 -3.43
N THR B 70 5.05 -25.75 -4.02
CA THR B 70 3.87 -26.13 -3.26
C THR B 70 4.16 -27.22 -2.25
N ILE B 71 4.94 -28.23 -2.65
CA ILE B 71 5.35 -29.26 -1.70
C ILE B 71 6.12 -28.65 -0.54
N CYS B 72 7.03 -27.73 -0.84
CA CYS B 72 7.82 -27.10 0.19
C CYS B 72 6.97 -26.23 1.09
N GLN B 73 5.99 -25.55 0.53
CA GLN B 73 5.14 -24.69 1.33
C GLN B 73 4.40 -25.48 2.40
N GLN B 74 3.79 -26.60 2.00
CA GLN B 74 3.11 -27.45 2.96
C GLN B 74 4.05 -27.91 4.07
N ALA B 75 5.28 -28.31 3.72
CA ALA B 75 6.24 -28.72 4.73
C ALA B 75 6.56 -27.59 5.71
N VAL B 76 6.82 -26.39 5.18
CA VAL B 76 7.11 -25.25 6.05
C VAL B 76 5.93 -24.94 6.96
N ASP B 77 4.71 -25.02 6.42
CA ASP B 77 3.53 -24.82 7.25
C ASP B 77 3.48 -25.82 8.41
N THR B 78 3.85 -27.06 8.15
CA THR B 78 3.83 -28.07 9.21
C THR B 78 4.81 -27.71 10.32
N VAL B 79 5.99 -27.20 9.97
CA VAL B 79 6.94 -26.78 10.98
C VAL B 79 6.42 -25.57 11.74
N LEU B 80 5.87 -24.59 11.02
CA LEU B 80 5.31 -23.41 11.67
C LEU B 80 4.15 -23.78 12.59
N ALA B 81 3.32 -24.73 12.16
CA ALA B 81 2.23 -25.17 13.02
C ALA B 81 2.73 -25.77 14.32
N LYS B 82 3.79 -26.58 14.24
CA LYS B 82 4.35 -27.17 15.44
C LYS B 82 4.82 -26.10 16.43
N LYS B 83 5.41 -25.02 15.92
CA LYS B 83 5.79 -23.90 16.78
C LYS B 83 4.59 -23.26 17.45
N ARG B 84 3.51 -23.07 16.70
CA ARG B 84 2.29 -22.48 17.25
C ARG B 84 1.74 -23.36 18.36
N VAL B 85 1.65 -24.66 18.13
CA VAL B 85 1.14 -25.59 19.15
C VAL B 85 2.02 -25.54 20.39
N ASP B 86 3.34 -25.63 20.20
CA ASP B 86 4.24 -25.61 21.35
C ASP B 86 4.10 -24.32 22.13
N SER B 87 4.08 -23.21 21.42
CA SER B 87 3.97 -21.90 22.05
C SER B 87 2.74 -21.82 22.94
N LEU B 88 1.63 -22.42 22.51
CA LEU B 88 0.41 -22.41 23.29
C LEU B 88 0.31 -23.47 24.37
N GLN B 89 1.21 -24.44 24.46
CA GLN B 89 1.00 -25.55 25.39
C GLN B 89 2.16 -25.88 26.32
N LEU B 90 3.39 -25.53 25.99
CA LEU B 90 4.50 -25.83 26.89
C LEU B 90 4.56 -24.83 28.03
N THR B 91 5.04 -25.28 29.19
CA THR B 91 5.47 -24.32 30.18
C THR B 91 6.75 -23.65 29.71
N ARG B 92 6.95 -22.42 30.16
CA ARG B 92 8.17 -21.71 29.80
C ARG B 92 9.41 -22.49 30.21
N GLU B 93 9.32 -23.23 31.31
CA GLU B 93 10.43 -24.07 31.71
C GLU B 93 10.73 -25.18 30.70
N GLN B 94 9.69 -25.81 30.16
CA GLN B 94 9.92 -26.81 29.11
C GLN B 94 10.52 -26.19 27.87
N MET B 95 10.03 -25.01 27.48
CA MET B 95 10.60 -24.33 26.32
C MET B 95 12.10 -24.15 26.49
N LEU B 96 12.50 -23.64 27.65
CA LEU B 96 13.91 -23.43 27.91
C LEU B 96 14.66 -24.75 27.94
N THR B 97 14.07 -25.78 28.54
CA THR B 97 14.68 -27.10 28.55
C THR B 97 14.92 -27.62 27.13
N ASN B 98 13.99 -27.37 26.21
CA ASN B 98 14.20 -27.76 24.82
C ASN B 98 15.34 -26.98 24.21
N ARG B 99 15.34 -25.66 24.39
CA ARG B 99 16.40 -24.81 23.88
C ARG B 99 17.78 -25.27 24.34
N PHE B 100 17.90 -25.66 25.61
CA PHE B 100 19.17 -26.15 26.10
C PHE B 100 19.61 -27.42 25.40
N ASN B 101 18.67 -28.33 25.11
CA ASN B 101 19.01 -29.53 24.36
C ASN B 101 19.57 -29.19 22.97
N ASP B 102 19.01 -28.19 22.31
CA ASP B 102 19.54 -27.81 20.99
C ASP B 102 20.96 -27.28 21.09
N LEU B 103 21.24 -26.44 22.08
CA LEU B 103 22.59 -25.94 22.26
C LEU B 103 23.54 -27.08 22.61
N LEU B 104 23.13 -27.98 23.49
CA LEU B 104 23.98 -29.10 23.84
C LEU B 104 24.30 -29.97 22.62
N ASP B 105 23.31 -30.17 21.73
CA ASP B 105 23.59 -30.84 20.47
C ASP B 105 24.64 -30.11 19.63
N ARG B 106 24.56 -28.79 19.54
CA ARG B 106 25.60 -28.05 18.82
C ARG B 106 26.95 -28.23 19.48
N MET B 107 26.99 -28.21 20.81
CA MET B 107 28.25 -28.39 21.52
C MET B 107 28.82 -29.78 21.26
N ASP B 108 27.98 -30.81 21.23
CA ASP B 108 28.48 -32.13 20.88
C ASP B 108 29.13 -32.15 19.50
N ILE B 109 28.58 -31.41 18.54
CA ILE B 109 29.22 -31.32 17.24
C ILE B 109 30.51 -30.50 17.33
N MET B 110 30.41 -29.30 17.90
CA MET B 110 31.54 -28.39 17.91
C MET B 110 32.79 -29.01 18.51
N PHE B 111 32.65 -29.66 19.67
CA PHE B 111 33.77 -30.29 20.35
C PHE B 111 33.85 -31.78 20.07
N GLY B 112 33.11 -32.27 19.08
CA GLY B 112 33.09 -33.68 18.76
C GLY B 112 34.35 -34.15 18.06
N SER B 113 34.22 -35.24 17.30
CA SER B 113 35.34 -35.71 16.47
C SER B 113 35.72 -34.67 15.43
N THR B 114 34.73 -34.09 14.76
CA THR B 114 35.03 -32.97 13.86
C THR B 114 35.64 -31.81 14.63
N GLY B 115 35.21 -31.59 15.86
CA GLY B 115 36.04 -30.93 16.86
C GLY B 115 36.55 -29.57 16.46
N SER B 116 35.81 -28.86 15.61
CA SER B 116 36.33 -27.62 15.04
C SER B 116 36.62 -26.59 16.13
N ALA B 117 35.85 -26.61 17.21
CA ALA B 117 36.07 -25.73 18.34
C ALA B 117 37.13 -26.28 19.28
N ASP B 118 38.02 -25.39 19.75
CA ASP B 118 38.93 -25.73 20.83
C ASP B 118 38.30 -25.36 22.17
N ILE B 119 37.97 -26.38 22.97
CA ILE B 119 37.37 -26.19 24.29
C ILE B 119 38.23 -25.34 25.22
N GLU B 120 39.54 -25.32 25.02
CA GLU B 120 40.38 -24.41 25.79
C GLU B 120 40.08 -22.95 25.47
N GLU B 121 40.02 -22.60 24.20
CA GLU B 121 39.67 -21.23 23.84
C GLU B 121 38.29 -20.87 24.34
N TRP B 122 37.33 -21.78 24.23
CA TRP B 122 35.99 -21.50 24.73
C TRP B 122 35.97 -21.31 26.24
N MET B 123 36.72 -22.13 26.97
CA MET B 123 36.78 -21.95 28.43
C MET B 123 37.51 -20.66 28.81
N ALA B 124 38.51 -20.25 28.05
CA ALA B 124 39.09 -18.93 28.29
C ALA B 124 38.01 -17.85 28.21
N GLY B 125 37.07 -17.98 27.28
CA GLY B 125 35.97 -17.05 27.22
C GLY B 125 35.14 -17.01 28.49
N VAL B 126 34.89 -18.18 29.09
CA VAL B 126 34.13 -18.23 30.32
C VAL B 126 34.82 -17.44 31.42
N ALA B 127 36.14 -17.57 31.53
CA ALA B 127 36.87 -16.79 32.52
C ALA B 127 36.70 -15.30 32.28
N TRP B 128 36.75 -14.86 31.03
CA TRP B 128 36.64 -13.44 30.72
C TRP B 128 35.27 -12.89 31.12
N LEU B 129 34.20 -13.62 30.80
CA LEU B 129 32.87 -13.20 31.21
C LEU B 129 32.65 -13.28 32.70
N HIS B 130 33.10 -14.35 33.33
CA HIS B 130 32.95 -14.42 34.78
C HIS B 130 33.68 -13.28 35.47
N CYS B 131 34.70 -12.72 34.83
CA CYS B 131 35.37 -11.55 35.36
C CYS B 131 34.60 -10.26 35.11
N LEU B 132 33.73 -10.21 34.11
CA LEU B 132 33.13 -8.95 33.70
C LEU B 132 32.28 -8.32 34.79
N LEU B 133 31.63 -9.10 35.63
CA LEU B 133 30.86 -8.56 36.74
C LEU B 133 31.00 -9.45 37.96
N PRO B 134 30.81 -8.90 39.15
CA PRO B 134 30.76 -9.73 40.37
C PRO B 134 29.71 -10.81 40.27
N LYS B 135 30.05 -12.00 40.77
CA LYS B 135 29.09 -13.09 40.94
C LYS B 135 28.35 -13.41 39.65
N MET B 136 29.04 -13.27 38.53
CA MET B 136 28.39 -13.34 37.21
C MET B 136 27.44 -14.53 37.08
N ASP B 137 27.89 -15.73 37.46
CA ASP B 137 27.05 -16.91 37.29
C ASP B 137 25.79 -16.84 38.12
N SER B 138 25.84 -16.22 39.29
CA SER B 138 24.63 -16.02 40.07
C SER B 138 23.66 -15.09 39.36
N VAL B 139 24.18 -14.02 38.76
CA VAL B 139 23.34 -13.09 38.00
C VAL B 139 22.65 -13.79 36.83
N VAL B 140 23.35 -14.70 36.14
CA VAL B 140 22.70 -15.39 35.04
C VAL B 140 21.55 -16.24 35.54
N TYR B 141 21.76 -16.96 36.63
CA TYR B 141 20.68 -17.78 37.18
C TYR B 141 19.47 -16.94 37.58
N ASP B 142 19.70 -15.79 38.21
CA ASP B 142 18.60 -14.88 38.51
C ASP B 142 17.84 -14.46 37.26
N PHE B 143 18.57 -14.09 36.21
CA PHE B 143 17.90 -13.65 34.99
C PHE B 143 17.06 -14.76 34.38
N LEU B 144 17.61 -15.97 34.31
CA LEU B 144 16.84 -17.08 33.77
C LEU B 144 15.56 -17.30 34.53
N LYS B 145 15.64 -17.34 35.87
CA LYS B 145 14.43 -17.51 36.67
C LYS B 145 13.41 -16.44 36.34
N CYS B 146 13.87 -15.20 36.27
CA CYS B 146 12.97 -14.10 36.00
C CYS B 146 12.26 -14.28 34.66
N MET B 147 13.00 -14.68 33.62
CA MET B 147 12.38 -14.92 32.33
C MET B 147 11.44 -16.11 32.33
N VAL B 148 11.74 -17.15 33.11
CA VAL B 148 10.86 -18.30 33.17
C VAL B 148 9.58 -17.96 33.93
N TYR B 149 9.73 -17.36 35.11
CA TYR B 149 8.55 -17.01 35.91
C TYR B 149 7.70 -15.95 35.24
N ASN B 150 8.31 -14.99 34.55
CA ASN B 150 7.56 -14.01 33.76
C ASN B 150 6.50 -13.31 34.61
N ILE B 151 6.93 -12.82 35.76
CA ILE B 151 6.03 -12.11 36.71
C ILE B 151 5.59 -10.79 36.10
N PRO B 152 4.29 -10.50 36.02
CA PRO B 152 3.84 -9.29 35.30
C PRO B 152 4.29 -8.00 35.97
N LYS B 153 4.65 -7.01 35.14
CA LYS B 153 5.30 -5.76 35.56
C LYS B 153 6.52 -5.99 36.44
N LYS B 154 7.14 -7.18 36.37
CA LYS B 154 8.46 -7.44 36.91
C LYS B 154 9.27 -8.22 35.87
N ARG B 155 9.41 -7.64 34.68
CA ARG B 155 9.71 -8.40 33.50
C ARG B 155 10.93 -7.90 32.73
N TYR B 156 11.53 -6.78 33.11
CA TYR B 156 12.59 -6.18 32.31
C TYR B 156 13.77 -5.75 33.15
N TRP B 157 14.96 -5.99 32.61
CA TRP B 157 16.23 -5.61 33.20
C TRP B 157 16.88 -4.53 32.35
N LEU B 158 17.40 -3.50 33.01
CA LEU B 158 18.02 -2.36 32.34
C LEU B 158 19.53 -2.41 32.51
N PHE B 159 20.26 -2.33 31.40
CA PHE B 159 21.71 -2.25 31.41
C PHE B 159 22.13 -0.82 31.09
N LYS B 160 22.85 -0.18 32.01
CA LYS B 160 23.34 1.18 31.83
C LYS B 160 24.85 1.24 31.98
N GLY B 161 25.49 2.07 31.16
CA GLY B 161 26.92 2.26 31.20
C GLY B 161 27.42 3.01 29.99
N PRO B 162 28.64 3.54 30.05
CA PRO B 162 29.19 4.25 28.90
C PRO B 162 29.48 3.32 27.72
N ILE B 163 29.99 3.89 26.63
CA ILE B 163 30.35 3.10 25.47
C ILE B 163 31.44 2.10 25.84
N ASP B 164 31.41 0.94 25.19
CA ASP B 164 32.40 -0.11 25.42
C ASP B 164 32.42 -0.54 26.88
N SER B 165 31.29 -0.43 27.55
CA SER B 165 31.15 -0.97 28.89
C SER B 165 30.94 -2.47 28.86
N GLY B 166 30.51 -3.01 27.72
CA GLY B 166 30.28 -4.43 27.55
C GLY B 166 28.83 -4.83 27.62
N LYS B 167 27.93 -3.87 27.84
CA LYS B 167 26.53 -4.21 28.02
C LYS B 167 25.95 -4.91 26.78
N THR B 168 26.31 -4.47 25.58
CA THR B 168 25.85 -5.17 24.37
C THR B 168 26.41 -6.59 24.32
N THR B 169 27.67 -6.76 24.71
CA THR B 169 28.28 -8.08 24.67
C THR B 169 27.55 -9.05 25.57
N LEU B 170 27.21 -8.62 26.78
CA LEU B 170 26.44 -9.47 27.67
C LEU B 170 25.06 -9.76 27.09
N ALA B 171 24.38 -8.71 26.60
CA ALA B 171 23.05 -8.89 26.05
C ALA B 171 23.06 -9.85 24.86
N ALA B 172 24.11 -9.79 24.03
CA ALA B 172 24.18 -10.66 22.87
C ALA B 172 24.25 -12.12 23.28
N ALA B 173 25.07 -12.44 24.28
CA ALA B 173 25.20 -13.82 24.72
C ALA B 173 23.90 -14.33 25.34
N LEU B 174 23.28 -13.52 26.19
CA LEU B 174 21.98 -13.90 26.76
C LEU B 174 20.93 -14.10 25.69
N LEU B 175 20.94 -13.25 24.67
CA LEU B 175 19.95 -13.39 23.62
C LEU B 175 20.10 -14.70 22.87
N GLU B 176 21.34 -15.09 22.55
CA GLU B 176 21.54 -16.40 21.93
C GLU B 176 21.06 -17.50 22.85
N LEU B 177 21.35 -17.39 24.14
CA LEU B 177 21.03 -18.47 25.06
C LEU B 177 19.53 -18.76 25.06
N CYS B 178 18.70 -17.73 25.21
CA CYS B 178 17.26 -17.91 25.25
C CYS B 178 16.58 -17.88 23.89
N GLY B 179 17.23 -17.34 22.86
CA GLY B 179 16.62 -17.31 21.54
C GLY B 179 15.50 -16.30 21.41
N GLY B 180 15.77 -15.06 21.77
CA GLY B 180 14.83 -13.97 21.57
C GLY B 180 14.99 -13.28 20.23
N LYS B 181 14.67 -12.00 20.21
CA LYS B 181 14.99 -11.11 19.10
C LYS B 181 15.46 -9.77 19.64
N ALA B 182 16.30 -9.11 18.87
CA ALA B 182 16.59 -7.70 19.10
C ALA B 182 15.63 -6.84 18.31
N LEU B 183 15.32 -5.66 18.85
CA LEU B 183 14.42 -4.73 18.18
C LEU B 183 14.94 -3.31 18.35
N ASN B 184 14.64 -2.47 17.36
CA ASN B 184 14.99 -1.06 17.40
C ASN B 184 13.75 -0.22 17.66
N VAL B 185 13.88 0.81 18.50
CA VAL B 185 12.77 1.70 18.82
C VAL B 185 13.14 3.16 18.68
N ASN B 186 14.37 3.48 18.31
CA ASN B 186 14.80 4.85 18.09
C ASN B 186 14.34 5.29 16.70
N LEU B 187 13.01 5.35 16.54
CA LEU B 187 12.42 5.21 15.21
C LEU B 187 11.15 6.05 15.11
N PRO B 188 10.66 6.28 13.88
CA PRO B 188 9.38 6.96 13.71
C PRO B 188 8.23 6.08 14.18
N LEU B 189 7.24 6.72 14.80
CA LEU B 189 6.27 6.00 15.60
C LEU B 189 5.31 5.17 14.78
N ASP B 190 5.32 5.31 13.45
CA ASP B 190 4.43 4.52 12.61
C ASP B 190 4.95 3.10 12.37
N ARG B 191 6.10 2.98 11.72
CA ARG B 191 6.60 1.67 11.29
C ARG B 191 6.98 0.76 12.45
N LEU B 192 6.93 1.26 13.68
CA LEU B 192 6.87 0.40 14.86
C LEU B 192 5.86 -0.73 14.71
N ASN B 193 4.79 -0.51 13.96
CA ASN B 193 3.78 -1.55 13.77
C ASN B 193 4.38 -2.86 13.29
N PHE B 194 5.14 -2.84 12.18
CA PHE B 194 5.71 -4.06 11.63
C PHE B 194 7.01 -4.44 12.31
N GLU B 195 7.73 -3.45 12.85
CA GLU B 195 8.88 -3.76 13.66
C GLU B 195 8.51 -4.65 14.84
N LEU B 196 7.56 -4.22 15.66
CA LEU B 196 7.18 -5.00 16.82
C LEU B 196 6.51 -6.31 16.43
N GLY B 197 5.94 -6.39 15.24
CA GLY B 197 5.42 -7.64 14.72
C GLY B 197 6.39 -8.80 14.71
N VAL B 198 7.68 -8.53 14.74
CA VAL B 198 8.66 -9.61 14.79
C VAL B 198 8.61 -10.36 16.11
N ALA B 199 8.16 -9.72 17.18
CA ALA B 199 8.17 -10.36 18.50
C ALA B 199 7.13 -11.48 18.63
N ILE B 200 6.32 -11.73 17.62
CA ILE B 200 5.33 -12.81 17.69
C ILE B 200 5.99 -14.13 18.03
N ASP B 201 5.44 -14.84 19.02
CA ASP B 201 5.93 -16.11 19.55
C ASP B 201 7.37 -16.15 20.04
N GLN B 202 8.04 -15.00 20.20
CA GLN B 202 9.41 -15.03 20.70
C GLN B 202 9.45 -15.19 22.21
N PHE B 203 10.53 -15.80 22.70
CA PHE B 203 10.69 -16.02 24.12
C PHE B 203 11.16 -14.77 24.86
N LEU B 204 11.90 -13.90 24.19
CA LEU B 204 12.66 -12.84 24.85
C LEU B 204 12.89 -11.73 23.84
N VAL B 205 13.05 -10.49 24.33
CA VAL B 205 13.43 -9.40 23.43
C VAL B 205 14.47 -8.48 24.06
N VAL B 206 15.20 -7.80 23.19
CA VAL B 206 16.19 -6.80 23.57
C VAL B 206 15.96 -5.53 22.76
N PHE B 207 16.00 -4.38 23.44
CA PHE B 207 15.99 -3.08 22.80
C PHE B 207 17.33 -2.42 23.07
N GLU B 208 17.87 -1.72 22.07
CA GLU B 208 19.29 -1.39 22.07
C GLU B 208 19.58 0.09 22.22
N ASP B 209 20.48 0.39 23.16
CA ASP B 209 21.04 1.71 23.42
C ASP B 209 20.03 2.84 23.25
N VAL B 210 18.88 2.67 23.89
CA VAL B 210 17.67 3.36 23.42
C VAL B 210 17.85 4.87 23.64
N LYS B 211 17.77 5.62 22.56
CA LYS B 211 18.12 7.05 22.57
C LYS B 211 17.16 7.87 23.42
N GLY B 212 17.69 8.52 24.45
CA GLY B 212 16.96 9.49 25.25
C GLY B 212 16.97 10.89 24.65
N THR B 213 16.79 11.88 25.53
CA THR B 213 16.69 13.27 25.12
C THR B 213 17.38 14.17 26.13
N GLY B 214 17.74 15.38 25.66
CA GLY B 214 18.64 16.24 26.40
C GLY B 214 20.05 15.72 26.49
N GLY B 215 20.38 14.69 25.71
CA GLY B 215 21.59 13.92 25.92
C GLY B 215 22.86 14.63 25.50
N GLU B 216 22.75 15.63 24.62
CA GLU B 216 23.93 16.32 24.12
C GLU B 216 24.72 16.99 25.23
N SER B 217 24.06 17.33 26.34
CA SER B 217 24.78 17.77 27.54
C SER B 217 25.83 16.75 27.97
N ARG B 218 25.62 15.49 27.63
CA ARG B 218 26.55 14.40 27.87
C ARG B 218 27.11 13.88 26.56
N ASP B 219 26.96 14.67 25.49
CA ASP B 219 27.22 14.29 24.11
C ASP B 219 26.54 12.97 23.72
N LEU B 220 25.28 12.81 24.12
CA LEU B 220 24.44 11.73 23.64
C LEU B 220 23.40 12.31 22.68
N PRO B 221 23.61 12.26 21.36
CA PRO B 221 22.60 12.78 20.43
C PRO B 221 21.20 12.21 20.65
N SER B 222 20.25 13.09 20.94
CA SER B 222 18.92 12.72 21.40
C SER B 222 18.12 12.03 20.29
N GLY B 223 17.04 11.35 20.70
CA GLY B 223 16.19 10.70 19.73
C GLY B 223 14.92 10.15 20.33
N GLN B 224 14.19 9.38 19.51
CA GLN B 224 12.84 8.90 19.80
C GLN B 224 12.79 7.74 20.79
N GLY B 225 13.91 7.20 21.22
CA GLY B 225 13.89 6.00 22.04
C GLY B 225 13.04 6.11 23.29
N ILE B 226 13.49 6.88 24.27
CA ILE B 226 12.76 6.99 25.53
C ILE B 226 11.35 7.51 25.29
N ASN B 227 11.22 8.43 24.34
CA ASN B 227 9.90 8.92 23.94
C ASN B 227 8.95 7.79 23.58
N ASN B 228 9.38 6.94 22.66
CA ASN B 228 8.53 5.84 22.21
C ASN B 228 8.25 4.84 23.32
N LEU B 229 9.28 4.46 24.09
CA LEU B 229 9.10 3.36 25.04
C LEU B 229 8.12 3.71 26.15
N ASP B 230 8.15 4.93 26.66
CA ASP B 230 7.17 5.25 27.68
C ASP B 230 5.74 5.38 27.13
N ASN B 231 5.52 5.14 25.85
CA ASN B 231 4.18 4.80 25.38
C ASN B 231 3.83 3.37 25.75
N LEU B 232 4.71 2.43 25.46
CA LEU B 232 4.37 1.02 25.35
C LEU B 232 4.35 0.33 26.71
N ARG B 233 3.98 1.07 27.74
CA ARG B 233 4.11 0.60 29.13
C ARG B 233 3.48 -0.77 29.30
N ASP B 234 2.28 -0.95 28.74
CA ASP B 234 1.61 -2.25 28.73
C ASP B 234 2.44 -3.34 28.09
N TYR B 235 3.10 -3.07 26.98
CA TYR B 235 3.98 -4.08 26.40
C TYR B 235 5.06 -4.50 27.39
N LEU B 236 5.58 -3.56 28.16
CA LEU B 236 6.53 -3.94 29.19
C LEU B 236 5.83 -4.71 30.29
N ASP B 237 4.74 -4.16 30.81
CA ASP B 237 4.03 -4.76 31.94
C ASP B 237 3.63 -6.20 31.65
N GLY B 238 3.29 -6.50 30.41
CA GLY B 238 2.86 -7.84 30.06
C GLY B 238 1.64 -8.27 30.83
N SER B 239 0.85 -7.31 31.32
CA SER B 239 -0.33 -7.62 32.11
C SER B 239 -1.50 -8.05 31.25
N VAL B 240 -1.54 -7.64 29.98
CA VAL B 240 -2.63 -7.98 29.08
C VAL B 240 -2.07 -8.27 27.69
N LYS B 241 -2.85 -8.99 26.91
CA LYS B 241 -2.44 -9.30 25.55
C LYS B 241 -2.48 -8.04 24.68
N VAL B 242 -1.68 -8.06 23.63
CA VAL B 242 -1.64 -6.98 22.65
C VAL B 242 -1.63 -7.59 21.26
N ASN B 243 -1.91 -6.75 20.27
CA ASN B 243 -2.11 -7.20 18.91
C ASN B 243 -0.90 -6.85 18.05
N LEU B 244 -0.39 -7.82 17.33
CA LEU B 244 0.86 -7.69 16.59
C LEU B 244 0.60 -7.97 15.11
N GLU B 245 1.33 -7.26 14.24
CA GLU B 245 0.99 -7.17 12.82
C GLU B 245 2.13 -7.64 11.93
N LYS B 246 1.78 -8.30 10.82
CA LYS B 246 2.73 -8.60 9.75
C LYS B 246 2.12 -8.25 8.39
N LYS B 247 2.99 -8.04 7.40
CA LYS B 247 2.52 -7.69 6.06
C LYS B 247 1.67 -8.80 5.47
N HIS B 248 0.59 -8.41 4.78
CA HIS B 248 -0.36 -9.37 4.20
C HIS B 248 -0.88 -10.38 5.23
N LEU B 249 -0.86 -10.01 6.51
CA LEU B 249 -1.39 -10.88 7.56
C LEU B 249 -2.21 -10.07 8.55
N ASN B 250 -3.33 -10.64 8.98
CA ASN B 250 -4.14 -10.06 10.03
C ASN B 250 -3.45 -10.22 11.39
N LYS B 251 -3.85 -9.38 12.33
CA LYS B 251 -3.15 -9.29 13.61
C LYS B 251 -3.24 -10.60 14.40
N ARG B 252 -2.17 -10.85 15.16
CA ARG B 252 -2.08 -11.93 16.14
C ARG B 252 -2.08 -11.32 17.54
N THR B 253 -2.83 -11.93 18.47
CA THR B 253 -2.99 -11.39 19.82
C THR B 253 -2.26 -12.25 20.85
N GLN B 254 -1.37 -11.64 21.63
CA GLN B 254 -0.64 -12.39 22.65
C GLN B 254 0.04 -11.44 23.62
N ILE B 255 0.53 -11.99 24.73
CA ILE B 255 1.32 -11.22 25.69
C ILE B 255 2.70 -10.97 25.11
N PHE B 256 3.25 -9.80 25.40
CA PHE B 256 4.53 -9.42 24.82
C PHE B 256 5.69 -9.90 25.69
N PRO B 257 6.68 -10.58 25.12
CA PRO B 257 7.70 -11.30 25.93
C PRO B 257 8.56 -10.39 26.80
N PRO B 258 9.18 -10.96 27.83
CA PRO B 258 10.06 -10.20 28.73
C PRO B 258 11.42 -9.97 28.07
N GLY B 259 12.29 -9.20 28.71
CA GLY B 259 13.51 -8.85 28.01
C GLY B 259 14.45 -7.89 28.73
N ILE B 260 15.32 -7.28 27.92
CA ILE B 260 16.42 -6.43 28.37
C ILE B 260 16.42 -5.16 27.52
N VAL B 261 16.78 -4.04 28.14
CA VAL B 261 17.08 -2.81 27.40
C VAL B 261 18.46 -2.32 27.79
N THR B 262 19.18 -1.76 26.82
CA THR B 262 20.53 -1.27 27.03
C THR B 262 20.59 0.23 26.79
N MET B 263 21.47 0.91 27.53
CA MET B 263 21.41 2.35 27.66
C MET B 263 22.77 2.95 27.94
N ASN B 264 23.26 3.78 27.03
CA ASN B 264 24.15 4.82 27.51
C ASN B 264 23.32 5.79 28.35
N GLU B 265 24.00 6.53 29.20
CA GLU B 265 23.37 7.00 30.44
C GLU B 265 22.41 8.19 30.31
N TYR B 266 21.50 8.13 29.34
CA TYR B 266 20.42 9.11 29.18
C TYR B 266 19.52 9.23 30.43
N SER B 267 18.65 10.24 30.37
CA SER B 267 17.53 10.49 31.28
C SER B 267 16.44 9.43 31.16
N VAL B 268 15.66 9.27 32.23
CA VAL B 268 14.59 8.26 32.29
C VAL B 268 13.33 8.75 33.01
N PRO B 269 12.21 8.90 32.32
CA PRO B 269 10.93 9.12 33.01
C PRO B 269 10.63 8.02 34.01
N LYS B 270 10.22 8.40 35.23
CA LYS B 270 10.05 7.38 36.26
C LYS B 270 8.80 6.54 36.05
N THR B 271 7.86 7.02 35.24
CA THR B 271 6.87 6.15 34.62
C THR B 271 7.50 4.93 33.96
N LEU B 272 8.71 5.10 33.42
CA LEU B 272 9.47 3.98 32.87
C LEU B 272 10.31 3.28 33.93
N GLN B 273 10.95 4.03 34.82
CA GLN B 273 11.72 3.42 35.90
C GLN B 273 10.90 2.43 36.73
N ALA B 274 9.61 2.71 36.90
CA ALA B 274 8.75 1.79 37.65
C ALA B 274 8.73 0.38 37.08
N ARG B 275 8.97 0.22 35.78
CA ARG B 275 8.69 -1.05 35.12
C ARG B 275 9.91 -1.96 35.00
N PHE B 276 11.11 -1.44 35.14
CA PHE B 276 12.29 -2.28 35.26
C PHE B 276 12.42 -2.82 36.67
N VAL B 277 12.41 -4.15 36.81
CA VAL B 277 12.58 -4.76 38.12
C VAL B 277 14.00 -4.62 38.61
N LYS B 278 14.96 -4.46 37.70
CA LYS B 278 16.36 -4.39 38.10
C LYS B 278 17.14 -3.59 37.06
N GLN B 279 18.22 -2.96 37.51
CA GLN B 279 19.17 -2.31 36.63
C GLN B 279 20.58 -2.72 37.02
N ILE B 280 21.42 -2.95 36.02
CA ILE B 280 22.84 -3.22 36.22
C ILE B 280 23.66 -2.13 35.54
N ASP B 281 24.66 -1.64 36.26
CA ASP B 281 25.57 -0.60 35.81
C ASP B 281 26.93 -1.18 35.45
N PHE B 282 27.45 -0.82 34.28
CA PHE B 282 28.64 -1.42 33.70
C PHE B 282 29.73 -0.37 33.60
N ARG B 283 30.99 -0.79 33.76
CA ARG B 283 32.12 0.14 33.64
C ARG B 283 33.27 -0.41 32.79
N PRO B 284 33.81 0.40 31.87
CA PRO B 284 35.09 0.06 31.23
C PRO B 284 36.20 -0.21 32.25
N LYS B 285 37.02 -1.21 31.96
CA LYS B 285 38.10 -1.65 32.83
C LYS B 285 39.28 -2.05 31.95
N ASP B 286 40.32 -1.20 31.92
CA ASP B 286 41.35 -1.28 30.90
C ASP B 286 42.04 -2.64 30.83
N TYR B 287 42.21 -3.32 31.95
CA TYR B 287 42.93 -4.59 31.92
C TYR B 287 42.18 -5.63 31.10
N LEU B 288 40.86 -5.58 31.06
CA LEU B 288 40.14 -6.42 30.10
C LEU B 288 40.53 -6.07 28.69
N LYS B 289 40.66 -4.77 28.42
CA LYS B 289 41.07 -4.32 27.09
C LYS B 289 42.45 -4.87 26.71
N HIS B 290 43.42 -4.75 27.62
CA HIS B 290 44.73 -5.34 27.39
C HIS B 290 44.63 -6.85 27.15
N CYS B 291 43.78 -7.52 27.90
CA CYS B 291 43.62 -8.96 27.69
C CYS B 291 43.12 -9.24 26.29
N LEU B 292 42.08 -8.54 25.86
CA LEU B 292 41.55 -8.72 24.51
C LEU B 292 42.59 -8.41 23.45
N GLU B 293 43.33 -7.31 23.61
CA GLU B 293 44.38 -6.96 22.67
C GLU B 293 45.35 -8.11 22.48
N ARG B 294 45.61 -8.86 23.53
CA ARG B 294 46.55 -9.97 23.51
C ARG B 294 45.87 -11.31 23.20
N SER B 295 44.55 -11.31 23.02
CA SER B 295 43.74 -12.53 22.99
C SER B 295 42.67 -12.40 21.91
N GLU B 296 43.10 -12.06 20.70
CA GLU B 296 42.18 -11.65 19.64
C GLU B 296 41.27 -12.77 19.15
N PHE B 297 41.68 -14.03 19.32
CA PHE B 297 40.83 -15.16 18.93
C PHE B 297 39.48 -15.14 19.62
N LEU B 298 39.40 -14.54 20.80
CA LEU B 298 38.12 -14.34 21.47
C LEU B 298 37.12 -13.61 20.57
N LEU B 299 37.54 -12.49 20.01
CA LEU B 299 36.67 -11.72 19.14
C LEU B 299 36.52 -12.35 17.77
N GLU B 300 37.60 -12.84 17.19
CA GLU B 300 37.50 -13.36 15.83
C GLU B 300 36.52 -14.51 15.75
N LYS B 301 36.50 -15.36 16.76
CA LYS B 301 35.54 -16.45 16.82
C LYS B 301 34.26 -16.05 17.55
N ARG B 302 34.13 -14.77 17.91
CA ARG B 302 32.97 -14.23 18.64
C ARG B 302 32.66 -14.97 19.93
N ILE B 303 33.67 -15.59 20.53
CA ILE B 303 33.46 -16.46 21.69
C ILE B 303 32.79 -15.70 22.84
N ILE B 304 33.32 -14.52 23.20
CA ILE B 304 32.81 -13.83 24.38
C ILE B 304 31.39 -13.34 24.27
N GLN B 305 30.76 -13.45 23.11
CA GLN B 305 29.37 -13.03 22.96
C GLN B 305 28.45 -14.17 22.55
N SER B 306 28.87 -15.41 22.69
CA SER B 306 28.03 -16.55 22.39
C SER B 306 27.34 -17.11 23.62
N GLY B 307 26.06 -17.45 23.47
CA GLY B 307 25.34 -18.20 24.48
C GLY B 307 25.95 -19.54 24.80
N ILE B 308 26.71 -20.10 23.86
CA ILE B 308 27.45 -21.33 24.15
C ILE B 308 28.40 -21.10 25.31
N ALA B 309 29.07 -19.95 25.33
CA ALA B 309 29.96 -19.62 26.43
C ALA B 309 29.21 -19.49 27.75
N LEU B 310 28.03 -18.87 27.74
CA LEU B 310 27.25 -18.79 28.97
C LEU B 310 26.82 -20.16 29.46
N LEU B 311 26.47 -21.05 28.54
CA LEU B 311 26.06 -22.38 28.97
C LEU B 311 27.22 -23.09 29.66
N LEU B 312 28.41 -22.97 29.10
CA LEU B 312 29.60 -23.52 29.71
C LEU B 312 29.86 -22.92 31.09
N MET B 313 29.68 -21.61 31.23
CA MET B 313 29.80 -21.00 32.55
C MET B 313 28.85 -21.64 33.55
N LEU B 314 27.58 -21.78 33.18
CA LEU B 314 26.62 -22.37 34.10
C LEU B 314 26.99 -23.80 34.45
N ILE B 315 27.41 -24.59 33.46
CA ILE B 315 27.81 -25.96 33.76
C ILE B 315 28.97 -25.98 34.75
N TRP B 316 29.91 -25.06 34.61
CA TRP B 316 31.03 -25.03 35.54
C TRP B 316 30.59 -24.64 36.94
N TYR B 317 29.77 -23.61 37.06
CA TYR B 317 29.52 -23.00 38.37
C TYR B 317 28.32 -23.55 39.14
N ARG B 318 27.29 -24.08 38.47
CA ARG B 318 26.03 -24.33 39.18
C ARG B 318 25.86 -25.79 39.59
N PRO B 319 25.11 -26.06 40.67
CA PRO B 319 24.73 -27.43 41.01
C PRO B 319 23.91 -28.10 39.91
N VAL B 320 24.09 -29.42 39.76
CA VAL B 320 23.28 -30.17 38.81
C VAL B 320 21.80 -30.05 39.11
N ALA B 321 21.44 -29.95 40.37
CA ALA B 321 20.04 -29.88 40.76
C ALA B 321 19.33 -28.62 40.26
N GLU B 322 20.06 -27.55 39.98
CA GLU B 322 19.42 -26.35 39.46
C GLU B 322 18.86 -26.53 38.06
N PHE B 323 19.37 -27.49 37.30
CA PHE B 323 18.91 -27.72 35.95
C PHE B 323 17.63 -28.54 35.93
N ALA B 324 16.82 -28.31 34.89
CA ALA B 324 15.59 -29.05 34.73
C ALA B 324 15.85 -30.56 34.67
N GLN B 325 14.92 -31.31 35.26
CA GLN B 325 15.19 -32.67 35.68
C GLN B 325 15.69 -33.57 34.55
N SER B 326 15.08 -33.48 33.37
CA SER B 326 15.46 -34.38 32.28
C SER B 326 16.89 -34.17 31.79
N ILE B 327 17.31 -32.92 31.59
CA ILE B 327 18.66 -32.69 31.07
C ILE B 327 19.75 -32.90 32.10
N GLN B 328 19.42 -33.03 33.38
CA GLN B 328 20.43 -33.30 34.40
C GLN B 328 21.35 -34.46 34.00
N SER B 329 20.83 -35.45 33.27
CA SER B 329 21.68 -36.48 32.71
C SER B 329 22.78 -35.91 31.81
N ARG B 330 22.40 -35.17 30.77
CA ARG B 330 23.42 -34.59 29.88
C ARG B 330 24.34 -33.63 30.62
N ILE B 331 23.79 -32.88 31.57
CA ILE B 331 24.60 -31.96 32.37
C ILE B 331 25.73 -32.69 33.06
N VAL B 332 25.42 -33.83 33.68
CA VAL B 332 26.45 -34.59 34.38
C VAL B 332 27.57 -35.03 33.45
N GLU B 333 27.24 -35.50 32.25
CA GLU B 333 28.30 -35.85 31.30
C GLU B 333 29.19 -34.67 30.96
N TRP B 334 28.61 -33.50 30.73
CA TRP B 334 29.44 -32.33 30.44
C TRP B 334 30.25 -31.87 31.64
N LYS B 335 29.70 -31.92 32.85
CA LYS B 335 30.52 -31.64 34.03
C LYS B 335 31.73 -32.58 34.08
N GLU B 336 31.51 -33.87 33.86
CA GLU B 336 32.63 -34.81 33.88
C GLU B 336 33.64 -34.48 32.81
N ARG B 337 33.19 -34.27 31.58
CA ARG B 337 34.11 -33.96 30.50
C ARG B 337 34.93 -32.71 30.82
N LEU B 338 34.30 -31.67 31.37
CA LEU B 338 35.02 -30.46 31.73
C LEU B 338 36.05 -30.74 32.83
N ASP B 339 35.65 -31.42 33.89
CA ASP B 339 36.58 -31.69 34.97
C ASP B 339 37.76 -32.51 34.48
N LYS B 340 37.49 -33.44 33.57
CA LYS B 340 38.56 -34.21 32.94
C LYS B 340 39.47 -33.30 32.12
N GLU B 341 38.88 -32.46 31.30
CA GLU B 341 39.64 -31.66 30.35
C GLU B 341 40.38 -30.48 30.98
N PHE B 342 39.92 -29.95 32.11
CA PHE B 342 40.60 -28.86 32.79
C PHE B 342 40.80 -29.19 34.26
N SER B 343 42.03 -29.05 34.73
CA SER B 343 42.21 -28.86 36.16
C SER B 343 41.62 -27.52 36.59
N LEU B 344 41.28 -27.42 37.86
CA LEU B 344 40.98 -26.12 38.46
C LEU B 344 42.18 -25.18 38.35
N SER B 345 43.39 -25.72 38.49
CA SER B 345 44.58 -24.87 38.43
C SER B 345 44.74 -24.22 37.06
N VAL B 346 44.37 -24.92 35.99
CA VAL B 346 44.39 -24.29 34.66
C VAL B 346 43.38 -23.16 34.62
N TYR B 347 42.16 -23.42 35.09
CA TYR B 347 41.17 -22.35 35.14
C TYR B 347 41.62 -21.20 36.03
N GLN B 348 42.30 -21.50 37.13
CA GLN B 348 42.85 -20.45 37.98
C GLN B 348 43.97 -19.69 37.29
N LYS B 349 44.84 -20.41 36.59
CA LYS B 349 45.85 -19.76 35.76
C LYS B 349 45.20 -18.81 34.76
N MET B 350 44.11 -19.23 34.12
CA MET B 350 43.40 -18.33 33.23
C MET B 350 42.86 -17.11 33.98
N LYS B 351 42.10 -17.32 35.05
CA LYS B 351 41.49 -16.17 35.72
C LYS B 351 42.56 -15.21 36.21
N PHE B 352 43.66 -15.75 36.72
CA PHE B 352 44.79 -14.90 37.07
C PHE B 352 45.25 -14.06 35.88
N ASN B 353 45.55 -14.71 34.76
CA ASN B 353 45.97 -13.99 33.57
C ASN B 353 44.96 -12.93 33.16
N VAL B 354 43.68 -13.26 33.17
CA VAL B 354 42.66 -12.27 32.83
C VAL B 354 42.75 -11.07 33.75
N ALA B 355 42.92 -11.30 35.05
CA ALA B 355 43.05 -10.20 35.99
C ALA B 355 44.29 -9.36 35.69
N MET B 356 45.38 -10.00 35.30
CA MET B 356 46.60 -9.27 34.96
C MET B 356 46.45 -8.46 33.68
N GLY B 357 45.46 -8.76 32.85
CA GLY B 357 45.35 -8.15 31.54
C GLY B 357 46.39 -8.63 30.54
N ILE B 358 47.22 -9.59 30.93
CA ILE B 358 48.05 -10.30 29.96
C ILE B 358 47.18 -11.16 29.06
N GLY B 359 47.75 -11.62 27.95
CA GLY B 359 47.04 -12.58 27.12
C GLY B 359 46.67 -13.82 27.91
N VAL B 360 45.44 -14.30 27.71
CA VAL B 360 44.88 -15.29 28.63
C VAL B 360 45.76 -16.52 28.74
N LEU B 361 46.45 -16.87 27.66
CA LEU B 361 47.15 -18.13 27.57
C LEU B 361 48.65 -17.93 27.75
N ASP B 362 49.28 -18.88 28.42
CA ASP B 362 50.72 -18.83 28.69
C ASP B 362 51.29 -20.24 28.70
N LYS C 1 4.82 -35.37 -26.97
CA LYS C 1 6.01 -35.20 -26.15
C LYS C 1 5.87 -33.93 -25.31
N GLN C 2 6.72 -33.76 -24.29
CA GLN C 2 6.51 -32.69 -23.34
C GLN C 2 7.80 -31.96 -22.97
N VAL C 3 7.63 -30.73 -22.50
CA VAL C 3 8.73 -29.87 -22.09
C VAL C 3 9.48 -30.53 -20.95
N SER C 4 10.82 -30.54 -21.02
CA SER C 4 11.63 -30.88 -19.86
C SER C 4 11.87 -29.63 -19.02
N TRP C 5 11.15 -29.52 -17.91
CA TRP C 5 11.42 -28.46 -16.94
C TRP C 5 12.84 -28.55 -16.38
N LYS C 6 13.36 -29.77 -16.29
CA LYS C 6 14.70 -29.99 -15.76
C LYS C 6 15.77 -29.29 -16.60
N LEU C 7 15.67 -29.42 -17.92
CA LEU C 7 16.62 -28.73 -18.79
C LEU C 7 16.56 -27.22 -18.64
N VAL C 8 15.37 -26.66 -18.45
CA VAL C 8 15.31 -25.21 -18.23
C VAL C 8 15.98 -24.87 -16.91
N THR C 9 15.76 -25.68 -15.89
CA THR C 9 16.39 -25.40 -14.60
C THR C 9 17.90 -25.46 -14.72
N GLU C 10 18.42 -26.43 -15.47
CA GLU C 10 19.86 -26.48 -15.74
C GLU C 10 20.34 -25.20 -16.38
N TYR C 11 19.67 -24.74 -17.44
CA TYR C 11 20.12 -23.51 -18.10
C TYR C 11 20.14 -22.34 -17.14
N ALA C 12 19.11 -22.22 -16.30
CA ALA C 12 19.10 -21.12 -15.35
C ALA C 12 20.26 -21.25 -14.37
N MET C 13 20.53 -22.46 -13.91
CA MET C 13 21.62 -22.69 -12.98
C MET C 13 22.95 -22.35 -13.62
N GLU C 14 23.19 -22.88 -14.82
CA GLU C 14 24.45 -22.65 -15.51
C GLU C 14 24.67 -21.19 -15.87
N THR C 15 23.62 -20.46 -16.24
CA THR C 15 23.79 -19.03 -16.46
C THR C 15 23.66 -18.21 -15.18
N LYS C 16 23.34 -18.84 -14.06
CA LYS C 16 23.15 -18.12 -12.79
C LYS C 16 22.16 -16.97 -12.95
N CYS C 17 21.08 -17.23 -13.68
CA CYS C 17 20.13 -16.21 -14.04
C CYS C 17 19.01 -16.16 -13.01
N ASP C 18 18.64 -14.97 -12.59
CA ASP C 18 17.58 -14.83 -11.59
C ASP C 18 16.60 -13.72 -11.93
N ASP C 19 16.47 -13.35 -13.19
CA ASP C 19 15.34 -12.58 -13.67
C ASP C 19 14.50 -13.48 -14.56
N VAL C 20 13.22 -13.60 -14.22
CA VAL C 20 12.30 -14.44 -14.98
C VAL C 20 12.20 -13.98 -16.44
N LEU C 21 12.20 -12.67 -16.67
CA LEU C 21 12.07 -12.16 -18.03
C LEU C 21 13.32 -12.44 -18.84
N LEU C 22 14.48 -12.10 -18.28
CA LEU C 22 15.73 -12.41 -18.96
C LEU C 22 15.84 -13.90 -19.27
N LEU C 23 15.55 -14.74 -18.28
CA LEU C 23 15.56 -16.19 -18.54
C LEU C 23 14.61 -16.54 -19.67
N LEU C 24 13.39 -16.03 -19.63
CA LEU C 24 12.42 -16.34 -20.66
C LEU C 24 12.94 -15.93 -22.03
N GLY C 25 13.30 -14.66 -22.16
CA GLY C 25 13.73 -14.13 -23.44
C GLY C 25 14.92 -14.88 -23.99
N MET C 26 15.88 -15.16 -23.12
CA MET C 26 17.05 -15.96 -23.49
C MET C 26 16.64 -17.33 -24.01
N TYR C 27 15.84 -18.06 -23.25
CA TYR C 27 15.51 -19.42 -23.65
C TYR C 27 14.76 -19.43 -24.97
N LEU C 28 13.87 -18.47 -25.19
CA LEU C 28 13.13 -18.42 -26.44
C LEU C 28 14.04 -18.25 -27.65
N GLU C 29 15.20 -17.61 -27.50
CA GLU C 29 16.08 -17.47 -28.65
C GLU C 29 16.51 -18.81 -29.22
N PHE C 30 16.56 -19.86 -28.42
CA PHE C 30 17.04 -21.15 -28.90
C PHE C 30 16.07 -21.85 -29.84
N GLN C 31 14.84 -21.37 -29.97
CA GLN C 31 13.84 -22.09 -30.74
C GLN C 31 14.15 -22.16 -32.22
N TYR C 32 14.93 -21.23 -32.76
CA TYR C 32 15.32 -21.29 -34.17
C TYR C 32 16.42 -22.32 -34.39
N SER C 33 16.49 -22.84 -35.61
CA SER C 33 17.41 -23.92 -35.92
C SER C 33 18.84 -23.53 -35.61
N PHE C 34 19.45 -24.29 -34.71
CA PHE C 34 20.78 -23.93 -34.22
C PHE C 34 21.77 -23.71 -35.36
N GLU C 35 21.73 -24.58 -36.36
CA GLU C 35 22.72 -24.58 -37.42
C GLU C 35 22.82 -23.26 -38.17
N MET C 36 21.80 -22.43 -38.14
CA MET C 36 21.83 -21.14 -38.81
C MET C 36 22.03 -19.97 -37.86
N CYS C 37 22.10 -20.23 -36.57
CA CYS C 37 21.97 -19.16 -35.59
C CYS C 37 23.08 -18.13 -35.70
N LEU C 38 22.76 -16.96 -36.23
CA LEU C 38 23.77 -15.95 -36.49
C LEU C 38 24.46 -15.49 -35.22
N LYS C 39 23.73 -15.46 -34.10
CA LYS C 39 24.35 -15.14 -32.82
C LYS C 39 25.42 -16.17 -32.46
N CYS C 40 25.14 -17.45 -32.66
CA CYS C 40 26.18 -18.46 -32.52
C CYS C 40 27.32 -18.19 -33.48
N ILE C 41 27.00 -18.03 -34.76
CA ILE C 41 28.03 -17.98 -35.78
C ILE C 41 28.94 -16.77 -35.60
N LYS C 42 28.38 -15.64 -35.19
CA LYS C 42 29.17 -14.46 -34.86
C LYS C 42 29.75 -14.50 -33.45
N LYS C 43 29.50 -15.56 -32.68
CA LYS C 43 30.11 -15.77 -31.36
C LYS C 43 29.96 -14.54 -30.46
N GLU C 44 28.75 -14.00 -30.43
CA GLU C 44 28.54 -12.70 -29.82
C GLU C 44 28.34 -12.79 -28.31
N GLN C 45 27.62 -13.81 -27.85
CA GLN C 45 27.28 -13.94 -26.44
C GLN C 45 27.43 -15.36 -25.93
N PRO C 46 28.33 -15.62 -24.98
CA PRO C 46 28.55 -17.00 -24.54
C PRO C 46 27.31 -17.61 -23.92
N SER C 47 26.54 -16.80 -23.21
CA SER C 47 25.27 -17.26 -22.65
C SER C 47 24.32 -17.74 -23.72
N HIS C 48 24.55 -17.36 -24.97
CA HIS C 48 23.81 -17.95 -26.08
C HIS C 48 24.60 -19.11 -26.69
N TYR C 49 25.78 -18.81 -27.24
CA TYR C 49 26.36 -19.72 -28.21
C TYR C 49 26.89 -20.99 -27.57
N LYS C 50 27.19 -20.99 -26.28
CA LYS C 50 27.52 -22.24 -25.61
C LYS C 50 26.35 -23.19 -25.56
N TYR C 51 25.13 -22.66 -25.49
CA TYR C 51 23.99 -23.41 -25.01
C TYR C 51 22.96 -23.72 -26.07
N HIS C 52 22.89 -22.91 -27.12
CA HIS C 52 21.83 -23.06 -28.11
C HIS C 52 21.73 -24.49 -28.60
N GLU C 53 22.86 -25.05 -29.04
CA GLU C 53 22.82 -26.38 -29.64
C GLU C 53 22.32 -27.45 -28.66
N LYS C 54 22.72 -27.34 -27.40
CA LYS C 54 22.23 -28.29 -26.40
C LYS C 54 20.73 -28.16 -26.20
N HIS C 55 20.25 -26.95 -25.98
CA HIS C 55 18.88 -26.72 -25.54
C HIS C 55 17.86 -26.71 -26.67
N TYR C 56 18.34 -26.69 -27.92
CA TYR C 56 17.49 -26.45 -29.09
C TYR C 56 16.18 -27.25 -29.07
N ALA C 57 16.28 -28.58 -28.99
CA ALA C 57 15.08 -29.40 -29.13
C ALA C 57 14.02 -29.07 -28.09
N ASN C 58 14.44 -28.90 -26.84
CA ASN C 58 13.52 -28.51 -25.79
C ASN C 58 13.00 -27.09 -25.95
N ALA C 59 13.80 -26.19 -26.52
CA ALA C 59 13.31 -24.85 -26.80
C ALA C 59 12.16 -24.86 -27.79
N ALA C 60 12.22 -25.71 -28.81
CA ALA C 60 11.12 -25.77 -29.77
C ALA C 60 9.81 -26.20 -29.10
N ILE C 61 9.86 -27.22 -28.24
CA ILE C 61 8.66 -27.65 -27.53
C ILE C 61 8.22 -26.59 -26.51
N PHE C 62 9.18 -25.96 -25.84
CA PHE C 62 8.84 -24.85 -24.94
C PHE C 62 8.12 -23.73 -25.67
N ALA C 63 8.53 -23.43 -26.91
CA ALA C 63 7.86 -22.38 -27.65
C ALA C 63 6.37 -22.65 -27.84
N ASP C 64 5.96 -23.91 -27.89
CA ASP C 64 4.54 -24.23 -28.01
C ASP C 64 3.80 -24.25 -26.69
N SER C 65 4.51 -24.26 -25.57
CA SER C 65 3.84 -24.47 -24.29
C SER C 65 2.88 -23.34 -23.97
N LYS C 66 1.75 -23.71 -23.40
CA LYS C 66 0.77 -22.78 -22.87
C LYS C 66 1.11 -22.29 -21.48
N ASN C 67 2.27 -22.62 -20.95
CA ASN C 67 2.51 -22.56 -19.52
C ASN C 67 3.80 -21.82 -19.21
N GLN C 68 4.28 -21.02 -20.14
CA GLN C 68 5.69 -20.67 -20.21
C GLN C 68 6.19 -19.97 -18.95
N LYS C 69 5.43 -19.00 -18.44
CA LYS C 69 5.92 -18.24 -17.29
C LYS C 69 5.98 -19.08 -16.01
N THR C 70 5.12 -20.08 -15.88
CA THR C 70 5.18 -20.97 -14.73
C THR C 70 6.49 -21.76 -14.74
N ILE C 71 6.89 -22.24 -15.90
CA ILE C 71 8.12 -23.00 -16.02
C ILE C 71 9.32 -22.14 -15.62
N CYS C 72 9.36 -20.92 -16.14
CA CYS C 72 10.45 -20.00 -15.78
C CYS C 72 10.43 -19.63 -14.31
N GLN C 73 9.25 -19.48 -13.73
CA GLN C 73 9.21 -19.12 -12.32
C GLN C 73 9.86 -20.19 -11.45
N GLN C 74 9.57 -21.46 -11.72
CA GLN C 74 10.21 -22.54 -10.98
C GLN C 74 11.72 -22.53 -11.14
N ALA C 75 12.21 -22.36 -12.36
CA ALA C 75 13.65 -22.33 -12.59
C ALA C 75 14.32 -21.20 -11.82
N VAL C 76 13.75 -20.00 -11.86
CA VAL C 76 14.34 -18.88 -11.13
C VAL C 76 14.37 -19.14 -9.63
N ASP C 77 13.37 -19.83 -9.10
CA ASP C 77 13.38 -20.14 -7.67
C ASP C 77 14.59 -20.96 -7.26
N THR C 78 14.99 -21.95 -8.07
CA THR C 78 16.10 -22.80 -7.67
C THR C 78 17.41 -22.02 -7.65
N VAL C 79 17.58 -21.07 -8.57
CA VAL C 79 18.75 -20.20 -8.53
C VAL C 79 18.75 -19.34 -7.28
N LEU C 80 17.62 -18.74 -6.95
CA LEU C 80 17.51 -18.00 -5.70
C LEU C 80 17.69 -18.89 -4.48
N ALA C 81 17.14 -20.10 -4.52
CA ALA C 81 17.30 -21.01 -3.38
C ALA C 81 18.76 -21.35 -3.14
N LYS C 82 19.52 -21.55 -4.21
CA LYS C 82 20.94 -21.86 -4.05
C LYS C 82 21.69 -20.72 -3.39
N LYS C 83 21.39 -19.48 -3.78
CA LYS C 83 22.00 -18.34 -3.11
C LYS C 83 21.73 -18.34 -1.62
N ARG C 84 20.50 -18.59 -1.21
CA ARG C 84 20.24 -18.57 0.23
C ARG C 84 20.93 -19.73 0.96
N VAL C 85 20.95 -20.92 0.35
CA VAL C 85 21.71 -22.02 0.96
C VAL C 85 23.15 -21.61 1.20
N ASP C 86 23.77 -21.02 0.18
CA ASP C 86 25.16 -20.59 0.31
C ASP C 86 25.33 -19.52 1.39
N SER C 87 24.42 -18.55 1.42
CA SER C 87 24.51 -17.49 2.43
C SER C 87 24.58 -18.03 3.85
N LEU C 88 23.91 -19.14 4.12
CA LEU C 88 23.90 -19.70 5.46
C LEU C 88 24.99 -20.74 5.72
N GLN C 89 25.74 -21.17 4.72
CA GLN C 89 26.64 -22.29 4.92
C GLN C 89 28.09 -22.07 4.49
N LEU C 90 28.38 -21.13 3.61
CA LEU C 90 29.77 -20.86 3.23
C LEU C 90 30.49 -20.09 4.31
N THR C 91 31.79 -20.30 4.42
CA THR C 91 32.61 -19.35 5.15
C THR C 91 32.78 -18.08 4.32
N ARG C 92 33.04 -16.98 5.02
CA ARG C 92 33.30 -15.73 4.34
C ARG C 92 34.51 -15.83 3.42
N GLU C 93 35.50 -16.64 3.79
CA GLU C 93 36.62 -16.88 2.90
C GLU C 93 36.19 -17.62 1.63
N GLN C 94 35.34 -18.64 1.75
CA GLN C 94 34.88 -19.37 0.58
C GLN C 94 34.11 -18.46 -0.35
N MET C 95 33.24 -17.60 0.19
CA MET C 95 32.50 -16.67 -0.64
C MET C 95 33.45 -15.86 -1.50
N LEU C 96 34.46 -15.28 -0.86
CA LEU C 96 35.40 -14.44 -1.59
C LEU C 96 36.12 -15.24 -2.65
N THR C 97 36.47 -16.48 -2.33
CA THR C 97 37.10 -17.37 -3.30
C THR C 97 36.21 -17.60 -4.51
N ASN C 98 34.92 -17.86 -4.27
CA ASN C 98 33.99 -18.03 -5.39
C ASN C 98 33.90 -16.76 -6.21
N ARG C 99 33.75 -15.61 -5.54
CA ARG C 99 33.70 -14.33 -6.25
C ARG C 99 34.92 -14.14 -7.12
N PHE C 100 36.11 -14.46 -6.59
CA PHE C 100 37.33 -14.35 -7.38
C PHE C 100 37.31 -15.29 -8.59
N ASN C 101 36.84 -16.52 -8.42
CA ASN C 101 36.75 -17.42 -9.56
C ASN C 101 35.94 -16.81 -10.69
N ASP C 102 34.84 -16.13 -10.36
CA ASP C 102 34.01 -15.51 -11.38
C ASP C 102 34.72 -14.40 -12.12
N LEU C 103 35.40 -13.52 -11.39
CA LEU C 103 36.14 -12.45 -12.06
C LEU C 103 37.23 -13.03 -12.95
N LEU C 104 37.92 -14.04 -12.44
CA LEU C 104 38.96 -14.70 -13.22
C LEU C 104 38.40 -15.32 -14.50
N ASP C 105 37.18 -15.85 -14.45
CA ASP C 105 36.53 -16.27 -15.69
C ASP C 105 36.32 -15.11 -16.64
N ARG C 106 35.86 -13.98 -16.12
CA ARG C 106 35.66 -12.81 -16.98
C ARG C 106 36.97 -12.35 -17.58
N MET C 107 38.04 -12.40 -16.80
CA MET C 107 39.36 -12.02 -17.30
C MET C 107 39.83 -12.96 -18.41
N ASP C 108 39.55 -14.26 -18.29
CA ASP C 108 39.89 -15.17 -19.38
C ASP C 108 39.23 -14.75 -20.69
N ILE C 109 38.00 -14.26 -20.62
CA ILE C 109 37.34 -13.77 -21.83
C ILE C 109 37.94 -12.44 -22.27
N MET C 110 38.04 -11.48 -21.35
CA MET C 110 38.47 -10.13 -21.73
C MET C 110 39.82 -10.15 -22.45
N PHE C 111 40.74 -10.99 -21.99
CA PHE C 111 42.06 -11.06 -22.58
C PHE C 111 42.25 -12.32 -23.43
N GLY C 112 41.17 -13.00 -23.77
CA GLY C 112 41.22 -14.09 -24.72
C GLY C 112 41.55 -13.61 -26.12
N SER C 113 41.48 -14.55 -27.06
CA SER C 113 41.51 -14.20 -28.48
C SER C 113 40.28 -13.38 -28.85
N THR C 114 39.10 -13.84 -28.44
CA THR C 114 37.89 -13.05 -28.53
C THR C 114 38.00 -11.77 -27.71
N GLY C 115 38.85 -11.79 -26.69
CA GLY C 115 39.05 -10.66 -25.82
C GLY C 115 39.40 -9.37 -26.53
N SER C 116 38.54 -8.36 -26.34
CA SER C 116 38.80 -7.04 -26.86
C SER C 116 39.78 -6.23 -26.02
N ALA C 117 39.96 -6.58 -24.75
CA ALA C 117 40.72 -5.73 -23.85
C ALA C 117 42.20 -5.76 -24.19
N ASP C 118 42.85 -4.61 -24.08
CA ASP C 118 44.30 -4.53 -24.13
C ASP C 118 44.86 -4.67 -22.72
N ILE C 119 45.51 -5.79 -22.45
CA ILE C 119 46.17 -6.03 -21.17
C ILE C 119 47.18 -4.94 -20.81
N GLU C 120 47.79 -4.30 -21.80
CA GLU C 120 48.68 -3.18 -21.50
C GLU C 120 47.92 -1.98 -20.99
N GLU C 121 46.75 -1.69 -21.55
CA GLU C 121 45.97 -0.59 -20.99
C GLU C 121 45.53 -0.92 -19.58
N TRP C 122 45.06 -2.14 -19.36
CA TRP C 122 44.59 -2.52 -18.03
C TRP C 122 45.74 -2.49 -17.01
N MET C 123 46.93 -2.93 -17.43
CA MET C 123 48.10 -2.80 -16.56
C MET C 123 48.52 -1.36 -16.34
N ALA C 124 48.31 -0.47 -17.31
CA ALA C 124 48.55 0.94 -17.04
C ALA C 124 47.69 1.43 -15.88
N GLY C 125 46.44 0.97 -15.81
CA GLY C 125 45.58 1.37 -14.70
C GLY C 125 46.16 1.02 -13.34
N VAL C 126 46.77 -0.15 -13.23
CA VAL C 126 47.38 -0.58 -11.97
C VAL C 126 48.48 0.38 -11.54
N ALA C 127 49.25 0.90 -12.50
CA ALA C 127 50.26 1.90 -12.16
C ALA C 127 49.62 3.14 -11.53
N TRP C 128 48.55 3.64 -12.13
CA TRP C 128 47.89 4.82 -11.59
C TRP C 128 47.31 4.56 -10.20
N LEU C 129 46.71 3.39 -10.01
CA LEU C 129 46.18 3.05 -8.69
C LEU C 129 47.29 2.93 -7.65
N HIS C 130 48.37 2.23 -7.98
CA HIS C 130 49.45 2.10 -7.01
C HIS C 130 50.06 3.44 -6.62
N CYS C 131 49.84 4.49 -7.41
CA CYS C 131 50.25 5.83 -7.03
C CYS C 131 49.27 6.54 -6.10
N LEU C 132 48.01 6.14 -6.10
CA LEU C 132 46.99 6.92 -5.41
C LEU C 132 47.19 6.96 -3.90
N LEU C 133 47.77 5.92 -3.31
CA LEU C 133 48.07 5.93 -1.88
C LEU C 133 49.38 5.22 -1.61
N PRO C 134 50.07 5.57 -0.53
CA PRO C 134 51.20 4.75 -0.08
C PRO C 134 50.81 3.29 0.10
N LYS C 135 51.70 2.40 -0.35
CA LYS C 135 51.60 0.97 -0.07
C LYS C 135 50.25 0.39 -0.47
N MET C 136 49.72 0.90 -1.59
CA MET C 136 48.37 0.58 -2.05
C MET C 136 47.97 -0.89 -1.94
N ASP C 137 48.82 -1.79 -2.44
CA ASP C 137 48.46 -3.21 -2.43
C ASP C 137 48.40 -3.77 -1.02
N SER C 138 49.23 -3.28 -0.12
CA SER C 138 49.12 -3.69 1.28
C SER C 138 47.81 -3.23 1.87
N VAL C 139 47.38 -2.01 1.54
CA VAL C 139 46.08 -1.52 1.99
C VAL C 139 44.95 -2.40 1.50
N VAL C 140 44.99 -2.82 0.24
CA VAL C 140 43.93 -3.70 -0.26
C VAL C 140 43.91 -5.01 0.52
N TYR C 141 45.07 -5.60 0.76
CA TYR C 141 45.12 -6.86 1.48
C TYR C 141 44.57 -6.71 2.88
N ASP C 142 44.92 -5.63 3.57
CA ASP C 142 44.39 -5.41 4.92
C ASP C 142 42.88 -5.26 4.91
N PHE C 143 42.35 -4.54 3.94
CA PHE C 143 40.90 -4.42 3.83
C PHE C 143 40.24 -5.77 3.55
N LEU C 144 40.79 -6.57 2.65
CA LEU C 144 40.21 -7.88 2.39
C LEU C 144 40.18 -8.73 3.64
N LYS C 145 41.28 -8.77 4.40
CA LYS C 145 41.30 -9.54 5.63
C LYS C 145 40.24 -9.04 6.60
N CYS C 146 40.16 -7.72 6.75
CA CYS C 146 39.15 -7.14 7.62
C CYS C 146 37.75 -7.60 7.22
N MET C 147 37.44 -7.57 5.92
CA MET C 147 36.12 -8.01 5.47
C MET C 147 35.88 -9.50 5.66
N VAL C 148 36.90 -10.33 5.49
CA VAL C 148 36.73 -11.76 5.75
C VAL C 148 36.52 -12.02 7.23
N TYR C 149 37.34 -11.42 8.09
CA TYR C 149 37.21 -11.68 9.51
C TYR C 149 35.93 -11.11 10.09
N ASN C 150 35.50 -9.93 9.64
CA ASN C 150 34.21 -9.38 10.09
C ASN C 150 34.13 -9.29 11.61
N ILE C 151 35.18 -8.77 12.22
CA ILE C 151 35.26 -8.68 13.69
C ILE C 151 34.31 -7.60 14.20
N PRO C 152 33.40 -7.89 15.13
CA PRO C 152 32.41 -6.89 15.54
C PRO C 152 33.05 -5.65 16.15
N LYS C 153 32.42 -4.51 15.91
CA LYS C 153 32.89 -3.17 16.26
C LYS C 153 34.26 -2.84 15.69
N LYS C 154 34.77 -3.64 14.75
CA LYS C 154 36.02 -3.36 14.07
C LYS C 154 35.85 -3.68 12.58
N ARG C 155 34.87 -3.03 11.96
CA ARG C 155 34.34 -3.49 10.69
C ARG C 155 34.28 -2.42 9.60
N TYR C 156 34.56 -1.17 9.92
CA TYR C 156 34.23 -0.06 9.03
C TYR C 156 35.41 0.88 8.85
N TRP C 157 35.68 1.24 7.60
CA TRP C 157 36.76 2.14 7.24
C TRP C 157 36.18 3.47 6.74
N LEU C 158 36.82 4.56 7.13
CA LEU C 158 36.37 5.90 6.77
C LEU C 158 37.32 6.54 5.77
N PHE C 159 36.78 6.97 4.64
CA PHE C 159 37.53 7.71 3.63
C PHE C 159 37.11 9.16 3.71
N LYS C 160 38.08 10.07 3.82
CA LYS C 160 37.77 11.49 3.69
C LYS C 160 38.90 12.25 3.03
N GLY C 161 38.53 13.38 2.46
CA GLY C 161 39.44 14.22 1.71
C GLY C 161 38.66 15.24 0.94
N PRO C 162 39.35 16.16 0.27
CA PRO C 162 38.65 17.12 -0.59
C PRO C 162 37.84 16.41 -1.65
N ILE C 163 36.94 17.16 -2.28
CA ILE C 163 36.36 16.70 -3.53
C ILE C 163 37.44 16.59 -4.60
N ASP C 164 37.25 15.62 -5.50
CA ASP C 164 38.27 15.19 -6.46
C ASP C 164 39.57 14.80 -5.77
N SER C 165 39.48 13.76 -4.95
CA SER C 165 40.63 13.22 -4.25
C SER C 165 40.78 11.72 -4.47
N GLY C 166 39.80 11.07 -5.10
CA GLY C 166 39.87 9.69 -5.50
C GLY C 166 38.91 8.77 -4.79
N LYS C 167 38.12 9.28 -3.84
CA LYS C 167 37.52 8.40 -2.85
C LYS C 167 36.47 7.48 -3.45
N THR C 168 35.45 8.00 -4.14
CA THR C 168 34.49 7.07 -4.71
C THR C 168 35.09 6.23 -5.83
N THR C 169 36.10 6.72 -6.53
CA THR C 169 36.83 5.88 -7.48
C THR C 169 37.31 4.61 -6.83
N LEU C 170 37.96 4.73 -5.67
CA LEU C 170 38.50 3.57 -4.99
C LEU C 170 37.40 2.72 -4.38
N ALA C 171 36.35 3.36 -3.87
CA ALA C 171 35.24 2.59 -3.33
C ALA C 171 34.60 1.74 -4.41
N ALA C 172 34.46 2.29 -5.62
CA ALA C 172 33.82 1.54 -6.69
C ALA C 172 34.58 0.27 -7.02
N ALA C 173 35.90 0.35 -7.07
CA ALA C 173 36.71 -0.81 -7.40
C ALA C 173 36.60 -1.88 -6.32
N LEU C 174 36.70 -1.49 -5.06
CA LEU C 174 36.52 -2.45 -3.98
C LEU C 174 35.14 -3.09 -4.05
N LEU C 175 34.11 -2.29 -4.30
CA LEU C 175 32.76 -2.84 -4.36
C LEU C 175 32.59 -3.82 -5.51
N GLU C 176 33.14 -3.53 -6.68
CA GLU C 176 33.09 -4.52 -7.75
C GLU C 176 33.92 -5.73 -7.40
N LEU C 177 35.04 -5.55 -6.71
CA LEU C 177 35.87 -6.69 -6.36
C LEU C 177 35.09 -7.66 -5.48
N CYS C 178 34.54 -7.16 -4.38
CA CYS C 178 33.88 -8.02 -3.41
C CYS C 178 32.43 -8.30 -3.74
N GLY C 179 31.78 -7.43 -4.49
CA GLY C 179 30.34 -7.47 -4.60
C GLY C 179 29.66 -6.88 -3.38
N GLY C 180 28.58 -6.15 -3.61
CA GLY C 180 27.94 -5.39 -2.55
C GLY C 180 27.12 -4.27 -3.17
N LYS C 181 26.73 -3.33 -2.31
CA LYS C 181 25.85 -2.25 -2.76
C LYS C 181 26.27 -0.94 -2.14
N ALA C 182 26.06 0.14 -2.88
CA ALA C 182 26.15 1.48 -2.34
C ALA C 182 24.81 1.89 -1.75
N LEU C 183 24.86 2.80 -0.78
CA LEU C 183 23.66 3.32 -0.14
C LEU C 183 23.81 4.81 0.10
N ASN C 184 22.69 5.52 0.06
CA ASN C 184 22.65 6.96 0.34
C ASN C 184 21.84 7.22 1.61
N VAL C 185 22.48 7.80 2.63
CA VAL C 185 21.81 8.05 3.90
C VAL C 185 21.50 9.52 4.12
N ASN C 186 21.75 10.38 3.13
CA ASN C 186 21.35 11.78 3.22
C ASN C 186 19.86 11.91 2.85
N LEU C 187 19.02 11.43 3.77
CA LEU C 187 17.62 11.20 3.45
C LEU C 187 16.69 11.62 4.59
N PRO C 188 15.38 11.71 4.34
CA PRO C 188 14.42 11.74 5.43
C PRO C 188 14.37 10.41 6.15
N LEU C 189 14.12 10.47 7.45
CA LEU C 189 14.35 9.32 8.31
C LEU C 189 13.38 8.17 8.02
N ASP C 190 12.27 8.43 7.33
CA ASP C 190 11.32 7.36 7.07
C ASP C 190 11.80 6.39 6.00
N ARG C 191 12.16 6.90 4.82
CA ARG C 191 12.47 5.99 3.72
C ARG C 191 13.80 5.27 3.91
N LEU C 192 14.59 5.65 4.91
CA LEU C 192 15.69 4.80 5.37
C LEU C 192 15.26 3.35 5.53
N ASN C 193 14.02 3.11 5.95
CA ASN C 193 13.52 1.76 6.10
C ASN C 193 13.74 0.91 4.86
N PHE C 194 13.27 1.39 3.70
CA PHE C 194 13.50 0.65 2.48
C PHE C 194 14.91 0.82 1.95
N GLU C 195 15.55 1.96 2.19
CA GLU C 195 16.91 2.15 1.72
C GLU C 195 17.84 1.09 2.31
N LEU C 196 17.81 0.93 3.62
CA LEU C 196 18.65 -0.06 4.27
C LEU C 196 18.26 -1.49 3.89
N GLY C 197 17.04 -1.70 3.43
CA GLY C 197 16.62 -2.99 2.91
C GLY C 197 17.50 -3.55 1.82
N VAL C 198 18.21 -2.70 1.10
CA VAL C 198 19.07 -3.14 0.01
C VAL C 198 20.21 -4.02 0.49
N ALA C 199 20.63 -3.90 1.74
CA ALA C 199 21.77 -4.64 2.25
C ALA C 199 21.55 -6.14 2.35
N ILE C 200 20.34 -6.63 2.14
CA ILE C 200 20.05 -8.04 2.39
C ILE C 200 20.93 -8.95 1.55
N ASP C 201 21.54 -9.93 2.21
CA ASP C 201 22.50 -10.90 1.66
C ASP C 201 23.74 -10.29 1.00
N GLN C 202 23.94 -8.98 1.07
CA GLN C 202 25.13 -8.41 0.44
C GLN C 202 26.38 -8.71 1.25
N PHE C 203 27.53 -8.66 0.59
CA PHE C 203 28.81 -8.87 1.26
C PHE C 203 29.38 -7.55 1.83
N LEU C 204 29.61 -6.57 0.98
CA LEU C 204 29.95 -5.21 1.43
C LEU C 204 28.73 -4.31 1.36
N VAL C 205 28.87 -3.15 2.01
CA VAL C 205 28.13 -1.97 1.60
C VAL C 205 29.05 -0.76 1.64
N VAL C 206 28.67 0.25 0.87
CA VAL C 206 29.38 1.53 0.86
C VAL C 206 28.34 2.61 1.12
N PHE C 207 28.63 3.48 2.06
CA PHE C 207 27.83 4.67 2.29
C PHE C 207 28.49 5.82 1.55
N GLU C 208 27.73 6.43 0.67
CA GLU C 208 28.27 7.37 -0.28
C GLU C 208 28.10 8.81 0.17
N ASP C 209 29.22 9.51 0.27
CA ASP C 209 29.26 10.96 0.50
C ASP C 209 28.27 11.40 1.58
N VAL C 210 28.48 10.90 2.79
CA VAL C 210 27.61 11.25 3.91
C VAL C 210 27.81 12.73 4.24
N LYS C 211 26.72 13.48 4.31
CA LYS C 211 26.79 14.90 4.62
C LYS C 211 26.73 15.14 6.12
N GLY C 212 27.65 15.95 6.61
CA GLY C 212 27.55 16.52 7.95
C GLY C 212 26.65 17.74 7.99
N THR C 213 26.74 18.45 9.11
CA THR C 213 26.03 19.71 9.31
C THR C 213 26.98 20.71 9.95
N GLY C 214 26.91 21.96 9.50
CA GLY C 214 27.97 22.91 9.78
C GLY C 214 29.25 22.51 9.07
N GLY C 215 30.28 23.34 9.26
CA GLY C 215 31.42 23.28 8.38
C GLY C 215 31.18 23.86 7.00
N GLU C 216 30.06 24.55 6.82
CA GLU C 216 29.86 25.37 5.64
C GLU C 216 30.85 26.52 5.58
N SER C 217 31.51 26.80 6.70
CA SER C 217 32.75 27.58 6.69
C SER C 217 33.75 27.01 5.69
N ARG C 218 33.87 25.68 5.64
CA ARG C 218 34.66 25.01 4.61
C ARG C 218 33.86 24.77 3.34
N ASP C 219 32.81 25.57 3.11
CA ASP C 219 31.93 25.47 1.95
C ASP C 219 31.19 24.14 1.85
N LEU C 220 31.09 23.38 2.93
CA LEU C 220 30.42 22.09 2.88
C LEU C 220 28.90 22.25 3.00
N PRO C 221 28.12 21.91 1.96
CA PRO C 221 26.66 21.93 2.11
C PRO C 221 26.19 20.91 3.14
N SER C 222 25.31 21.34 4.03
CA SER C 222 24.87 20.53 5.16
C SER C 222 23.76 19.55 4.77
N GLY C 223 23.63 18.49 5.56
CA GLY C 223 22.59 17.50 5.34
C GLY C 223 22.51 16.49 6.47
N GLN C 224 21.53 15.60 6.36
CA GLN C 224 21.15 14.69 7.44
C GLN C 224 22.21 13.63 7.75
N GLY C 225 23.02 13.26 6.78
CA GLY C 225 23.85 12.06 6.88
C GLY C 225 24.45 11.73 8.22
N ILE C 226 25.32 12.60 8.74
CA ILE C 226 26.06 12.27 9.97
C ILE C 226 25.11 12.07 11.14
N ASN C 227 24.24 13.03 11.40
CA ASN C 227 23.36 12.93 12.55
C ASN C 227 22.42 11.73 12.42
N ASN C 228 21.92 11.51 11.22
CA ASN C 228 21.11 10.33 10.94
C ASN C 228 21.91 9.04 11.15
N LEU C 229 23.13 9.00 10.62
CA LEU C 229 23.92 7.78 10.67
C LEU C 229 24.26 7.37 12.10
N ASP C 230 24.55 8.34 12.95
CA ASP C 230 24.82 8.05 14.36
C ASP C 230 23.71 7.30 15.06
N ASN C 231 22.46 7.43 14.61
CA ASN C 231 21.40 6.59 15.14
C ASN C 231 21.58 5.11 14.82
N LEU C 232 22.23 4.76 13.71
CA LEU C 232 22.33 3.39 13.25
C LEU C 232 23.56 2.67 13.81
N ARG C 233 24.13 3.19 14.89
CA ARG C 233 25.39 2.69 15.44
C ARG C 233 25.46 1.16 15.55
N ASP C 234 24.35 0.51 15.92
CA ASP C 234 24.36 -0.95 16.01
C ASP C 234 24.48 -1.64 14.66
N TYR C 235 23.95 -1.05 13.60
CA TYR C 235 24.21 -1.61 12.27
C TYR C 235 25.68 -1.61 11.94
N LEU C 236 26.41 -0.57 12.32
CA LEU C 236 27.85 -0.60 12.17
C LEU C 236 28.47 -1.67 13.06
N ASP C 237 28.13 -1.66 14.35
CA ASP C 237 28.80 -2.55 15.30
C ASP C 237 28.68 -4.01 14.91
N GLY C 238 27.52 -4.41 14.39
CA GLY C 238 27.36 -5.77 13.91
C GLY C 238 27.48 -6.82 15.00
N SER C 239 27.30 -6.45 16.26
CA SER C 239 27.32 -7.44 17.33
C SER C 239 26.10 -8.34 17.32
N VAL C 240 25.01 -7.92 16.71
CA VAL C 240 23.73 -8.61 16.85
C VAL C 240 22.95 -8.49 15.55
N LYS C 241 22.06 -9.46 15.31
CA LYS C 241 21.24 -9.41 14.11
C LYS C 241 20.32 -8.21 14.14
N VAL C 242 19.94 -7.75 12.95
CA VAL C 242 18.96 -6.69 12.78
C VAL C 242 17.98 -7.07 11.69
N ASN C 243 16.88 -6.34 11.65
CA ASN C 243 15.72 -6.67 10.83
C ASN C 243 15.62 -5.72 9.65
N LEU C 244 15.49 -6.26 8.44
CA LEU C 244 15.63 -5.49 7.22
C LEU C 244 14.43 -5.72 6.31
N GLU C 245 14.04 -4.68 5.57
CA GLU C 245 12.72 -4.61 4.96
C GLU C 245 12.77 -4.25 3.49
N LYS C 246 11.97 -4.95 2.68
CA LYS C 246 11.76 -4.59 1.28
C LYS C 246 10.27 -4.34 1.00
N LYS C 247 10.00 -3.58 -0.06
CA LYS C 247 8.63 -3.31 -0.47
C LYS C 247 7.85 -4.61 -0.69
N HIS C 248 6.63 -4.67 -0.16
CA HIS C 248 5.77 -5.85 -0.24
C HIS C 248 6.39 -7.11 0.33
N LEU C 249 7.35 -7.01 1.26
CA LEU C 249 7.99 -8.21 1.79
C LEU C 249 8.19 -8.14 3.30
N ASN C 250 8.12 -9.32 3.91
CA ASN C 250 8.36 -9.49 5.34
C ASN C 250 9.80 -9.16 5.70
N LYS C 251 10.00 -8.76 6.97
CA LYS C 251 11.35 -8.45 7.41
C LYS C 251 12.23 -9.69 7.41
N ARG C 252 13.41 -9.57 6.83
CA ARG C 252 14.50 -10.51 7.01
C ARG C 252 15.27 -10.13 8.28
N THR C 253 15.98 -11.10 8.86
CA THR C 253 16.83 -10.82 10.02
C THR C 253 18.24 -11.38 9.80
N GLN C 254 19.24 -10.52 9.91
CA GLN C 254 20.63 -10.93 9.70
C GLN C 254 21.56 -9.87 10.27
N ILE C 255 22.86 -10.18 10.29
CA ILE C 255 23.87 -9.20 10.70
C ILE C 255 24.12 -8.23 9.56
N PHE C 256 24.22 -6.96 9.87
CA PHE C 256 24.40 -5.95 8.82
C PHE C 256 25.84 -5.96 8.29
N PRO C 257 26.04 -6.06 6.97
CA PRO C 257 27.39 -6.23 6.37
C PRO C 257 28.42 -5.20 6.80
N PRO C 258 29.70 -5.53 6.68
CA PRO C 258 30.78 -4.55 6.87
C PRO C 258 30.97 -3.71 5.60
N GLY C 259 31.76 -2.63 5.69
CA GLY C 259 31.79 -1.71 4.57
C GLY C 259 32.60 -0.45 4.80
N ILE C 260 32.31 0.55 3.97
CA ILE C 260 33.07 1.79 3.86
C ILE C 260 32.16 3.00 3.95
N VAL C 261 32.65 4.08 4.55
CA VAL C 261 31.98 5.37 4.60
C VAL C 261 32.85 6.41 3.92
N THR C 262 32.26 7.22 3.04
CA THR C 262 32.98 8.27 2.33
C THR C 262 32.37 9.63 2.68
N MET C 263 33.22 10.64 2.83
CA MET C 263 32.73 11.98 3.06
C MET C 263 33.79 13.00 2.71
N ASN C 264 33.35 14.22 2.46
CA ASN C 264 34.25 15.36 2.53
C ASN C 264 34.45 15.75 4.00
N GLU C 265 35.22 16.79 4.23
CA GLU C 265 35.88 16.94 5.52
C GLU C 265 35.02 17.60 6.60
N TYR C 266 33.83 17.06 6.84
CA TYR C 266 33.06 17.39 8.03
C TYR C 266 33.77 16.88 9.29
N SER C 267 33.33 17.38 10.45
CA SER C 267 33.70 16.79 11.74
C SER C 267 32.74 15.67 12.11
N VAL C 268 33.16 14.81 13.04
CA VAL C 268 32.40 13.59 13.34
C VAL C 268 32.12 13.40 14.83
N PRO C 269 30.88 13.11 15.23
CA PRO C 269 30.62 12.74 16.63
C PRO C 269 31.44 11.52 17.02
N LYS C 270 32.18 11.64 18.12
CA LYS C 270 33.14 10.58 18.42
C LYS C 270 32.47 9.28 18.83
N THR C 271 31.18 9.26 19.15
CA THR C 271 30.47 7.99 19.24
C THR C 271 30.56 7.23 17.93
N LEU C 272 30.55 7.96 16.82
CA LEU C 272 30.71 7.38 15.51
C LEU C 272 32.18 7.22 15.13
N GLN C 273 33.02 8.20 15.48
CA GLN C 273 34.45 8.06 15.26
C GLN C 273 35.01 6.80 15.90
N ALA C 274 34.53 6.46 17.09
CA ALA C 274 34.98 5.25 17.76
C ALA C 274 34.70 4.00 16.95
N ARG C 275 33.68 4.02 16.11
CA ARG C 275 33.29 2.83 15.36
C ARG C 275 34.08 2.61 14.08
N PHE C 276 34.81 3.61 13.59
CA PHE C 276 35.68 3.40 12.45
C PHE C 276 37.00 2.79 12.91
N VAL C 277 37.29 1.59 12.41
CA VAL C 277 38.53 0.92 12.78
C VAL C 277 39.72 1.61 12.12
N LYS C 278 39.52 2.25 10.97
CA LYS C 278 40.63 2.87 10.28
C LYS C 278 40.13 4.05 9.45
N GLN C 279 40.99 5.06 9.28
CA GLN C 279 40.65 6.25 8.53
C GLN C 279 41.76 6.58 7.54
N ILE C 280 41.37 6.86 6.31
CA ILE C 280 42.32 7.13 5.22
C ILE C 280 42.06 8.53 4.68
N ASP C 281 43.08 9.37 4.70
CA ASP C 281 43.02 10.66 4.03
C ASP C 281 43.31 10.52 2.54
N PHE C 282 42.56 11.23 1.73
CA PHE C 282 42.83 11.36 0.31
C PHE C 282 43.16 12.80 0.01
N ARG C 283 44.14 13.03 -0.87
CA ARG C 283 44.50 14.39 -1.23
C ARG C 283 44.63 14.57 -2.74
N PRO C 284 44.13 15.68 -3.29
CA PRO C 284 44.39 15.99 -4.69
C PRO C 284 45.88 16.08 -4.98
N LYS C 285 46.29 15.56 -6.13
CA LYS C 285 47.66 15.70 -6.58
C LYS C 285 47.74 16.03 -8.07
N ASP C 286 48.59 17.01 -8.39
CA ASP C 286 48.64 17.57 -9.73
C ASP C 286 49.11 16.56 -10.76
N TYR C 287 50.14 15.78 -10.42
CA TYR C 287 50.69 14.86 -11.40
C TYR C 287 49.70 13.77 -11.78
N LEU C 288 48.85 13.35 -10.84
CA LEU C 288 47.78 12.43 -11.23
C LEU C 288 46.90 13.07 -12.27
N LYS C 289 46.50 14.32 -12.02
CA LYS C 289 45.64 15.04 -12.96
C LYS C 289 46.30 15.18 -14.32
N HIS C 290 47.52 15.71 -14.35
CA HIS C 290 48.21 15.90 -15.63
C HIS C 290 48.48 14.57 -16.33
N CYS C 291 48.86 13.54 -15.58
CA CYS C 291 48.97 12.22 -16.19
C CYS C 291 47.64 11.81 -16.78
N LEU C 292 46.57 11.94 -16.00
CA LEU C 292 45.27 11.45 -16.43
C LEU C 292 44.78 12.19 -17.67
N GLU C 293 44.98 13.51 -17.72
CA GLU C 293 44.67 14.27 -18.92
C GLU C 293 45.31 13.70 -20.17
N ARG C 294 46.50 13.14 -20.03
CA ARG C 294 47.24 12.59 -21.15
C ARG C 294 47.03 11.09 -21.31
N SER C 295 46.08 10.51 -20.58
CA SER C 295 45.92 9.07 -20.50
C SER C 295 44.45 8.69 -20.49
N GLU C 296 43.62 9.46 -21.19
CA GLU C 296 42.18 9.45 -20.97
C GLU C 296 41.51 8.12 -21.35
N PHE C 297 42.17 7.25 -22.11
CA PHE C 297 41.63 5.91 -22.33
C PHE C 297 41.36 5.17 -21.01
N LEU C 298 42.10 5.51 -19.96
CA LEU C 298 41.77 5.01 -18.62
C LEU C 298 40.33 5.33 -18.24
N LEU C 299 39.93 6.59 -18.40
CA LEU C 299 38.57 6.99 -18.06
C LEU C 299 37.57 6.48 -19.09
N GLU C 300 37.92 6.60 -20.37
CA GLU C 300 36.98 6.22 -21.42
C GLU C 300 36.53 4.78 -21.26
N LYS C 301 37.43 3.89 -20.84
CA LYS C 301 37.11 2.49 -20.66
C LYS C 301 36.80 2.13 -19.20
N ARG C 302 36.69 3.13 -18.32
CA ARG C 302 36.39 2.94 -16.90
C ARG C 302 37.41 2.08 -16.16
N ILE C 303 38.64 2.02 -16.65
CA ILE C 303 39.60 1.06 -16.11
C ILE C 303 39.79 1.29 -14.61
N ILE C 304 40.10 2.52 -14.21
CA ILE C 304 40.39 2.77 -12.80
C ILE C 304 39.18 2.66 -11.87
N GLN C 305 37.97 2.48 -12.38
CA GLN C 305 36.86 2.16 -11.48
C GLN C 305 36.74 0.67 -11.15
N SER C 306 37.33 -0.22 -11.94
CA SER C 306 36.80 -1.57 -12.09
C SER C 306 37.56 -2.61 -11.28
N GLY C 307 36.81 -3.55 -10.70
CA GLY C 307 37.39 -4.54 -9.80
C GLY C 307 38.45 -5.40 -10.45
N ILE C 308 38.32 -5.62 -11.76
CA ILE C 308 39.34 -6.36 -12.50
C ILE C 308 40.71 -5.71 -12.32
N ALA C 309 40.75 -4.38 -12.30
CA ALA C 309 42.01 -3.67 -12.08
C ALA C 309 42.62 -3.97 -10.71
N LEU C 310 41.81 -4.00 -9.66
CA LEU C 310 42.36 -4.31 -8.34
C LEU C 310 42.85 -5.75 -8.27
N LEU C 311 42.13 -6.66 -8.91
CA LEU C 311 42.54 -8.06 -8.90
C LEU C 311 43.89 -8.22 -9.58
N LEU C 312 44.06 -7.56 -10.73
CA LEU C 312 45.35 -7.55 -11.41
C LEU C 312 46.46 -6.99 -10.52
N MET C 313 46.16 -5.95 -9.74
CA MET C 313 47.17 -5.42 -8.83
C MET C 313 47.60 -6.46 -7.81
N LEU C 314 46.64 -7.15 -7.21
CA LEU C 314 46.98 -8.18 -6.22
C LEU C 314 47.80 -9.29 -6.84
N ILE C 315 47.41 -9.75 -8.04
CA ILE C 315 48.15 -10.81 -8.69
C ILE C 315 49.58 -10.38 -8.92
N TRP C 316 49.80 -9.13 -9.32
CA TRP C 316 51.16 -8.65 -9.51
C TRP C 316 51.91 -8.61 -8.19
N TYR C 317 51.35 -7.95 -7.18
CA TYR C 317 52.11 -7.67 -5.95
C TYR C 317 52.16 -8.84 -4.97
N ARG C 318 51.04 -9.52 -4.71
CA ARG C 318 50.99 -10.37 -3.53
C ARG C 318 51.58 -11.77 -3.77
N PRO C 319 52.19 -12.38 -2.75
CA PRO C 319 52.60 -13.79 -2.85
C PRO C 319 51.44 -14.72 -3.13
N VAL C 320 51.73 -15.80 -3.86
CA VAL C 320 50.73 -16.83 -4.12
C VAL C 320 50.18 -17.40 -2.84
N ALA C 321 51.00 -17.50 -1.80
CA ALA C 321 50.56 -18.05 -0.53
C ALA C 321 49.38 -17.30 0.08
N GLU C 322 49.25 -16.01 -0.19
CA GLU C 322 48.18 -15.24 0.43
C GLU C 322 46.80 -15.56 -0.12
N PHE C 323 46.70 -16.18 -1.29
CA PHE C 323 45.41 -16.51 -1.87
C PHE C 323 44.85 -17.80 -1.27
N ALA C 324 43.52 -17.87 -1.20
CA ALA C 324 42.88 -19.10 -0.75
C ALA C 324 43.31 -20.29 -1.59
N GLN C 325 43.43 -21.43 -0.93
CA GLN C 325 44.28 -22.51 -1.43
C GLN C 325 43.85 -23.02 -2.82
N SER C 326 42.55 -23.13 -3.08
CA SER C 326 42.12 -23.71 -4.35
C SER C 326 42.42 -22.81 -5.55
N ILE C 327 42.30 -21.50 -5.40
CA ILE C 327 42.59 -20.61 -6.53
C ILE C 327 44.08 -20.41 -6.79
N GLN C 328 44.95 -20.86 -5.90
CA GLN C 328 46.38 -20.70 -6.12
C GLN C 328 46.84 -21.26 -7.47
N SER C 329 46.19 -22.32 -7.96
CA SER C 329 46.52 -22.85 -9.29
C SER C 329 46.25 -21.84 -10.40
N ARG C 330 45.05 -21.25 -10.44
CA ARG C 330 44.79 -20.20 -11.44
C ARG C 330 45.66 -18.97 -11.20
N ILE C 331 45.89 -18.60 -9.94
CA ILE C 331 46.74 -17.45 -9.66
C ILE C 331 48.13 -17.64 -10.25
N VAL C 332 48.71 -18.83 -10.08
CA VAL C 332 50.02 -19.11 -10.64
C VAL C 332 50.02 -18.96 -12.16
N GLU C 333 49.00 -19.51 -12.83
CA GLU C 333 48.92 -19.36 -14.29
C GLU C 333 48.83 -17.91 -14.72
N TRP C 334 48.01 -17.12 -14.04
CA TRP C 334 47.94 -15.70 -14.38
C TRP C 334 49.25 -14.97 -14.08
N LYS C 335 49.92 -15.30 -12.97
CA LYS C 335 51.22 -14.68 -12.72
C LYS C 335 52.19 -14.95 -13.86
N GLU C 336 52.25 -16.19 -14.34
CA GLU C 336 53.12 -16.52 -15.46
C GLU C 336 52.77 -15.70 -16.69
N ARG C 337 51.48 -15.64 -17.02
CA ARG C 337 51.04 -14.85 -18.15
C ARG C 337 51.45 -13.37 -18.01
N LEU C 338 51.27 -12.78 -16.83
CA LEU C 338 51.66 -11.39 -16.65
C LEU C 338 53.17 -11.20 -16.81
N ASP C 339 53.96 -12.07 -16.20
CA ASP C 339 55.39 -11.89 -16.27
C ASP C 339 55.89 -12.05 -17.69
N LYS C 340 55.31 -12.98 -18.42
CA LYS C 340 55.57 -13.14 -19.85
C LYS C 340 55.26 -11.86 -20.61
N GLU C 341 54.14 -11.21 -20.31
CA GLU C 341 53.79 -9.96 -20.98
C GLU C 341 54.69 -8.79 -20.59
N PHE C 342 54.85 -8.51 -19.30
CA PHE C 342 55.52 -7.28 -18.85
C PHE C 342 56.80 -7.58 -18.10
N SER C 343 57.91 -7.00 -18.56
CA SER C 343 59.08 -6.87 -17.72
C SER C 343 58.78 -5.93 -16.55
N LEU C 344 59.58 -6.07 -15.50
CA LEU C 344 59.52 -5.08 -14.41
C LEU C 344 59.88 -3.69 -14.91
N SER C 345 60.86 -3.60 -15.79
CA SER C 345 61.25 -2.29 -16.31
C SER C 345 60.09 -1.59 -17.01
N VAL C 346 59.30 -2.33 -17.79
CA VAL C 346 58.12 -1.74 -18.41
C VAL C 346 57.16 -1.21 -17.36
N TYR C 347 56.87 -2.01 -16.33
CA TYR C 347 56.00 -1.52 -15.27
C TYR C 347 56.61 -0.32 -14.56
N GLN C 348 57.92 -0.36 -14.30
CA GLN C 348 58.55 0.76 -13.61
C GLN C 348 58.59 2.00 -14.49
N LYS C 349 58.78 1.80 -15.79
CA LYS C 349 58.65 2.90 -16.74
C LYS C 349 57.28 3.54 -16.65
N MET C 350 56.23 2.74 -16.66
CA MET C 350 54.88 3.29 -16.49
C MET C 350 54.77 4.11 -15.20
N LYS C 351 55.20 3.54 -14.07
CA LYS C 351 55.09 4.29 -12.83
C LYS C 351 55.85 5.60 -12.91
N PHE C 352 57.05 5.57 -13.48
CA PHE C 352 57.81 6.81 -13.62
C PHE C 352 57.08 7.83 -14.50
N ASN C 353 56.43 7.39 -15.58
CA ASN C 353 55.60 8.30 -16.35
C ASN C 353 54.51 8.94 -15.50
N VAL C 354 53.82 8.14 -14.69
CA VAL C 354 52.76 8.71 -13.86
C VAL C 354 53.33 9.73 -12.90
N ALA C 355 54.45 9.40 -12.27
CA ALA C 355 55.07 10.34 -11.34
C ALA C 355 55.45 11.63 -12.05
N MET C 356 55.92 11.55 -13.28
CA MET C 356 56.26 12.72 -14.08
C MET C 356 55.06 13.43 -14.66
N GLY C 357 53.86 12.87 -14.54
CA GLY C 357 52.68 13.52 -15.06
C GLY C 357 52.58 13.56 -16.57
N ILE C 358 53.53 12.96 -17.28
CA ILE C 358 53.33 12.63 -18.68
C ILE C 358 52.26 11.56 -18.80
N GLY C 359 51.72 11.40 -20.00
CA GLY C 359 50.86 10.25 -20.25
C GLY C 359 51.53 8.96 -19.87
N VAL C 360 50.76 7.99 -19.36
CA VAL C 360 51.36 6.78 -18.81
C VAL C 360 52.25 6.11 -19.84
N LEU C 361 51.80 6.05 -21.08
CA LEU C 361 52.53 5.31 -22.11
C LEU C 361 53.64 6.16 -22.73
N ASP C 362 54.64 5.48 -23.24
CA ASP C 362 55.75 6.10 -23.96
C ASP C 362 56.36 5.09 -24.93
N LYS D 1 -11.78 -26.86 -32.65
CA LYS D 1 -10.35 -26.85 -32.94
C LYS D 1 -9.64 -25.82 -32.08
N GLN D 2 -8.33 -25.96 -31.94
CA GLN D 2 -7.56 -25.18 -30.98
C GLN D 2 -7.19 -23.78 -31.48
N VAL D 3 -7.07 -22.87 -30.52
CA VAL D 3 -6.41 -21.58 -30.75
C VAL D 3 -4.92 -21.81 -30.82
N SER D 4 -4.26 -21.17 -31.79
CA SER D 4 -2.80 -21.09 -31.77
C SER D 4 -2.35 -19.88 -30.96
N TRP D 5 -1.79 -20.14 -29.77
CA TRP D 5 -1.18 -19.07 -28.99
C TRP D 5 0.05 -18.52 -29.71
N LYS D 6 0.67 -19.33 -30.54
CA LYS D 6 1.86 -18.93 -31.27
C LYS D 6 1.57 -17.79 -32.25
N LEU D 7 0.47 -17.91 -33.00
CA LEU D 7 0.11 -16.86 -33.95
C LEU D 7 -0.19 -15.54 -33.25
N VAL D 8 -0.78 -15.59 -32.06
CA VAL D 8 -0.97 -14.35 -31.32
C VAL D 8 0.38 -13.75 -30.95
N THR D 9 1.29 -14.60 -30.48
CA THR D 9 2.58 -14.10 -30.04
C THR D 9 3.38 -13.48 -31.19
N GLU D 10 3.28 -14.07 -32.38
CA GLU D 10 3.87 -13.44 -33.56
C GLU D 10 3.28 -12.06 -33.83
N TYR D 11 1.95 -11.94 -33.77
CA TYR D 11 1.35 -10.63 -33.96
C TYR D 11 1.83 -9.63 -32.91
N ALA D 12 1.88 -10.05 -31.65
CA ALA D 12 2.38 -9.14 -30.62
C ALA D 12 3.81 -8.74 -30.88
N MET D 13 4.65 -9.70 -31.26
CA MET D 13 6.04 -9.39 -31.59
C MET D 13 6.11 -8.40 -32.74
N GLU D 14 5.34 -8.66 -33.79
CA GLU D 14 5.44 -7.83 -34.99
C GLU D 14 4.85 -6.44 -34.78
N THR D 15 3.74 -6.32 -34.06
CA THR D 15 3.26 -4.99 -33.70
C THR D 15 4.08 -4.36 -32.59
N LYS D 16 4.92 -5.12 -31.91
CA LYS D 16 5.66 -4.66 -30.73
C LYS D 16 4.74 -4.16 -29.64
N CYS D 17 3.49 -4.62 -29.64
CA CYS D 17 2.53 -4.20 -28.62
C CYS D 17 2.92 -4.78 -27.28
N ASP D 18 2.77 -3.99 -26.23
CA ASP D 18 3.05 -4.50 -24.89
C ASP D 18 2.00 -4.09 -23.87
N ASP D 19 0.86 -3.58 -24.29
CA ASP D 19 -0.29 -3.46 -23.42
C ASP D 19 -1.24 -4.60 -23.73
N VAL D 20 -1.62 -5.34 -22.70
CA VAL D 20 -2.52 -6.48 -22.87
C VAL D 20 -3.87 -6.05 -23.45
N LEU D 21 -4.41 -4.92 -23.01
CA LEU D 21 -5.72 -4.50 -23.48
C LEU D 21 -5.67 -4.06 -24.93
N LEU D 22 -4.65 -3.30 -25.29
CA LEU D 22 -4.47 -2.91 -26.69
C LEU D 22 -4.26 -4.13 -27.57
N LEU D 23 -3.41 -5.07 -27.15
CA LEU D 23 -3.27 -6.33 -27.88
C LEU D 23 -4.62 -7.03 -28.02
N LEU D 24 -5.33 -7.18 -26.91
CA LEU D 24 -6.62 -7.87 -26.93
C LEU D 24 -7.56 -7.23 -27.93
N GLY D 25 -7.77 -5.92 -27.79
CA GLY D 25 -8.78 -5.26 -28.60
C GLY D 25 -8.52 -5.42 -30.08
N MET D 26 -7.28 -5.22 -30.50
CA MET D 26 -6.96 -5.29 -31.92
C MET D 26 -7.11 -6.70 -32.47
N TYR D 27 -6.74 -7.73 -31.71
CA TYR D 27 -6.88 -9.07 -32.23
C TYR D 27 -8.34 -9.41 -32.50
N LEU D 28 -9.23 -8.98 -31.60
CA LEU D 28 -10.64 -9.28 -31.75
C LEU D 28 -11.22 -8.70 -33.03
N GLU D 29 -10.73 -7.56 -33.48
CA GLU D 29 -11.26 -6.97 -34.70
C GLU D 29 -11.09 -7.88 -35.90
N PHE D 30 -10.04 -8.69 -35.91
CA PHE D 30 -9.82 -9.59 -37.04
C PHE D 30 -10.88 -10.67 -37.18
N GLN D 31 -11.75 -10.85 -36.19
CA GLN D 31 -12.73 -11.94 -36.26
C GLN D 31 -13.75 -11.75 -37.36
N TYR D 32 -14.00 -10.52 -37.78
CA TYR D 32 -14.92 -10.27 -38.88
C TYR D 32 -14.29 -10.63 -40.23
N SER D 33 -15.16 -10.89 -41.20
CA SER D 33 -14.70 -11.38 -42.50
C SER D 33 -13.72 -10.42 -43.14
N PHE D 34 -12.46 -10.83 -43.19
CA PHE D 34 -11.41 -10.00 -43.77
C PHE D 34 -11.80 -9.51 -45.16
N GLU D 35 -12.39 -10.40 -45.96
CA GLU D 35 -12.67 -10.09 -47.35
C GLU D 35 -13.53 -8.85 -47.57
N MET D 36 -14.29 -8.39 -46.58
CA MET D 36 -15.08 -7.18 -46.70
C MET D 36 -14.70 -6.13 -45.67
N CYS D 37 -13.64 -6.35 -44.91
CA CYS D 37 -13.34 -5.52 -43.77
C CYS D 37 -13.18 -4.05 -44.17
N LEU D 38 -14.07 -3.21 -43.66
CA LEU D 38 -14.06 -1.79 -44.02
C LEU D 38 -12.75 -1.12 -43.65
N LYS D 39 -12.18 -1.47 -42.48
CA LYS D 39 -10.91 -0.88 -42.08
C LYS D 39 -9.78 -1.26 -43.03
N CYS D 40 -9.75 -2.52 -43.47
CA CYS D 40 -8.84 -2.89 -44.55
C CYS D 40 -9.07 -2.06 -45.80
N ILE D 41 -10.32 -1.99 -46.27
CA ILE D 41 -10.61 -1.28 -47.52
C ILE D 41 -10.20 0.19 -47.44
N LYS D 42 -10.44 0.84 -46.31
CA LYS D 42 -9.96 2.21 -46.14
C LYS D 42 -8.44 2.32 -46.03
N LYS D 43 -7.73 1.22 -45.84
CA LYS D 43 -6.29 1.25 -45.56
C LYS D 43 -5.96 2.21 -44.43
N GLU D 44 -6.79 2.18 -43.40
CA GLU D 44 -6.78 3.23 -42.38
C GLU D 44 -5.64 3.07 -41.38
N GLN D 45 -5.34 1.84 -40.95
CA GLN D 45 -4.32 1.57 -39.96
C GLN D 45 -3.45 0.37 -40.32
N PRO D 46 -2.13 0.52 -40.41
CA PRO D 46 -1.31 -0.59 -40.91
C PRO D 46 -1.31 -1.78 -39.98
N SER D 47 -1.30 -1.52 -38.67
CA SER D 47 -1.41 -2.59 -37.69
C SER D 47 -2.63 -3.46 -37.90
N HIS D 48 -3.64 -2.95 -38.60
CA HIS D 48 -4.77 -3.78 -38.96
C HIS D 48 -4.61 -4.37 -40.37
N TYR D 49 -4.52 -3.51 -41.38
CA TYR D 49 -4.75 -3.99 -42.73
C TYR D 49 -3.63 -4.90 -43.22
N LYS D 50 -2.42 -4.75 -42.69
CA LYS D 50 -1.35 -5.69 -43.04
C LYS D 50 -1.62 -7.09 -42.52
N TYR D 51 -2.43 -7.22 -41.49
CA TYR D 51 -2.46 -8.43 -40.67
C TYR D 51 -3.79 -9.15 -40.69
N HIS D 52 -4.89 -8.43 -40.92
CA HIS D 52 -6.22 -9.02 -40.80
C HIS D 52 -6.33 -10.33 -41.59
N GLU D 53 -5.92 -10.32 -42.85
CA GLU D 53 -6.09 -11.50 -43.68
C GLU D 53 -5.34 -12.71 -43.13
N LYS D 54 -4.16 -12.49 -42.57
CA LYS D 54 -3.37 -13.60 -42.05
C LYS D 54 -4.00 -14.21 -40.81
N HIS D 55 -4.37 -13.39 -39.83
CA HIS D 55 -4.82 -13.87 -38.53
C HIS D 55 -6.32 -14.17 -38.46
N TYR D 56 -7.08 -13.83 -39.50
CA TYR D 56 -8.52 -14.05 -39.49
C TYR D 56 -8.97 -15.41 -38.96
N ALA D 57 -8.40 -16.49 -39.50
CA ALA D 57 -8.82 -17.83 -39.09
C ALA D 57 -8.62 -18.05 -37.60
N ASN D 58 -7.46 -17.67 -37.07
CA ASN D 58 -7.20 -17.85 -35.66
C ASN D 58 -8.04 -16.91 -34.81
N ALA D 59 -8.28 -15.69 -35.28
CA ALA D 59 -9.12 -14.76 -34.54
C ALA D 59 -10.53 -15.28 -34.36
N ALA D 60 -11.06 -15.99 -35.36
CA ALA D 60 -12.39 -16.58 -35.23
C ALA D 60 -12.44 -17.56 -34.07
N ILE D 61 -11.46 -18.44 -33.97
CA ILE D 61 -11.43 -19.38 -32.84
C ILE D 61 -11.12 -18.65 -31.55
N PHE D 62 -10.21 -17.68 -31.58
CA PHE D 62 -9.94 -16.87 -30.41
C PHE D 62 -11.21 -16.24 -29.84
N ALA D 63 -12.10 -15.78 -30.72
CA ALA D 63 -13.33 -15.15 -30.27
C ALA D 63 -14.20 -16.07 -29.42
N ASP D 64 -14.10 -17.38 -29.60
CA ASP D 64 -14.82 -18.33 -28.76
C ASP D 64 -14.07 -18.79 -27.53
N SER D 65 -12.78 -18.45 -27.39
CA SER D 65 -12.04 -18.94 -26.25
C SER D 65 -12.61 -18.40 -24.95
N LYS D 66 -12.43 -19.18 -23.89
CA LYS D 66 -12.72 -18.75 -22.53
C LYS D 66 -11.47 -18.29 -21.79
N ASN D 67 -10.30 -18.36 -22.41
CA ASN D 67 -9.02 -18.07 -21.80
C ASN D 67 -8.44 -16.73 -22.26
N GLN D 68 -9.27 -15.87 -22.83
CA GLN D 68 -8.76 -14.83 -23.72
C GLN D 68 -7.66 -13.99 -23.08
N LYS D 69 -7.88 -13.49 -21.87
CA LYS D 69 -6.85 -12.64 -21.25
C LYS D 69 -5.59 -13.43 -20.91
N THR D 70 -5.71 -14.71 -20.60
CA THR D 70 -4.54 -15.54 -20.32
C THR D 70 -3.64 -15.65 -21.55
N ILE D 71 -4.25 -15.86 -22.72
CA ILE D 71 -3.48 -15.90 -23.96
C ILE D 71 -2.73 -14.60 -24.17
N CYS D 72 -3.42 -13.47 -23.98
CA CYS D 72 -2.79 -12.18 -24.20
C CYS D 72 -1.64 -11.93 -23.24
N GLN D 73 -1.78 -12.34 -21.98
CA GLN D 73 -0.70 -12.09 -21.03
C GLN D 73 0.59 -12.76 -21.47
N GLN D 74 0.53 -14.04 -21.81
CA GLN D 74 1.71 -14.75 -22.28
C GLN D 74 2.31 -14.08 -23.51
N ALA D 75 1.46 -13.63 -24.43
CA ALA D 75 1.96 -12.90 -25.60
C ALA D 75 2.69 -11.62 -25.20
N VAL D 76 2.07 -10.81 -24.35
CA VAL D 76 2.69 -9.55 -23.94
C VAL D 76 3.98 -9.80 -23.18
N ASP D 77 4.03 -10.85 -22.36
CA ASP D 77 5.27 -11.20 -21.69
C ASP D 77 6.40 -11.43 -22.70
N THR D 78 6.09 -12.12 -23.79
CA THR D 78 7.11 -12.37 -24.80
C THR D 78 7.71 -11.08 -25.35
N VAL D 79 6.88 -10.05 -25.56
CA VAL D 79 7.38 -8.77 -26.03
C VAL D 79 8.24 -8.09 -24.96
N LEU D 80 7.79 -8.09 -23.70
CA LEU D 80 8.59 -7.51 -22.64
C LEU D 80 9.91 -8.26 -22.45
N ALA D 81 9.88 -9.59 -22.56
CA ALA D 81 11.11 -10.36 -22.43
C ALA D 81 12.13 -9.96 -23.49
N LYS D 82 11.67 -9.78 -24.72
CA LYS D 82 12.56 -9.32 -25.78
C LYS D 82 13.23 -7.99 -25.45
N LYS D 83 12.50 -7.04 -24.89
CA LYS D 83 13.11 -5.77 -24.49
C LYS D 83 14.23 -5.91 -23.47
N ARG D 84 14.07 -6.78 -22.47
CA ARG D 84 15.14 -6.90 -21.48
C ARG D 84 16.36 -7.62 -22.03
N VAL D 85 16.15 -8.64 -22.86
CA VAL D 85 17.30 -9.23 -23.55
C VAL D 85 18.05 -8.14 -24.31
N ASP D 86 17.33 -7.38 -25.11
CA ASP D 86 17.95 -6.34 -25.92
C ASP D 86 18.67 -5.33 -25.05
N SER D 87 17.99 -4.82 -24.03
CA SER D 87 18.57 -3.82 -23.15
C SER D 87 19.91 -4.28 -22.57
N LEU D 88 20.00 -5.52 -22.14
CA LEU D 88 21.24 -5.99 -21.54
C LEU D 88 22.31 -6.40 -22.54
N GLN D 89 22.00 -6.59 -23.81
CA GLN D 89 23.00 -7.11 -24.74
C GLN D 89 23.40 -6.20 -25.89
N LEU D 90 22.53 -5.33 -26.38
CA LEU D 90 22.89 -4.56 -27.57
C LEU D 90 23.94 -3.49 -27.25
N THR D 91 24.77 -3.18 -28.25
CA THR D 91 25.58 -1.97 -28.16
C THR D 91 24.72 -0.75 -28.38
N ARG D 92 25.17 0.37 -27.81
CA ARG D 92 24.44 1.63 -28.00
C ARG D 92 24.33 2.01 -29.48
N GLU D 93 25.31 1.64 -30.29
CA GLU D 93 25.19 1.85 -31.73
C GLU D 93 24.06 1.03 -32.33
N GLN D 94 23.95 -0.24 -31.95
CA GLN D 94 22.85 -1.07 -32.45
C GLN D 94 21.51 -0.53 -31.97
N MET D 95 21.45 -0.08 -30.72
CA MET D 95 20.22 0.53 -30.23
C MET D 95 19.79 1.66 -31.14
N LEU D 96 20.71 2.58 -31.44
CA LEU D 96 20.37 3.70 -32.29
C LEU D 96 19.97 3.23 -33.68
N THR D 97 20.70 2.25 -34.23
CA THR D 97 20.39 1.73 -35.54
C THR D 97 18.96 1.18 -35.60
N ASN D 98 18.53 0.46 -34.56
CA ASN D 98 17.15 0.01 -34.50
C ASN D 98 16.18 1.18 -34.51
N ARG D 99 16.45 2.17 -33.66
CA ARG D 99 15.58 3.33 -33.55
C ARG D 99 15.41 4.04 -34.89
N PHE D 100 16.49 4.17 -35.65
CA PHE D 100 16.40 4.77 -36.97
C PHE D 100 15.54 3.95 -37.91
N ASN D 101 15.71 2.63 -37.90
CA ASN D 101 14.86 1.76 -38.72
C ASN D 101 13.38 1.99 -38.44
N ASP D 102 13.01 2.20 -37.17
CA ASP D 102 11.61 2.46 -36.85
C ASP D 102 11.13 3.75 -37.48
N LEU D 103 11.93 4.80 -37.40
CA LEU D 103 11.54 6.08 -37.98
C LEU D 103 11.41 5.96 -39.49
N LEU D 104 12.36 5.26 -40.11
CA LEU D 104 12.34 5.09 -41.56
C LEU D 104 11.09 4.34 -42.01
N ASP D 105 10.66 3.35 -41.26
CA ASP D 105 9.38 2.70 -41.56
C ASP D 105 8.22 3.68 -41.50
N ARG D 106 8.18 4.55 -40.50
CA ARG D 106 7.09 5.52 -40.44
C ARG D 106 7.13 6.47 -41.62
N MET D 107 8.33 6.90 -42.01
CA MET D 107 8.46 7.78 -43.16
C MET D 107 7.98 7.11 -44.46
N ASP D 108 8.29 5.82 -44.63
CA ASP D 108 7.79 5.09 -45.78
C ASP D 108 6.27 5.16 -45.90
N ILE D 109 5.57 5.15 -44.77
CA ILE D 109 4.12 5.33 -44.77
C ILE D 109 3.76 6.78 -45.01
N MET D 110 4.36 7.69 -44.23
CA MET D 110 3.96 9.09 -44.27
C MET D 110 4.05 9.66 -45.67
N PHE D 111 5.13 9.37 -46.39
CA PHE D 111 5.34 9.87 -47.73
C PHE D 111 5.05 8.81 -48.78
N GLY D 112 4.34 7.76 -48.39
CA GLY D 112 3.84 6.78 -49.32
C GLY D 112 2.72 7.32 -50.16
N SER D 113 2.14 6.43 -50.97
CA SER D 113 0.97 6.78 -51.77
C SER D 113 -0.24 7.02 -50.88
N THR D 114 -0.49 6.11 -49.93
CA THR D 114 -1.44 6.37 -48.86
C THR D 114 -0.98 7.53 -48.00
N GLY D 115 0.31 7.80 -47.98
CA GLY D 115 0.91 8.83 -47.16
C GLY D 115 0.25 10.18 -47.22
N SER D 116 -0.25 10.63 -46.08
CA SER D 116 -0.90 11.93 -45.96
C SER D 116 0.08 13.09 -45.86
N ALA D 117 1.33 12.84 -45.52
CA ALA D 117 2.28 13.92 -45.36
C ALA D 117 2.66 14.49 -46.72
N ASP D 118 3.19 15.71 -46.71
CA ASP D 118 3.79 16.33 -47.89
C ASP D 118 5.29 16.48 -47.68
N ILE D 119 6.07 15.73 -48.47
CA ILE D 119 7.52 15.78 -48.38
C ILE D 119 8.07 17.18 -48.62
N GLU D 120 7.36 18.01 -49.38
CA GLU D 120 7.78 19.40 -49.57
C GLU D 120 7.62 20.21 -48.30
N GLU D 121 6.47 20.09 -47.62
CA GLU D 121 6.30 20.83 -46.38
C GLU D 121 7.30 20.37 -45.34
N TRP D 122 7.54 19.07 -45.28
CA TRP D 122 8.53 18.54 -44.37
C TRP D 122 9.96 18.97 -44.72
N MET D 123 10.28 19.12 -46.00
CA MET D 123 11.55 19.76 -46.35
C MET D 123 11.60 21.23 -45.99
N ALA D 124 10.48 21.94 -46.07
CA ALA D 124 10.47 23.31 -45.56
C ALA D 124 10.82 23.33 -44.08
N GLY D 125 10.37 22.34 -43.32
CA GLY D 125 10.79 22.23 -41.93
C GLY D 125 12.30 22.18 -41.77
N VAL D 126 12.95 21.32 -42.56
CA VAL D 126 14.41 21.19 -42.47
C VAL D 126 15.11 22.51 -42.77
N ALA D 127 14.62 23.26 -43.75
CA ALA D 127 15.21 24.57 -44.01
C ALA D 127 15.15 25.48 -42.79
N TRP D 128 14.04 25.49 -42.08
CA TRP D 128 13.91 26.34 -40.90
C TRP D 128 14.83 25.90 -39.78
N LEU D 129 14.87 24.60 -39.49
CA LEU D 129 15.77 24.10 -38.47
C LEU D 129 17.23 24.35 -38.81
N HIS D 130 17.62 24.16 -40.06
CA HIS D 130 18.99 24.47 -40.42
C HIS D 130 19.35 25.94 -40.22
N CYS D 131 18.38 26.84 -40.20
CA CYS D 131 18.66 28.23 -39.85
C CYS D 131 18.73 28.49 -38.35
N LEU D 132 18.23 27.59 -37.50
CA LEU D 132 18.15 27.91 -36.09
C LEU D 132 19.53 28.08 -35.45
N LEU D 133 20.54 27.34 -35.89
CA LEU D 133 21.89 27.49 -35.38
C LEU D 133 22.90 27.36 -36.51
N PRO D 134 24.05 28.02 -36.40
CA PRO D 134 25.14 27.76 -37.35
C PRO D 134 25.53 26.29 -37.35
N LYS D 135 25.86 25.79 -38.55
CA LYS D 135 26.36 24.42 -38.73
C LYS D 135 25.46 23.37 -38.09
N MET D 136 24.15 23.61 -38.16
CA MET D 136 23.17 22.77 -37.48
C MET D 136 23.41 21.27 -37.71
N ASP D 137 23.61 20.86 -38.97
CA ASP D 137 23.72 19.42 -39.23
C ASP D 137 24.95 18.82 -38.58
N SER D 138 26.08 19.54 -38.60
CA SER D 138 27.26 19.06 -37.91
C SER D 138 27.03 18.96 -36.40
N VAL D 139 26.35 19.95 -35.84
CA VAL D 139 26.02 19.93 -34.42
C VAL D 139 25.21 18.69 -34.03
N VAL D 140 24.24 18.30 -34.84
CA VAL D 140 23.48 17.09 -34.54
C VAL D 140 24.39 15.86 -34.56
N TYR D 141 25.19 15.73 -35.59
CA TYR D 141 26.04 14.57 -35.72
C TYR D 141 26.98 14.44 -34.53
N ASP D 142 27.52 15.57 -34.08
CA ASP D 142 28.35 15.58 -32.88
C ASP D 142 27.59 15.10 -31.65
N PHE D 143 26.39 15.63 -31.45
CA PHE D 143 25.58 15.20 -30.32
C PHE D 143 25.31 13.71 -30.36
N LEU D 144 24.96 13.16 -31.52
CA LEU D 144 24.65 11.74 -31.60
C LEU D 144 25.83 10.88 -31.19
N LYS D 145 27.00 11.17 -31.75
CA LYS D 145 28.19 10.41 -31.40
C LYS D 145 28.49 10.50 -29.92
N CYS D 146 28.34 11.69 -29.36
CA CYS D 146 28.53 11.87 -27.93
C CYS D 146 27.61 10.97 -27.11
N MET D 147 26.35 10.82 -27.54
CA MET D 147 25.46 9.89 -26.86
C MET D 147 25.86 8.44 -27.07
N VAL D 148 26.30 8.08 -28.28
CA VAL D 148 26.63 6.68 -28.54
C VAL D 148 27.87 6.26 -27.76
N TYR D 149 28.91 7.07 -27.81
CA TYR D 149 30.13 6.72 -27.05
C TYR D 149 29.90 6.82 -25.55
N ASN D 150 29.07 7.75 -25.09
CA ASN D 150 28.72 7.85 -23.68
C ASN D 150 29.97 7.89 -22.80
N ILE D 151 30.94 8.68 -23.21
CA ILE D 151 32.23 8.73 -22.51
C ILE D 151 32.06 9.46 -21.19
N PRO D 152 32.48 8.90 -20.06
CA PRO D 152 32.25 9.55 -18.76
C PRO D 152 32.86 10.94 -18.65
N LYS D 153 32.21 11.78 -17.85
CA LYS D 153 32.35 13.23 -17.83
C LYS D 153 31.98 13.93 -19.12
N LYS D 154 32.45 13.44 -20.25
CA LYS D 154 32.12 14.04 -21.53
C LYS D 154 30.73 13.67 -22.01
N ARG D 155 29.70 13.94 -21.19
CA ARG D 155 28.39 13.35 -21.40
C ARG D 155 27.25 14.33 -21.59
N TYR D 156 27.36 15.57 -21.13
CA TYR D 156 26.20 16.44 -20.97
C TYR D 156 26.39 17.77 -21.69
N TRP D 157 25.29 18.27 -22.25
CA TRP D 157 25.26 19.48 -23.07
C TRP D 157 24.29 20.48 -22.46
N LEU D 158 24.65 21.76 -22.55
CA LEU D 158 23.87 22.85 -21.95
C LEU D 158 23.29 23.73 -23.04
N PHE D 159 21.97 23.93 -23.01
CA PHE D 159 21.29 24.86 -23.90
C PHE D 159 20.92 26.10 -23.09
N LYS D 160 21.34 27.26 -23.56
CA LYS D 160 21.14 28.49 -22.80
C LYS D 160 20.59 29.60 -23.69
N GLY D 161 19.66 30.38 -23.17
CA GLY D 161 19.19 31.56 -23.85
C GLY D 161 17.82 32.03 -23.42
N PRO D 162 17.42 33.21 -23.88
CA PRO D 162 16.13 33.79 -23.45
C PRO D 162 14.96 32.88 -23.76
N ILE D 163 13.85 33.16 -23.07
CA ILE D 163 12.60 32.47 -23.35
C ILE D 163 12.11 32.78 -24.76
N ASP D 164 11.49 31.79 -25.40
CA ASP D 164 11.23 31.78 -26.84
C ASP D 164 12.53 32.04 -27.62
N SER D 165 13.43 31.09 -27.52
CA SER D 165 14.50 31.01 -28.50
C SER D 165 14.76 29.58 -28.98
N GLY D 166 13.81 28.67 -28.79
CA GLY D 166 13.79 27.43 -29.52
C GLY D 166 14.41 26.26 -28.80
N LYS D 167 14.99 26.49 -27.64
CA LYS D 167 15.75 25.44 -26.96
C LYS D 167 14.89 24.20 -26.69
N THR D 168 13.69 24.36 -26.15
CA THR D 168 12.87 23.16 -25.96
C THR D 168 12.40 22.56 -27.29
N THR D 169 12.17 23.38 -28.32
CA THR D 169 11.87 22.82 -29.64
C THR D 169 12.94 21.83 -30.08
N LEU D 170 14.20 22.24 -29.99
CA LEU D 170 15.27 21.36 -30.44
C LEU D 170 15.44 20.17 -29.51
N ALA D 171 15.31 20.40 -28.21
CA ALA D 171 15.35 19.28 -27.27
C ALA D 171 14.29 18.23 -27.61
N ALA D 172 13.07 18.68 -27.90
CA ALA D 172 11.99 17.74 -28.17
C ALA D 172 12.27 16.91 -29.40
N ALA D 173 12.79 17.53 -30.46
CA ALA D 173 13.12 16.78 -31.66
C ALA D 173 14.23 15.78 -31.42
N LEU D 174 15.25 16.18 -30.66
CA LEU D 174 16.31 15.24 -30.32
C LEU D 174 15.78 14.10 -29.47
N LEU D 175 14.92 14.44 -28.51
CA LEU D 175 14.37 13.41 -27.64
C LEU D 175 13.50 12.44 -28.42
N GLU D 176 12.75 12.94 -29.40
CA GLU D 176 12.00 12.03 -30.25
C GLU D 176 12.93 11.18 -31.10
N LEU D 177 14.00 11.78 -31.61
CA LEU D 177 14.91 11.04 -32.48
C LEU D 177 15.54 9.88 -31.73
N CYS D 178 16.04 10.12 -30.52
CA CYS D 178 16.75 9.11 -29.77
C CYS D 178 15.83 8.28 -28.88
N GLY D 179 14.69 8.82 -28.48
CA GLY D 179 13.93 8.25 -27.39
C GLY D 179 14.53 8.58 -26.04
N GLY D 180 13.68 8.80 -25.06
CA GLY D 180 14.12 9.29 -23.77
C GLY D 180 12.97 9.95 -23.04
N LYS D 181 13.32 10.67 -21.97
CA LYS D 181 12.31 11.29 -21.13
C LYS D 181 12.77 12.67 -20.68
N ALA D 182 11.80 13.55 -20.46
CA ALA D 182 12.04 14.79 -19.74
C ALA D 182 11.95 14.58 -18.24
N LEU D 183 12.68 15.40 -17.49
CA LEU D 183 12.67 15.40 -16.04
C LEU D 183 12.64 16.83 -15.55
N ASN D 184 12.03 17.05 -14.39
CA ASN D 184 11.98 18.38 -13.77
C ASN D 184 12.63 18.32 -12.39
N VAL D 185 13.79 18.95 -12.26
CA VAL D 185 14.55 18.94 -11.00
C VAL D 185 14.33 20.20 -10.17
N ASN D 186 13.37 21.05 -10.54
CA ASN D 186 13.10 22.22 -9.72
C ASN D 186 12.39 21.90 -8.41
N LEU D 187 12.03 20.64 -8.21
CA LEU D 187 11.34 20.19 -7.00
C LEU D 187 12.15 20.42 -5.73
N PRO D 188 11.50 20.33 -4.57
CA PRO D 188 12.22 20.09 -3.32
C PRO D 188 12.90 18.72 -3.34
N LEU D 189 13.94 18.60 -2.51
CA LEU D 189 14.85 17.46 -2.57
C LEU D 189 14.18 16.12 -2.34
N ASP D 190 13.03 16.07 -1.66
CA ASP D 190 12.46 14.77 -1.33
C ASP D 190 11.88 14.06 -2.56
N ARG D 191 11.00 14.71 -3.30
CA ARG D 191 10.34 14.03 -4.41
C ARG D 191 11.25 13.74 -5.59
N LEU D 192 12.44 14.35 -5.64
CA LEU D 192 13.43 14.01 -6.66
C LEU D 192 13.64 12.51 -6.81
N ASN D 193 13.49 11.75 -5.73
CA ASN D 193 13.73 10.32 -5.79
C ASN D 193 12.84 9.61 -6.80
N PHE D 194 11.52 9.79 -6.70
CA PHE D 194 10.66 9.21 -7.73
C PHE D 194 10.82 9.90 -9.07
N GLU D 195 11.13 11.20 -9.06
CA GLU D 195 11.35 11.91 -10.31
C GLU D 195 12.47 11.27 -11.13
N LEU D 196 13.62 11.09 -10.50
CA LEU D 196 14.76 10.47 -11.18
C LEU D 196 14.46 9.02 -11.56
N GLY D 197 13.57 8.37 -10.82
CA GLY D 197 13.10 7.06 -11.19
C GLY D 197 12.63 6.92 -12.62
N VAL D 198 12.17 8.02 -13.22
CA VAL D 198 11.73 7.97 -14.62
C VAL D 198 12.87 7.55 -15.54
N ALA D 199 14.11 7.83 -15.17
CA ALA D 199 15.23 7.59 -16.07
C ALA D 199 15.50 6.12 -16.32
N ILE D 200 14.86 5.21 -15.59
CA ILE D 200 15.25 3.80 -15.65
C ILE D 200 15.17 3.27 -17.07
N ASP D 201 16.26 2.68 -17.53
CA ASP D 201 16.41 2.06 -18.83
C ASP D 201 16.27 3.01 -20.02
N GLN D 202 16.25 4.31 -19.80
CA GLN D 202 16.14 5.27 -20.91
C GLN D 202 17.48 5.45 -21.62
N PHE D 203 17.40 5.88 -22.89
CA PHE D 203 18.61 6.26 -23.63
C PHE D 203 19.07 7.69 -23.31
N LEU D 204 18.19 8.67 -23.48
CA LEU D 204 18.49 10.06 -23.10
C LEU D 204 17.58 10.54 -21.98
N VAL D 205 18.02 11.59 -21.31
CA VAL D 205 17.12 12.41 -20.50
C VAL D 205 17.33 13.88 -20.83
N VAL D 206 16.27 14.65 -20.65
CA VAL D 206 16.32 16.10 -20.75
C VAL D 206 15.89 16.64 -19.41
N PHE D 207 16.74 17.48 -18.82
CA PHE D 207 16.37 18.29 -17.67
C PHE D 207 15.79 19.57 -18.21
N GLU D 208 14.48 19.66 -18.18
CA GLU D 208 13.81 20.84 -18.67
C GLU D 208 13.99 22.01 -17.71
N ASP D 209 14.42 23.13 -18.27
CA ASP D 209 14.27 24.46 -17.68
C ASP D 209 14.60 24.50 -16.20
N VAL D 210 15.86 24.32 -15.84
CA VAL D 210 16.24 24.36 -14.45
C VAL D 210 16.32 25.81 -14.01
N LYS D 211 15.63 26.13 -12.92
CA LYS D 211 15.66 27.49 -12.37
C LYS D 211 16.86 27.69 -11.48
N GLY D 212 17.57 28.79 -11.69
CA GLY D 212 18.60 29.22 -10.77
C GLY D 212 18.03 29.91 -9.55
N THR D 213 18.92 30.59 -8.83
CA THR D 213 18.56 31.50 -7.75
C THR D 213 19.28 32.81 -7.97
N GLY D 214 18.59 33.91 -7.73
CA GLY D 214 19.08 35.20 -8.17
C GLY D 214 18.82 35.41 -9.64
N GLY D 215 19.28 36.55 -10.15
CA GLY D 215 18.82 36.99 -11.45
C GLY D 215 17.39 37.45 -11.47
N GLU D 216 16.77 37.57 -10.29
CA GLU D 216 15.47 38.23 -10.18
C GLU D 216 15.56 39.67 -10.66
N SER D 217 16.75 40.27 -10.53
CA SER D 217 17.07 41.52 -11.20
C SER D 217 16.76 41.47 -12.68
N ARG D 218 17.11 40.36 -13.32
CA ARG D 218 16.80 40.13 -14.72
C ARG D 218 15.47 39.42 -14.90
N ASP D 219 14.58 39.55 -13.92
CA ASP D 219 13.23 39.01 -13.87
C ASP D 219 13.17 37.48 -13.90
N LEU D 220 14.29 36.79 -13.77
CA LEU D 220 14.26 35.33 -13.79
C LEU D 220 13.73 34.81 -12.46
N PRO D 221 12.62 34.05 -12.44
CA PRO D 221 12.10 33.55 -11.16
C PRO D 221 12.99 32.44 -10.59
N SER D 222 13.26 32.53 -9.29
CA SER D 222 14.20 31.63 -8.63
C SER D 222 13.58 30.29 -8.25
N GLY D 223 14.44 29.30 -8.09
CA GLY D 223 14.03 27.96 -7.72
C GLY D 223 15.23 27.10 -7.37
N GLN D 224 14.95 25.84 -7.04
CA GLN D 224 15.94 24.93 -6.47
C GLN D 224 16.90 24.34 -7.50
N GLY D 225 16.51 24.29 -8.76
CA GLY D 225 17.11 23.34 -9.68
C GLY D 225 18.62 23.34 -9.73
N ILE D 226 19.21 24.52 -9.85
CA ILE D 226 20.67 24.62 -9.96
C ILE D 226 21.36 23.99 -8.76
N ASN D 227 20.88 24.29 -7.56
CA ASN D 227 21.48 23.68 -6.38
C ASN D 227 21.30 22.16 -6.39
N ASN D 228 20.11 21.69 -6.75
CA ASN D 228 19.89 20.25 -6.87
C ASN D 228 20.85 19.60 -7.85
N LEU D 229 21.08 20.21 -9.01
CA LEU D 229 22.01 19.62 -9.97
C LEU D 229 23.42 19.56 -9.41
N ASP D 230 23.86 20.65 -8.78
CA ASP D 230 25.19 20.65 -8.22
C ASP D 230 25.38 19.55 -7.18
N ASN D 231 24.29 19.09 -6.57
CA ASN D 231 24.26 17.96 -5.67
C ASN D 231 24.09 16.59 -6.35
N LEU D 232 24.22 16.48 -7.67
CA LEU D 232 24.02 15.22 -8.37
C LEU D 232 25.21 14.87 -9.26
N ARG D 233 26.40 15.29 -8.82
CA ARG D 233 27.62 15.21 -9.61
C ARG D 233 27.86 13.85 -10.27
N ASP D 234 27.66 12.76 -9.54
CA ASP D 234 27.94 11.43 -10.10
C ASP D 234 26.95 11.02 -11.16
N TYR D 235 25.69 11.43 -11.03
CA TYR D 235 24.71 11.15 -12.06
C TYR D 235 25.14 11.76 -13.39
N LEU D 236 25.68 12.97 -13.35
CA LEU D 236 26.13 13.63 -14.57
C LEU D 236 27.41 13.02 -15.11
N ASP D 237 28.45 12.94 -14.27
CA ASP D 237 29.72 12.41 -14.76
C ASP D 237 29.60 10.98 -15.24
N GLY D 238 28.64 10.22 -14.70
CA GLY D 238 28.32 8.93 -15.26
C GLY D 238 29.46 7.95 -15.19
N SER D 239 30.38 8.13 -14.25
CA SER D 239 31.49 7.21 -14.13
C SER D 239 31.10 5.93 -13.41
N VAL D 240 30.16 5.99 -12.46
CA VAL D 240 29.81 4.85 -11.63
C VAL D 240 28.29 4.70 -11.56
N LYS D 241 27.85 3.52 -11.13
CA LYS D 241 26.43 3.20 -11.09
C LYS D 241 25.71 3.92 -9.96
N VAL D 242 24.40 4.13 -10.14
CA VAL D 242 23.53 4.71 -9.13
C VAL D 242 22.28 3.88 -8.99
N ASN D 243 21.63 4.01 -7.84
CA ASN D 243 20.37 3.33 -7.56
C ASN D 243 19.18 4.20 -7.95
N LEU D 244 18.13 3.55 -8.45
CA LEU D 244 16.97 4.27 -8.98
C LEU D 244 15.69 3.56 -8.55
N GLU D 245 14.64 4.36 -8.32
CA GLU D 245 13.45 3.92 -7.63
C GLU D 245 12.21 4.18 -8.47
N LYS D 246 11.21 3.31 -8.35
CA LYS D 246 9.87 3.62 -8.83
C LYS D 246 8.82 3.29 -7.78
N LYS D 247 7.66 3.92 -7.95
CA LYS D 247 6.53 3.70 -7.06
C LYS D 247 6.14 2.23 -7.02
N HIS D 248 5.96 1.68 -5.81
CA HIS D 248 5.67 0.25 -5.61
C HIS D 248 6.73 -0.68 -6.17
N LEU D 249 7.96 -0.24 -6.41
CA LEU D 249 8.99 -1.13 -6.95
C LEU D 249 10.29 -1.00 -6.20
N ASN D 250 11.03 -2.10 -6.15
CA ASN D 250 12.35 -2.13 -5.54
C ASN D 250 13.39 -1.50 -6.46
N LYS D 251 14.46 -0.99 -5.86
CA LYS D 251 15.44 -0.22 -6.62
C LYS D 251 16.19 -1.06 -7.63
N ARG D 252 16.62 -0.40 -8.69
CA ARG D 252 17.53 -0.95 -9.69
C ARG D 252 18.77 -0.08 -9.77
N THR D 253 19.87 -0.67 -10.20
CA THR D 253 21.17 -0.02 -10.19
C THR D 253 21.75 0.03 -11.60
N GLN D 254 22.09 1.23 -12.07
CA GLN D 254 22.63 1.37 -13.42
C GLN D 254 23.39 2.68 -13.54
N ILE D 255 24.10 2.82 -14.67
CA ILE D 255 24.71 4.09 -15.03
C ILE D 255 23.63 5.05 -15.49
N PHE D 256 23.62 6.24 -14.93
CA PHE D 256 22.58 7.21 -15.27
C PHE D 256 22.79 7.75 -16.69
N PRO D 257 21.76 7.78 -17.53
CA PRO D 257 21.94 8.06 -18.96
C PRO D 257 22.43 9.47 -19.26
N PRO D 258 23.01 9.69 -20.43
CA PRO D 258 23.42 11.03 -20.85
C PRO D 258 22.23 11.87 -21.27
N GLY D 259 22.43 13.17 -21.50
CA GLY D 259 21.29 14.02 -21.71
C GLY D 259 21.62 15.50 -21.85
N ILE D 260 20.58 16.31 -21.72
CA ILE D 260 20.61 17.74 -22.03
C ILE D 260 20.03 18.53 -20.85
N VAL D 261 20.65 19.66 -20.55
CA VAL D 261 20.12 20.63 -19.60
C VAL D 261 19.77 21.91 -20.35
N THR D 262 18.64 22.51 -19.99
CA THR D 262 18.14 23.72 -20.62
C THR D 262 17.85 24.78 -19.58
N MET D 263 18.18 26.04 -19.87
CA MET D 263 17.89 27.10 -18.92
C MET D 263 17.81 28.44 -19.62
N ASN D 264 17.09 29.37 -18.98
CA ASN D 264 17.28 30.78 -19.24
C ASN D 264 18.56 31.24 -18.54
N GLU D 265 18.85 32.52 -18.64
CA GLU D 265 20.23 32.99 -18.43
C GLU D 265 20.64 33.13 -16.96
N TYR D 266 20.27 32.18 -16.10
CA TYR D 266 20.76 32.19 -14.72
C TYR D 266 22.28 32.05 -14.68
N SER D 267 22.87 32.46 -13.55
CA SER D 267 24.30 32.28 -13.32
C SER D 267 24.60 30.83 -12.98
N VAL D 268 25.69 30.30 -13.54
CA VAL D 268 26.04 28.89 -13.37
C VAL D 268 27.29 28.78 -12.51
N PRO D 269 27.23 28.08 -11.37
CA PRO D 269 28.45 27.76 -10.62
C PRO D 269 29.50 27.08 -11.50
N LYS D 270 30.76 27.41 -11.25
CA LYS D 270 31.86 26.78 -11.97
C LYS D 270 31.91 25.27 -11.76
N THR D 271 31.55 24.81 -10.55
CA THR D 271 31.44 23.37 -10.30
C THR D 271 30.52 22.72 -11.31
N LEU D 272 29.41 23.38 -11.62
CA LEU D 272 28.46 22.85 -12.59
C LEU D 272 28.94 23.06 -14.01
N GLN D 273 29.50 24.23 -14.30
CA GLN D 273 30.02 24.51 -15.64
C GLN D 273 30.98 23.43 -16.11
N ALA D 274 31.89 23.02 -15.23
CA ALA D 274 32.85 21.98 -15.58
C ALA D 274 32.20 20.65 -15.96
N ARG D 275 30.98 20.40 -15.53
CA ARG D 275 30.31 19.14 -15.87
C ARG D 275 30.00 19.00 -17.35
N PHE D 276 29.90 20.10 -18.08
CA PHE D 276 29.35 20.09 -19.43
C PHE D 276 30.42 20.04 -20.50
N VAL D 277 30.19 19.20 -21.51
CA VAL D 277 31.05 19.19 -22.68
C VAL D 277 30.90 20.49 -23.45
N LYS D 278 29.67 20.90 -23.70
CA LYS D 278 29.42 21.94 -24.67
C LYS D 278 28.23 22.78 -24.24
N GLN D 279 28.37 24.09 -24.44
CA GLN D 279 27.29 25.03 -24.22
C GLN D 279 26.88 25.60 -25.56
N ILE D 280 25.58 25.63 -25.82
CA ILE D 280 25.03 26.19 -27.05
C ILE D 280 24.12 27.34 -26.68
N ASP D 281 24.37 28.49 -27.29
CA ASP D 281 23.58 29.69 -27.04
C ASP D 281 22.46 29.83 -28.06
N PHE D 282 21.25 30.01 -27.57
CA PHE D 282 20.09 30.26 -28.42
C PHE D 282 19.74 31.74 -28.29
N ARG D 283 19.47 32.39 -29.42
CA ARG D 283 19.04 33.77 -29.37
C ARG D 283 17.83 34.00 -30.27
N PRO D 284 16.87 34.82 -29.83
CA PRO D 284 15.75 35.18 -30.71
C PRO D 284 16.24 35.84 -31.99
N LYS D 285 15.56 35.54 -33.10
CA LYS D 285 15.82 36.17 -34.38
C LYS D 285 14.51 36.49 -35.06
N ASP D 286 14.30 37.77 -35.38
CA ASP D 286 13.01 38.22 -35.89
C ASP D 286 12.62 37.56 -37.19
N TYR D 287 13.59 37.31 -38.08
CA TYR D 287 13.24 36.75 -39.37
C TYR D 287 12.64 35.35 -39.24
N LEU D 288 13.05 34.57 -38.25
CA LEU D 288 12.36 33.31 -37.99
C LEU D 288 10.93 33.55 -37.55
N LYS D 289 10.71 34.57 -36.73
CA LYS D 289 9.38 34.86 -36.24
C LYS D 289 8.44 35.27 -37.36
N HIS D 290 8.86 36.21 -38.19
CA HIS D 290 8.06 36.62 -39.34
C HIS D 290 7.89 35.49 -40.35
N CYS D 291 8.90 34.64 -40.51
CA CYS D 291 8.72 33.47 -41.36
C CYS D 291 7.65 32.55 -40.81
N LEU D 292 7.72 32.21 -39.52
CA LEU D 292 6.72 31.34 -38.92
C LEU D 292 5.31 31.88 -39.10
N GLU D 293 5.12 33.19 -38.94
CA GLU D 293 3.82 33.77 -39.22
C GLU D 293 3.30 33.35 -40.59
N ARG D 294 4.13 33.49 -41.61
CA ARG D 294 3.72 33.26 -43.00
C ARG D 294 3.96 31.84 -43.48
N SER D 295 4.13 30.87 -42.57
CA SER D 295 4.42 29.50 -42.95
C SER D 295 3.91 28.53 -41.89
N GLU D 296 2.89 28.95 -41.16
CA GLU D 296 2.40 28.30 -39.94
C GLU D 296 1.96 26.85 -40.10
N PHE D 297 1.76 26.35 -41.32
CA PHE D 297 1.60 24.90 -41.49
C PHE D 297 2.72 24.10 -40.83
N LEU D 298 3.91 24.70 -40.70
CA LEU D 298 4.99 24.12 -39.90
C LEU D 298 4.54 23.86 -38.46
N LEU D 299 3.97 24.87 -37.81
CA LEU D 299 3.52 24.71 -36.44
C LEU D 299 2.30 23.80 -36.37
N GLU D 300 1.34 24.04 -37.25
CA GLU D 300 0.09 23.32 -37.17
C GLU D 300 0.31 21.82 -37.25
N LYS D 301 1.18 21.37 -38.14
CA LYS D 301 1.48 19.95 -38.27
C LYS D 301 2.59 19.49 -37.34
N ARG D 302 3.09 20.37 -36.48
CA ARG D 302 4.19 20.08 -35.57
C ARG D 302 5.47 19.63 -36.27
N ILE D 303 5.70 20.08 -37.50
CA ILE D 303 6.85 19.60 -38.25
C ILE D 303 8.13 19.87 -37.49
N ILE D 304 8.35 21.12 -37.09
CA ILE D 304 9.61 21.50 -36.46
C ILE D 304 9.82 20.87 -35.10
N GLN D 305 8.83 20.17 -34.56
CA GLN D 305 9.03 19.46 -33.30
C GLN D 305 9.65 18.09 -33.49
N SER D 306 9.59 17.52 -34.69
CA SER D 306 9.68 16.08 -34.86
C SER D 306 11.09 15.59 -35.13
N GLY D 307 11.42 14.44 -34.53
CA GLY D 307 12.63 13.74 -34.90
C GLY D 307 12.65 13.33 -36.35
N ILE D 308 11.48 13.08 -36.93
CA ILE D 308 11.37 12.79 -38.35
C ILE D 308 12.01 13.90 -39.18
N ALA D 309 11.79 15.15 -38.78
CA ALA D 309 12.44 16.26 -39.49
C ALA D 309 13.95 16.22 -39.35
N LEU D 310 14.46 15.96 -38.15
CA LEU D 310 15.92 15.91 -37.98
C LEU D 310 16.54 14.78 -38.77
N LEU D 311 15.83 13.65 -38.87
CA LEU D 311 16.36 12.54 -39.64
C LEU D 311 16.48 12.91 -41.11
N LEU D 312 15.46 13.61 -41.64
CA LEU D 312 15.57 14.11 -43.01
C LEU D 312 16.76 15.05 -43.15
N MET D 313 17.01 15.88 -42.13
CA MET D 313 18.17 16.75 -42.19
C MET D 313 19.45 15.96 -42.28
N LEU D 314 19.59 14.91 -41.47
CA LEU D 314 20.76 14.06 -41.55
C LEU D 314 20.87 13.41 -42.92
N ILE D 315 19.77 12.86 -43.43
CA ILE D 315 19.82 12.20 -44.73
C ILE D 315 20.26 13.17 -45.81
N TRP D 316 19.76 14.39 -45.78
CA TRP D 316 20.14 15.35 -46.81
C TRP D 316 21.61 15.75 -46.70
N TYR D 317 22.08 16.02 -45.47
CA TYR D 317 23.40 16.62 -45.31
C TYR D 317 24.56 15.62 -45.12
N ARG D 318 24.36 14.49 -44.45
CA ARG D 318 25.54 13.69 -44.08
C ARG D 318 25.93 12.69 -45.18
N PRO D 319 27.23 12.41 -45.33
CA PRO D 319 27.68 11.32 -46.20
C PRO D 319 27.16 9.96 -45.76
N VAL D 320 26.90 9.09 -46.73
CA VAL D 320 26.32 7.78 -46.46
C VAL D 320 27.19 6.97 -45.50
N ALA D 321 28.51 7.11 -45.62
CA ALA D 321 29.42 6.37 -44.75
C ALA D 321 29.21 6.66 -43.27
N GLU D 322 28.64 7.81 -42.92
CA GLU D 322 28.46 8.17 -41.52
C GLU D 322 27.39 7.34 -40.81
N PHE D 323 26.49 6.72 -41.56
CA PHE D 323 25.44 5.93 -40.95
C PHE D 323 25.91 4.52 -40.64
N ALA D 324 25.25 3.91 -39.65
CA ALA D 324 25.54 2.53 -39.31
C ALA D 324 25.39 1.62 -40.53
N GLN D 325 26.37 0.75 -40.70
CA GLN D 325 26.63 0.12 -41.99
C GLN D 325 25.41 -0.61 -42.54
N SER D 326 24.64 -1.27 -41.68
CA SER D 326 23.48 -2.02 -42.15
C SER D 326 22.42 -1.13 -42.81
N ILE D 327 22.09 0.02 -42.22
CA ILE D 327 21.01 0.84 -42.78
C ILE D 327 21.45 1.72 -43.94
N GLN D 328 22.76 1.79 -44.21
CA GLN D 328 23.24 2.55 -45.35
C GLN D 328 22.49 2.23 -46.64
N SER D 329 22.06 0.98 -46.83
CA SER D 329 21.27 0.63 -48.01
C SER D 329 19.95 1.39 -48.08
N ARG D 330 19.21 1.47 -46.97
CA ARG D 330 17.99 2.28 -46.96
C ARG D 330 18.30 3.76 -47.16
N ILE D 331 19.41 4.23 -46.60
CA ILE D 331 19.73 5.65 -46.68
C ILE D 331 19.94 6.07 -48.12
N VAL D 332 20.64 5.25 -48.90
CA VAL D 332 20.85 5.55 -50.31
C VAL D 332 19.52 5.72 -51.03
N GLU D 333 18.56 4.83 -50.77
CA GLU D 333 17.27 4.93 -51.41
C GLU D 333 16.53 6.20 -51.01
N TRP D 334 16.61 6.61 -49.75
CA TRP D 334 16.02 7.89 -49.37
C TRP D 334 16.76 9.07 -49.97
N LYS D 335 18.09 9.06 -50.00
CA LYS D 335 18.80 10.12 -50.69
C LYS D 335 18.36 10.22 -52.14
N GLU D 336 18.27 9.07 -52.80
CA GLU D 336 17.75 9.02 -54.17
C GLU D 336 16.35 9.64 -54.29
N ARG D 337 15.43 9.30 -53.38
CA ARG D 337 14.13 9.97 -53.40
C ARG D 337 14.28 11.47 -53.33
N LEU D 338 15.04 11.96 -52.34
CA LEU D 338 15.14 13.39 -52.11
C LEU D 338 15.79 14.09 -53.30
N ASP D 339 16.83 13.48 -53.86
CA ASP D 339 17.47 14.05 -55.04
C ASP D 339 16.49 14.16 -56.20
N LYS D 340 15.65 13.15 -56.38
CA LYS D 340 14.62 13.21 -57.40
C LYS D 340 13.59 14.29 -57.09
N GLU D 341 13.19 14.40 -55.83
CA GLU D 341 12.12 15.31 -55.44
C GLU D 341 12.54 16.77 -55.44
N PHE D 342 13.80 17.09 -55.13
CA PHE D 342 14.26 18.47 -55.08
C PHE D 342 15.60 18.66 -55.74
N SER D 343 15.71 19.68 -56.57
CA SER D 343 17.02 20.21 -56.93
C SER D 343 17.56 21.10 -55.82
N LEU D 344 18.88 21.25 -55.81
CA LEU D 344 19.51 22.13 -54.82
C LEU D 344 18.98 23.55 -54.92
N SER D 345 18.69 24.01 -56.13
CA SER D 345 18.11 25.34 -56.30
C SER D 345 16.79 25.47 -55.57
N VAL D 346 15.92 24.46 -55.67
CA VAL D 346 14.65 24.48 -54.95
C VAL D 346 14.90 24.62 -53.46
N TYR D 347 15.74 23.75 -52.91
CA TYR D 347 16.06 23.81 -51.50
C TYR D 347 16.69 25.14 -51.11
N GLN D 348 17.67 25.60 -51.88
CA GLN D 348 18.36 26.83 -51.50
C GLN D 348 17.45 28.05 -51.62
N LYS D 349 16.52 28.05 -52.56
CA LYS D 349 15.51 29.10 -52.60
C LYS D 349 14.73 29.17 -51.30
N MET D 350 14.38 28.02 -50.72
CA MET D 350 13.73 28.03 -49.41
C MET D 350 14.61 28.65 -48.33
N LYS D 351 15.89 28.30 -48.29
CA LYS D 351 16.78 28.88 -47.29
C LYS D 351 16.86 30.39 -47.44
N PHE D 352 16.94 30.86 -48.68
CA PHE D 352 16.91 32.29 -48.92
C PHE D 352 15.63 32.93 -48.39
N ASN D 353 14.47 32.35 -48.71
CA ASN D 353 13.21 32.87 -48.18
C ASN D 353 13.21 32.97 -46.66
N VAL D 354 13.72 31.95 -45.97
CA VAL D 354 13.76 32.01 -44.52
C VAL D 354 14.67 33.15 -44.06
N ALA D 355 15.80 33.33 -44.73
CA ALA D 355 16.65 34.46 -44.39
C ALA D 355 15.96 35.79 -44.61
N MET D 356 15.06 35.87 -45.60
CA MET D 356 14.26 37.08 -45.77
C MET D 356 13.20 37.24 -44.70
N GLY D 357 12.95 36.20 -43.90
CA GLY D 357 11.78 36.19 -43.05
C GLY D 357 10.47 36.11 -43.81
N ILE D 358 10.53 35.85 -45.11
CA ILE D 358 9.35 35.67 -45.93
C ILE D 358 8.84 34.23 -45.78
N GLY D 359 7.57 34.03 -46.12
CA GLY D 359 7.05 32.68 -46.18
C GLY D 359 7.92 31.75 -46.99
N VAL D 360 8.02 30.48 -46.57
CA VAL D 360 9.03 29.59 -47.11
C VAL D 360 8.79 29.29 -48.58
N LEU D 361 7.55 29.30 -49.03
CA LEU D 361 7.18 28.75 -50.33
C LEU D 361 6.91 29.83 -51.36
N ASP D 362 7.49 29.65 -52.54
CA ASP D 362 7.23 30.50 -53.71
C ASP D 362 7.61 29.75 -54.98
N LYS E 1 -26.74 -28.65 -22.28
CA LYS E 1 -26.36 -27.50 -23.09
C LYS E 1 -25.64 -26.47 -22.23
N GLN E 2 -25.05 -25.44 -22.85
CA GLN E 2 -24.08 -24.62 -22.16
C GLN E 2 -24.26 -23.13 -22.46
N VAL E 3 -23.70 -22.32 -21.57
CA VAL E 3 -23.71 -20.87 -21.74
C VAL E 3 -22.91 -20.50 -22.98
N SER E 4 -23.41 -19.52 -23.72
CA SER E 4 -22.59 -18.81 -24.70
C SER E 4 -22.00 -17.56 -24.07
N TRP E 5 -20.69 -17.56 -23.87
CA TRP E 5 -20.01 -16.36 -23.40
C TRP E 5 -20.09 -15.25 -24.44
N LYS E 6 -20.22 -15.64 -25.70
CA LYS E 6 -20.28 -14.69 -26.81
C LYS E 6 -21.49 -13.78 -26.70
N LEU E 7 -22.65 -14.34 -26.36
CA LEU E 7 -23.86 -13.54 -26.20
C LEU E 7 -23.73 -12.52 -25.08
N VAL E 8 -23.09 -12.91 -23.97
CA VAL E 8 -22.84 -11.95 -22.91
C VAL E 8 -21.92 -10.85 -23.39
N THR E 9 -20.89 -11.22 -24.14
CA THR E 9 -19.96 -10.21 -24.66
C THR E 9 -20.68 -9.22 -25.56
N GLU E 10 -21.60 -9.71 -26.40
CA GLU E 10 -22.36 -8.82 -27.26
C GLU E 10 -23.21 -7.84 -26.46
N TYR E 11 -23.95 -8.35 -25.47
CA TYR E 11 -24.75 -7.45 -24.65
C TYR E 11 -23.89 -6.39 -23.99
N ALA E 12 -22.74 -6.80 -23.44
CA ALA E 12 -21.85 -5.84 -22.82
C ALA E 12 -21.41 -4.79 -23.83
N MET E 13 -21.13 -5.21 -25.06
CA MET E 13 -20.71 -4.27 -26.08
C MET E 13 -21.83 -3.32 -26.46
N GLU E 14 -23.01 -3.85 -26.75
CA GLU E 14 -24.13 -3.01 -27.15
C GLU E 14 -24.54 -2.04 -26.05
N THR E 15 -24.50 -2.48 -24.80
CA THR E 15 -24.78 -1.57 -23.70
C THR E 15 -23.57 -0.75 -23.26
N LYS E 16 -22.41 -0.93 -23.87
CA LYS E 16 -21.20 -0.21 -23.48
C LYS E 16 -20.96 -0.26 -21.97
N CYS E 17 -21.18 -1.42 -21.39
CA CYS E 17 -21.17 -1.58 -19.94
C CYS E 17 -19.83 -2.11 -19.49
N ASP E 18 -19.22 -1.44 -18.51
CA ASP E 18 -17.86 -1.78 -18.09
C ASP E 18 -17.72 -1.83 -16.58
N ASP E 19 -18.78 -2.15 -15.87
CA ASP E 19 -18.67 -2.61 -14.48
C ASP E 19 -19.16 -4.05 -14.39
N VAL E 20 -18.35 -4.91 -13.79
CA VAL E 20 -18.68 -6.34 -13.71
C VAL E 20 -19.95 -6.57 -12.91
N LEU E 21 -20.17 -5.79 -11.85
CA LEU E 21 -21.35 -6.01 -11.02
C LEU E 21 -22.61 -5.52 -11.71
N LEU E 22 -22.54 -4.30 -12.28
CA LEU E 22 -23.65 -3.79 -13.06
C LEU E 22 -24.04 -4.76 -14.15
N LEU E 23 -23.07 -5.24 -14.92
CA LEU E 23 -23.36 -6.20 -15.98
C LEU E 23 -23.99 -7.47 -15.42
N LEU E 24 -23.37 -8.04 -14.39
CA LEU E 24 -23.92 -9.25 -13.79
C LEU E 24 -25.36 -9.05 -13.40
N GLY E 25 -25.64 -7.98 -12.66
CA GLY E 25 -26.97 -7.76 -12.15
C GLY E 25 -28.02 -7.72 -13.24
N MET E 26 -27.76 -6.94 -14.28
CA MET E 26 -28.75 -6.80 -15.34
C MET E 26 -28.93 -8.08 -16.13
N TYR E 27 -27.85 -8.81 -16.39
CA TYR E 27 -28.02 -10.00 -17.20
C TYR E 27 -28.86 -11.05 -16.47
N LEU E 28 -28.74 -11.12 -15.16
CA LEU E 28 -29.58 -12.02 -14.36
C LEU E 28 -31.07 -11.73 -14.53
N GLU E 29 -31.44 -10.46 -14.71
CA GLU E 29 -32.85 -10.12 -14.87
C GLU E 29 -33.49 -10.85 -16.05
N PHE E 30 -32.75 -11.09 -17.10
CA PHE E 30 -33.32 -11.74 -18.29
C PHE E 30 -33.72 -13.18 -18.04
N GLN E 31 -33.37 -13.77 -16.91
CA GLN E 31 -33.74 -15.16 -16.64
C GLN E 31 -35.26 -15.33 -16.44
N TYR E 32 -35.94 -14.32 -15.92
CA TYR E 32 -37.38 -14.43 -15.72
C TYR E 32 -38.14 -14.37 -17.02
N SER E 33 -39.31 -15.01 -17.05
CA SER E 33 -40.05 -15.19 -18.28
C SER E 33 -40.27 -13.87 -19.01
N PHE E 34 -39.63 -13.74 -20.17
CA PHE E 34 -39.71 -12.50 -20.91
C PHE E 34 -41.15 -12.10 -21.20
N GLU E 35 -41.98 -13.08 -21.54
CA GLU E 35 -43.33 -12.80 -22.00
C GLU E 35 -44.19 -12.04 -20.98
N MET E 36 -43.88 -12.13 -19.69
CA MET E 36 -44.62 -11.39 -18.68
C MET E 36 -43.90 -10.13 -18.20
N CYS E 37 -42.68 -9.91 -18.63
CA CYS E 37 -41.76 -9.08 -17.88
C CYS E 37 -42.31 -7.68 -17.64
N LEU E 38 -42.61 -7.36 -16.38
CA LEU E 38 -43.20 -6.07 -16.05
C LEU E 38 -42.30 -4.91 -16.44
N LYS E 39 -40.98 -5.08 -16.34
CA LYS E 39 -40.07 -4.03 -16.79
C LYS E 39 -40.22 -3.80 -18.29
N CYS E 40 -40.26 -4.86 -19.08
CA CYS E 40 -40.54 -4.72 -20.50
C CYS E 40 -41.87 -4.01 -20.74
N ILE E 41 -42.91 -4.41 -20.00
CA ILE E 41 -44.25 -3.85 -20.23
C ILE E 41 -44.32 -2.39 -19.82
N LYS E 42 -43.61 -1.99 -18.77
CA LYS E 42 -43.47 -0.56 -18.49
C LYS E 42 -42.62 0.17 -19.53
N LYS E 43 -41.89 -0.55 -20.37
CA LYS E 43 -40.98 0.06 -21.35
C LYS E 43 -40.08 1.12 -20.71
N GLU E 44 -39.65 0.85 -19.49
CA GLU E 44 -38.96 1.89 -18.73
C GLU E 44 -37.49 2.02 -19.13
N GLN E 45 -36.74 0.92 -19.10
CA GLN E 45 -35.30 0.95 -19.35
C GLN E 45 -34.93 0.27 -20.65
N PRO E 46 -34.40 0.99 -21.64
CA PRO E 46 -34.09 0.35 -22.92
C PRO E 46 -33.02 -0.71 -22.78
N SER E 47 -32.02 -0.46 -21.95
CA SER E 47 -31.01 -1.45 -21.62
C SER E 47 -31.60 -2.77 -21.21
N HIS E 48 -32.85 -2.78 -20.77
CA HIS E 48 -33.58 -4.01 -20.53
C HIS E 48 -34.47 -4.38 -21.70
N TYR E 49 -35.46 -3.56 -22.01
CA TYR E 49 -36.56 -4.01 -22.85
C TYR E 49 -36.13 -4.17 -24.30
N LYS E 50 -35.03 -3.52 -24.70
CA LYS E 50 -34.45 -3.77 -26.00
C LYS E 50 -33.95 -5.19 -26.17
N TYR E 51 -33.67 -5.89 -25.07
CA TYR E 51 -32.81 -7.06 -25.13
C TYR E 51 -33.40 -8.30 -24.48
N HIS E 52 -34.28 -8.10 -23.50
CA HIS E 52 -34.74 -9.21 -22.68
C HIS E 52 -35.20 -10.40 -23.53
N GLU E 53 -36.03 -10.13 -24.55
CA GLU E 53 -36.48 -11.21 -25.42
C GLU E 53 -35.34 -11.96 -26.08
N LYS E 54 -34.39 -11.21 -26.67
CA LYS E 54 -33.29 -11.84 -27.39
C LYS E 54 -32.45 -12.74 -26.49
N HIS E 55 -32.12 -12.28 -25.30
CA HIS E 55 -31.15 -12.94 -24.44
C HIS E 55 -31.77 -14.00 -23.53
N TYR E 56 -33.09 -14.08 -23.48
CA TYR E 56 -33.79 -14.88 -22.48
C TYR E 56 -33.23 -16.29 -22.32
N ALA E 57 -33.10 -17.03 -23.42
CA ALA E 57 -32.68 -18.42 -23.32
C ALA E 57 -31.29 -18.57 -22.72
N ASN E 58 -30.34 -17.75 -23.17
CA ASN E 58 -29.00 -17.80 -22.62
C ASN E 58 -28.98 -17.39 -21.15
N ALA E 59 -29.82 -16.42 -20.78
CA ALA E 59 -29.88 -16.00 -19.38
C ALA E 59 -30.33 -17.13 -18.47
N ALA E 60 -31.29 -17.94 -18.89
CA ALA E 60 -31.72 -19.06 -18.08
C ALA E 60 -30.57 -20.03 -17.81
N ILE E 61 -29.81 -20.37 -18.85
CA ILE E 61 -28.70 -21.30 -18.66
C ILE E 61 -27.60 -20.65 -17.83
N PHE E 62 -27.35 -19.37 -18.05
CA PHE E 62 -26.41 -18.61 -17.23
C PHE E 62 -26.83 -18.59 -15.77
N ALA E 63 -28.13 -18.57 -15.49
CA ALA E 63 -28.58 -18.56 -14.10
C ALA E 63 -28.14 -19.79 -13.33
N ASP E 64 -27.97 -20.93 -13.99
CA ASP E 64 -27.45 -22.12 -13.35
C ASP E 64 -25.93 -22.22 -13.33
N SER E 65 -25.22 -21.35 -14.03
CA SER E 65 -23.77 -21.48 -14.13
C SER E 65 -23.08 -21.36 -12.78
N LYS E 66 -21.93 -22.01 -12.67
CA LYS E 66 -21.07 -21.95 -11.50
C LYS E 66 -19.91 -20.97 -11.64
N ASN E 67 -19.72 -20.38 -12.82
CA ASN E 67 -18.54 -19.58 -13.13
C ASN E 67 -18.86 -18.10 -13.24
N GLN E 68 -20.04 -17.69 -12.78
CA GLN E 68 -20.70 -16.51 -13.34
C GLN E 68 -19.79 -15.29 -13.41
N LYS E 69 -19.07 -15.00 -12.33
CA LYS E 69 -18.26 -13.79 -12.34
C LYS E 69 -17.13 -13.84 -13.37
N THR E 70 -16.55 -15.02 -13.60
CA THR E 70 -15.50 -15.13 -14.61
C THR E 70 -16.04 -14.80 -15.99
N ILE E 71 -17.26 -15.24 -16.30
CA ILE E 71 -17.88 -14.89 -17.57
C ILE E 71 -17.98 -13.38 -17.70
N CYS E 72 -18.50 -12.71 -16.67
CA CYS E 72 -18.67 -11.28 -16.71
C CYS E 72 -17.35 -10.53 -16.74
N GLN E 73 -16.32 -11.05 -16.10
CA GLN E 73 -15.03 -10.38 -16.14
C GLN E 73 -14.48 -10.33 -17.56
N GLN E 74 -14.54 -11.46 -18.28
CA GLN E 74 -14.11 -11.46 -19.67
C GLN E 74 -14.92 -10.49 -20.51
N ALA E 75 -16.23 -10.41 -20.29
CA ALA E 75 -17.06 -9.49 -21.04
C ALA E 75 -16.65 -8.04 -20.79
N VAL E 76 -16.40 -7.67 -19.54
CA VAL E 76 -15.99 -6.31 -19.21
C VAL E 76 -14.63 -5.99 -19.85
N ASP E 77 -13.72 -6.95 -19.86
CA ASP E 77 -12.43 -6.72 -20.51
C ASP E 77 -12.61 -6.36 -21.98
N THR E 78 -13.54 -7.03 -22.66
CA THR E 78 -13.80 -6.73 -24.06
C THR E 78 -14.23 -5.28 -24.25
N VAL E 79 -15.09 -4.78 -23.36
CA VAL E 79 -15.54 -3.39 -23.47
C VAL E 79 -14.40 -2.42 -23.15
N LEU E 80 -13.62 -2.72 -22.11
CA LEU E 80 -12.46 -1.87 -21.80
C LEU E 80 -11.45 -1.87 -22.93
N ALA E 81 -11.21 -3.03 -23.54
CA ALA E 81 -10.24 -3.10 -24.63
C ALA E 81 -10.69 -2.22 -25.78
N LYS E 82 -11.96 -2.29 -26.14
CA LYS E 82 -12.50 -1.46 -27.21
C LYS E 82 -12.22 0.03 -26.96
N LYS E 83 -12.48 0.49 -25.74
CA LYS E 83 -12.21 1.89 -25.41
C LYS E 83 -10.77 2.26 -25.65
N ARG E 84 -9.84 1.40 -25.22
CA ARG E 84 -8.43 1.74 -25.33
C ARG E 84 -7.95 1.74 -26.78
N VAL E 85 -8.43 0.80 -27.60
CA VAL E 85 -8.13 0.85 -29.03
C VAL E 85 -8.61 2.17 -29.60
N ASP E 86 -9.85 2.54 -29.30
CA ASP E 86 -10.39 3.80 -29.80
C ASP E 86 -9.58 5.00 -29.31
N SER E 87 -9.22 5.02 -28.02
CA SER E 87 -8.42 6.12 -27.51
C SER E 87 -7.17 6.37 -28.36
N LEU E 88 -6.57 5.31 -28.88
CA LEU E 88 -5.33 5.47 -29.61
C LEU E 88 -5.50 5.70 -31.11
N GLN E 89 -6.64 5.34 -31.70
CA GLN E 89 -6.74 5.34 -33.15
C GLN E 89 -7.76 6.30 -33.76
N LEU E 90 -8.74 6.78 -33.00
CA LEU E 90 -9.75 7.66 -33.57
C LEU E 90 -9.18 9.04 -33.86
N THR E 91 -9.70 9.68 -34.90
CA THR E 91 -9.52 11.10 -35.06
C THR E 91 -10.38 11.85 -34.06
N ARG E 92 -9.94 13.05 -33.70
CA ARG E 92 -10.74 13.89 -32.81
C ARG E 92 -12.13 14.13 -33.37
N GLU E 93 -12.26 14.22 -34.69
CA GLU E 93 -13.56 14.49 -35.28
C GLU E 93 -14.50 13.30 -35.17
N GLN E 94 -13.96 12.09 -35.28
CA GLN E 94 -14.77 10.90 -35.04
C GLN E 94 -15.17 10.79 -33.57
N MET E 95 -14.26 11.14 -32.66
CA MET E 95 -14.62 11.11 -31.25
C MET E 95 -15.82 11.99 -30.97
N LEU E 96 -15.82 13.20 -31.51
CA LEU E 96 -16.95 14.08 -31.31
C LEU E 96 -18.21 13.53 -31.97
N THR E 97 -18.06 12.96 -33.16
CA THR E 97 -19.22 12.32 -33.80
C THR E 97 -19.81 11.22 -32.93
N ASN E 98 -18.95 10.42 -32.30
CA ASN E 98 -19.45 9.37 -31.41
C ASN E 98 -20.13 9.95 -30.20
N ARG E 99 -19.52 10.98 -29.61
CA ARG E 99 -20.11 11.69 -28.50
C ARG E 99 -21.49 12.26 -28.84
N PHE E 100 -21.66 12.79 -30.05
CA PHE E 100 -22.96 13.28 -30.48
C PHE E 100 -24.00 12.18 -30.60
N ASN E 101 -23.63 11.07 -31.24
CA ASN E 101 -24.57 9.97 -31.40
C ASN E 101 -25.16 9.52 -30.07
N ASP E 102 -24.33 9.47 -29.02
CA ASP E 102 -24.84 9.12 -27.70
C ASP E 102 -25.93 10.08 -27.22
N LEU E 103 -25.72 11.38 -27.40
CA LEU E 103 -26.73 12.33 -26.96
C LEU E 103 -28.00 12.22 -27.80
N LEU E 104 -27.86 12.02 -29.10
CA LEU E 104 -29.03 11.85 -29.94
C LEU E 104 -29.86 10.64 -29.53
N ASP E 105 -29.21 9.54 -29.14
CA ASP E 105 -29.93 8.42 -28.54
C ASP E 105 -30.71 8.82 -27.30
N ARG E 106 -30.06 9.52 -26.37
CA ARG E 106 -30.76 9.94 -25.16
C ARG E 106 -31.94 10.85 -25.48
N MET E 107 -31.79 11.72 -26.47
CA MET E 107 -32.88 12.62 -26.84
C MET E 107 -34.05 11.86 -27.44
N ASP E 108 -33.78 10.83 -28.24
CA ASP E 108 -34.86 9.99 -28.75
C ASP E 108 -35.69 9.40 -27.61
N ILE E 109 -35.07 9.14 -26.46
CA ILE E 109 -35.81 8.69 -25.29
C ILE E 109 -36.58 9.85 -24.69
N MET E 110 -35.88 10.92 -24.33
CA MET E 110 -36.47 11.97 -23.53
C MET E 110 -37.71 12.55 -24.17
N PHE E 111 -37.70 12.68 -25.49
CA PHE E 111 -38.81 13.23 -26.26
C PHE E 111 -39.50 12.18 -27.10
N GLY E 112 -39.23 10.90 -26.85
CA GLY E 112 -40.01 9.84 -27.43
C GLY E 112 -41.40 9.77 -26.82
N SER E 113 -42.06 8.64 -27.08
CA SER E 113 -43.36 8.36 -26.47
C SER E 113 -43.28 8.38 -24.95
N THR E 114 -42.20 7.85 -24.38
CA THR E 114 -42.01 7.94 -22.94
C THR E 114 -41.98 9.38 -22.47
N GLY E 115 -41.53 10.30 -23.31
CA GLY E 115 -41.86 11.71 -23.17
C GLY E 115 -41.52 12.29 -21.81
N SER E 116 -40.45 11.77 -21.19
CA SER E 116 -40.19 12.07 -19.80
C SER E 116 -39.93 13.55 -19.55
N ALA E 117 -39.64 14.32 -20.59
CA ALA E 117 -39.62 15.78 -20.51
C ALA E 117 -40.22 16.33 -21.80
N ASP E 118 -40.60 17.60 -21.77
CA ASP E 118 -41.29 18.22 -22.89
C ASP E 118 -40.31 19.06 -23.70
N ILE E 119 -40.23 18.75 -24.99
CA ILE E 119 -39.39 19.46 -25.95
C ILE E 119 -39.62 20.96 -25.95
N GLU E 120 -40.84 21.40 -25.67
CA GLU E 120 -41.10 22.83 -25.53
C GLU E 120 -40.37 23.45 -24.35
N GLU E 121 -40.28 22.74 -23.23
CA GLU E 121 -39.50 23.26 -22.12
C GLU E 121 -38.04 23.37 -22.48
N TRP E 122 -37.51 22.39 -23.18
CA TRP E 122 -36.11 22.46 -23.62
C TRP E 122 -35.88 23.56 -24.65
N MET E 123 -36.82 23.79 -25.56
CA MET E 123 -36.69 24.90 -26.49
C MET E 123 -36.74 26.25 -25.78
N ALA E 124 -37.45 26.35 -24.66
CA ALA E 124 -37.34 27.55 -23.85
C ALA E 124 -35.90 27.76 -23.40
N GLY E 125 -35.23 26.67 -22.98
CA GLY E 125 -33.83 26.77 -22.61
C GLY E 125 -32.96 27.29 -23.74
N VAL E 126 -33.14 26.75 -24.95
CA VAL E 126 -32.36 27.21 -26.09
C VAL E 126 -32.52 28.71 -26.29
N ALA E 127 -33.75 29.21 -26.23
CA ALA E 127 -33.96 30.64 -26.37
C ALA E 127 -33.20 31.44 -25.31
N TRP E 128 -33.28 31.01 -24.06
CA TRP E 128 -32.60 31.75 -22.98
C TRP E 128 -31.08 31.73 -23.16
N LEU E 129 -30.52 30.57 -23.46
CA LEU E 129 -29.09 30.51 -23.74
C LEU E 129 -28.71 31.43 -24.89
N HIS E 130 -29.49 31.42 -25.96
CA HIS E 130 -29.14 32.24 -27.11
C HIS E 130 -29.01 33.72 -26.75
N CYS E 131 -29.74 34.19 -25.76
CA CYS E 131 -29.65 35.60 -25.37
C CYS E 131 -28.48 35.90 -24.45
N LEU E 132 -27.72 34.91 -24.02
CA LEU E 132 -26.63 35.19 -23.09
C LEU E 132 -25.49 35.94 -23.74
N LEU E 133 -25.16 35.62 -24.99
CA LEU E 133 -24.12 36.32 -25.73
C LEU E 133 -24.53 36.51 -27.18
N PRO E 134 -24.06 37.59 -27.82
CA PRO E 134 -24.25 37.73 -29.27
C PRO E 134 -23.81 36.50 -30.04
N LYS E 135 -24.56 36.17 -31.09
CA LYS E 135 -24.15 35.15 -32.05
C LYS E 135 -23.80 33.83 -31.38
N MET E 136 -24.56 33.50 -30.33
CA MET E 136 -24.29 32.34 -29.49
C MET E 136 -24.04 31.06 -30.29
N ASP E 137 -24.87 30.79 -31.30
CA ASP E 137 -24.68 29.56 -32.06
C ASP E 137 -23.37 29.57 -32.84
N SER E 138 -23.03 30.72 -33.42
CA SER E 138 -21.77 30.81 -34.14
C SER E 138 -20.60 30.64 -33.20
N VAL E 139 -20.68 31.26 -32.02
CA VAL E 139 -19.68 31.07 -30.98
C VAL E 139 -19.47 29.59 -30.66
N VAL E 140 -20.57 28.85 -30.48
CA VAL E 140 -20.43 27.43 -30.16
C VAL E 140 -19.80 26.68 -31.33
N TYR E 141 -20.22 26.97 -32.56
CA TYR E 141 -19.64 26.26 -33.69
C TYR E 141 -18.14 26.48 -33.76
N ASP E 142 -17.72 27.74 -33.65
CA ASP E 142 -16.29 28.05 -33.66
C ASP E 142 -15.57 27.32 -32.54
N PHE E 143 -16.13 27.32 -31.34
CA PHE E 143 -15.46 26.63 -30.24
C PHE E 143 -15.28 25.16 -30.52
N LEU E 144 -16.31 24.48 -31.03
CA LEU E 144 -16.17 23.07 -31.36
C LEU E 144 -15.10 22.85 -32.42
N LYS E 145 -15.14 23.64 -33.50
CA LYS E 145 -14.13 23.44 -34.53
C LYS E 145 -12.74 23.58 -33.94
N CYS E 146 -12.56 24.58 -33.09
CA CYS E 146 -11.28 24.80 -32.42
C CYS E 146 -10.83 23.58 -31.64
N MET E 147 -11.73 22.98 -30.86
CA MET E 147 -11.36 21.78 -30.13
C MET E 147 -11.06 20.61 -31.07
N VAL E 148 -11.78 20.51 -32.18
CA VAL E 148 -11.56 19.39 -33.09
C VAL E 148 -10.22 19.51 -33.80
N TYR E 149 -9.86 20.70 -34.27
CA TYR E 149 -8.56 20.87 -34.91
C TYR E 149 -7.42 20.86 -33.90
N ASN E 150 -7.62 21.42 -32.72
CA ASN E 150 -6.58 21.42 -31.69
C ASN E 150 -5.26 22.00 -32.20
N ILE E 151 -5.34 23.12 -32.92
CA ILE E 151 -4.15 23.76 -33.49
C ILE E 151 -3.26 24.32 -32.40
N PRO E 152 -1.98 23.95 -32.34
CA PRO E 152 -1.12 24.43 -31.26
C PRO E 152 -1.00 25.96 -31.18
N LYS E 153 -0.81 26.44 -29.95
CA LYS E 153 -0.98 27.83 -29.53
C LYS E 153 -2.40 28.36 -29.68
N LYS E 154 -3.06 28.08 -30.80
CA LYS E 154 -4.43 28.53 -31.02
C LYS E 154 -5.43 27.57 -30.36
N ARG E 155 -5.36 27.45 -29.03
CA ARG E 155 -6.04 26.36 -28.34
C ARG E 155 -6.93 26.75 -27.16
N TYR E 156 -6.84 27.96 -26.63
CA TYR E 156 -7.46 28.27 -25.35
C TYR E 156 -8.30 29.54 -25.41
N TRP E 157 -9.43 29.51 -24.70
CA TRP E 157 -10.41 30.59 -24.68
C TRP E 157 -10.58 31.09 -23.26
N LEU E 158 -10.76 32.40 -23.10
CA LEU E 158 -10.82 33.06 -21.80
C LEU E 158 -12.21 33.63 -21.51
N PHE E 159 -12.80 33.21 -20.38
CA PHE E 159 -14.11 33.70 -19.95
C PHE E 159 -13.94 34.63 -18.77
N LYS E 160 -14.36 35.88 -18.93
CA LYS E 160 -14.08 36.91 -17.93
C LYS E 160 -15.36 37.66 -17.59
N GLY E 161 -15.57 37.94 -16.31
CA GLY E 161 -16.73 38.70 -15.87
C GLY E 161 -17.10 38.45 -14.43
N PRO E 162 -17.87 39.36 -13.84
CA PRO E 162 -18.17 39.26 -12.39
C PRO E 162 -18.94 38.01 -12.03
N ILE E 163 -19.17 37.78 -10.74
CA ILE E 163 -19.99 36.66 -10.31
C ILE E 163 -21.41 36.76 -10.86
N ASP E 164 -22.06 35.61 -11.01
CA ASP E 164 -23.39 35.52 -11.60
C ASP E 164 -23.46 36.18 -12.97
N SER E 165 -22.40 36.05 -13.75
CA SER E 165 -22.39 36.51 -15.13
C SER E 165 -22.60 35.38 -16.12
N GLY E 166 -22.55 34.12 -15.66
CA GLY E 166 -22.98 32.99 -16.46
C GLY E 166 -21.85 32.18 -17.05
N LYS E 167 -20.62 32.66 -16.93
CA LYS E 167 -19.45 31.92 -17.40
C LYS E 167 -19.42 30.46 -16.94
N THR E 168 -19.58 30.16 -15.66
CA THR E 168 -19.55 28.74 -15.28
C THR E 168 -20.74 27.98 -15.84
N THR E 169 -21.92 28.60 -15.90
CA THR E 169 -23.05 27.94 -16.53
C THR E 169 -22.71 27.46 -17.94
N LEU E 170 -22.10 28.33 -18.74
CA LEU E 170 -21.76 27.97 -20.10
C LEU E 170 -20.67 26.91 -20.14
N ALA E 171 -19.66 27.05 -19.29
CA ALA E 171 -18.60 26.05 -19.24
C ALA E 171 -19.15 24.68 -18.90
N ALA E 172 -20.09 24.61 -17.96
CA ALA E 172 -20.68 23.34 -17.60
C ALA E 172 -21.35 22.68 -18.80
N ALA E 173 -22.09 23.48 -19.58
CA ALA E 173 -22.79 22.95 -20.74
C ALA E 173 -21.81 22.47 -21.81
N LEU E 174 -20.79 23.27 -22.10
CA LEU E 174 -19.78 22.85 -23.06
C LEU E 174 -19.10 21.57 -22.62
N LEU E 175 -18.79 21.47 -21.33
CA LEU E 175 -18.06 20.31 -20.83
C LEU E 175 -18.94 19.07 -20.86
N GLU E 176 -20.22 19.23 -20.55
CA GLU E 176 -21.18 18.15 -20.75
C GLU E 176 -21.29 17.76 -22.21
N LEU E 177 -21.24 18.73 -23.12
CA LEU E 177 -21.34 18.41 -24.53
C LEU E 177 -20.12 17.60 -25.00
N CYS E 178 -18.92 18.11 -24.76
CA CYS E 178 -17.71 17.48 -25.29
C CYS E 178 -17.16 16.37 -24.41
N GLY E 179 -17.43 16.40 -23.11
CA GLY E 179 -16.69 15.58 -22.16
C GLY E 179 -15.37 16.22 -21.76
N GLY E 180 -14.99 16.06 -20.50
CA GLY E 180 -13.78 16.69 -19.99
C GLY E 180 -13.83 16.79 -18.48
N LYS E 181 -12.97 17.66 -17.94
CA LYS E 181 -12.87 17.85 -16.50
C LYS E 181 -12.63 19.32 -16.18
N ALA E 182 -13.09 19.75 -15.02
CA ALA E 182 -12.61 20.99 -14.44
C ALA E 182 -11.31 20.77 -13.66
N LEU E 183 -10.61 21.86 -13.36
CA LEU E 183 -9.41 21.84 -12.55
C LEU E 183 -9.35 23.09 -11.69
N ASN E 184 -8.74 22.97 -10.51
CA ASN E 184 -8.46 24.12 -9.66
C ASN E 184 -6.96 24.30 -9.52
N VAL E 185 -6.45 25.46 -9.94
CA VAL E 185 -5.03 25.75 -9.88
C VAL E 185 -4.69 26.91 -8.95
N ASN E 186 -5.63 27.32 -8.11
CA ASN E 186 -5.29 28.25 -7.03
C ASN E 186 -4.43 27.60 -5.95
N LEU E 187 -4.22 26.29 -6.03
CA LEU E 187 -3.36 25.57 -5.10
C LEU E 187 -1.94 26.13 -5.05
N PRO E 188 -1.23 25.84 -3.96
CA PRO E 188 0.23 26.00 -3.96
C PRO E 188 0.92 25.02 -4.90
N LEU E 189 2.17 25.35 -5.22
CA LEU E 189 2.88 24.75 -6.35
C LEU E 189 3.14 23.26 -6.19
N ASP E 190 3.06 22.73 -4.98
CA ASP E 190 3.33 21.30 -4.78
C ASP E 190 2.16 20.42 -5.23
N ARG E 191 0.97 20.68 -4.70
CA ARG E 191 -0.18 19.83 -4.97
C ARG E 191 -0.55 19.86 -6.44
N LEU E 192 -0.18 20.95 -7.10
CA LEU E 192 -0.46 21.19 -8.51
C LEU E 192 -0.16 19.99 -9.41
N ASN E 193 0.92 19.26 -9.14
CA ASN E 193 1.27 18.13 -9.99
C ASN E 193 0.22 17.03 -10.01
N PHE E 194 -0.37 16.70 -8.87
CA PHE E 194 -1.47 15.75 -8.86
C PHE E 194 -2.75 16.35 -9.42
N GLU E 195 -2.93 17.66 -9.30
CA GLU E 195 -4.09 18.30 -9.92
C GLU E 195 -4.09 18.09 -11.43
N LEU E 196 -2.96 18.37 -12.08
CA LEU E 196 -2.89 18.24 -13.53
C LEU E 196 -3.08 16.81 -14.01
N GLY E 197 -2.82 15.82 -13.16
CA GLY E 197 -3.07 14.42 -13.53
C GLY E 197 -4.51 14.14 -13.92
N VAL E 198 -5.45 14.96 -13.45
CA VAL E 198 -6.85 14.81 -13.82
C VAL E 198 -7.02 14.80 -15.33
N ALA E 199 -6.23 15.61 -16.04
CA ALA E 199 -6.42 15.80 -17.46
C ALA E 199 -6.09 14.58 -18.30
N ILE E 200 -5.53 13.51 -17.70
CA ILE E 200 -5.05 12.40 -18.51
C ILE E 200 -6.16 11.80 -19.35
N ASP E 201 -5.89 11.69 -20.65
CA ASP E 201 -6.79 11.21 -21.70
C ASP E 201 -8.15 11.91 -21.74
N GLN E 202 -8.27 13.14 -21.26
CA GLN E 202 -9.50 13.90 -21.44
C GLN E 202 -9.51 14.60 -22.81
N PHE E 203 -10.71 14.99 -23.24
CA PHE E 203 -10.86 15.79 -24.46
C PHE E 203 -10.75 17.29 -24.19
N LEU E 204 -11.33 17.76 -23.08
CA LEU E 204 -11.25 19.16 -22.68
C LEU E 204 -10.83 19.26 -21.21
N VAL E 205 -10.29 20.41 -20.84
CA VAL E 205 -10.24 20.81 -19.45
C VAL E 205 -10.80 22.22 -19.30
N VAL E 206 -11.31 22.52 -18.12
CA VAL E 206 -11.66 23.87 -17.73
C VAL E 206 -10.85 24.22 -16.50
N PHE E 207 -10.06 25.28 -16.59
CA PHE E 207 -9.46 25.89 -15.42
C PHE E 207 -10.49 26.86 -14.86
N GLU E 208 -11.09 26.51 -13.75
CA GLU E 208 -12.25 27.24 -13.26
C GLU E 208 -11.86 28.15 -12.11
N ASP E 209 -12.19 29.43 -12.28
CA ASP E 209 -11.98 30.46 -11.28
C ASP E 209 -10.54 30.51 -10.81
N VAL E 210 -9.67 30.80 -11.77
CA VAL E 210 -8.32 31.22 -11.47
C VAL E 210 -8.41 32.55 -10.73
N LYS E 211 -7.74 32.64 -9.60
CA LYS E 211 -7.64 33.90 -8.88
C LYS E 211 -6.30 34.55 -9.16
N GLY E 212 -6.34 35.85 -9.42
CA GLY E 212 -5.13 36.63 -9.42
C GLY E 212 -4.63 36.90 -8.02
N THR E 213 -3.35 37.22 -7.93
CA THR E 213 -2.87 37.97 -6.78
C THR E 213 -3.18 39.45 -6.98
N GLY E 214 -3.43 40.14 -5.87
CA GLY E 214 -3.87 41.51 -5.95
C GLY E 214 -5.28 41.62 -6.51
N GLY E 215 -5.60 42.81 -7.01
CA GLY E 215 -6.93 43.06 -7.53
C GLY E 215 -8.00 43.18 -6.49
N GLU E 216 -7.64 43.17 -5.21
CA GLU E 216 -8.56 43.51 -4.13
C GLU E 216 -8.94 44.97 -4.15
N SER E 217 -8.30 45.77 -5.00
CA SER E 217 -8.84 47.06 -5.40
C SER E 217 -10.24 46.91 -5.98
N ARG E 218 -10.50 45.80 -6.66
CA ARG E 218 -11.81 45.42 -7.12
C ARG E 218 -12.51 44.48 -6.13
N ASP E 219 -11.96 44.36 -4.92
CA ASP E 219 -12.34 43.38 -3.91
C ASP E 219 -12.28 41.93 -4.40
N LEU E 220 -11.49 41.66 -5.43
CA LEU E 220 -11.29 40.28 -5.86
C LEU E 220 -10.27 39.61 -4.95
N PRO E 221 -10.64 38.59 -4.16
CA PRO E 221 -9.68 38.03 -3.19
C PRO E 221 -8.50 37.39 -3.90
N SER E 222 -7.31 37.63 -3.37
CA SER E 222 -6.09 37.17 -4.01
C SER E 222 -5.91 35.66 -3.96
N GLY E 223 -5.21 35.14 -4.96
CA GLY E 223 -4.76 33.76 -4.97
C GLY E 223 -3.69 33.57 -6.03
N GLN E 224 -2.98 32.44 -5.92
CA GLN E 224 -1.80 32.21 -6.76
C GLN E 224 -2.13 31.62 -8.13
N GLY E 225 -3.40 31.38 -8.44
CA GLY E 225 -3.75 30.75 -9.69
C GLY E 225 -3.09 31.35 -10.91
N ILE E 226 -3.16 32.68 -11.06
CA ILE E 226 -2.63 33.32 -12.24
C ILE E 226 -1.14 33.02 -12.42
N ASN E 227 -0.36 33.21 -11.36
CA ASN E 227 1.08 33.01 -11.47
C ASN E 227 1.42 31.55 -11.76
N ASN E 228 0.64 30.61 -11.22
CA ASN E 228 0.79 29.21 -11.61
C ASN E 228 0.62 29.02 -13.11
N LEU E 229 -0.44 29.58 -13.69
CA LEU E 229 -0.64 29.44 -15.13
C LEU E 229 0.51 30.03 -15.91
N ASP E 230 0.99 31.21 -15.51
CA ASP E 230 2.05 31.84 -16.27
C ASP E 230 3.30 30.98 -16.31
N ASN E 231 3.49 30.12 -15.31
CA ASN E 231 4.56 29.12 -15.37
C ASN E 231 4.24 27.94 -16.26
N LEU E 232 2.96 27.59 -16.44
CA LEU E 232 2.55 26.41 -17.18
C LEU E 232 2.52 26.59 -18.70
N ARG E 233 3.10 27.65 -19.25
CA ARG E 233 2.97 28.00 -20.66
C ARG E 233 3.09 26.81 -21.62
N ASP E 234 3.99 25.87 -21.32
CA ASP E 234 4.22 24.75 -22.22
C ASP E 234 3.03 23.80 -22.28
N TYR E 235 2.31 23.63 -21.17
CA TYR E 235 1.06 22.87 -21.19
C TYR E 235 0.01 23.54 -22.07
N LEU E 236 -0.10 24.86 -21.99
CA LEU E 236 -1.11 25.57 -22.78
C LEU E 236 -0.80 25.56 -24.26
N ASP E 237 0.43 25.91 -24.64
CA ASP E 237 0.77 26.00 -26.06
C ASP E 237 0.50 24.69 -26.77
N GLY E 238 0.61 23.57 -26.07
CA GLY E 238 0.20 22.29 -26.63
C GLY E 238 1.10 21.79 -27.73
N SER E 239 2.30 22.33 -27.85
CA SER E 239 3.16 22.03 -28.98
C SER E 239 4.05 20.81 -28.76
N VAL E 240 4.24 20.37 -27.52
CA VAL E 240 5.05 19.20 -27.21
C VAL E 240 4.41 18.45 -26.05
N LYS E 241 4.74 17.18 -25.92
CA LYS E 241 4.14 16.35 -24.88
C LYS E 241 4.69 16.71 -23.51
N VAL E 242 3.88 16.42 -22.48
CA VAL E 242 4.21 16.72 -21.10
C VAL E 242 3.92 15.49 -20.25
N ASN E 243 4.50 15.47 -19.06
CA ASN E 243 4.34 14.36 -18.13
C ASN E 243 3.29 14.67 -17.07
N LEU E 244 2.40 13.72 -16.85
CA LEU E 244 1.25 13.89 -15.97
C LEU E 244 1.25 12.80 -14.92
N GLU E 245 0.83 13.15 -13.70
CA GLU E 245 1.00 12.30 -12.53
C GLU E 245 -0.32 12.00 -11.86
N LYS E 246 -0.55 10.74 -11.53
CA LYS E 246 -1.65 10.36 -10.65
C LYS E 246 -1.13 9.77 -9.36
N LYS E 247 -1.87 9.98 -8.29
CA LYS E 247 -1.53 9.45 -6.98
C LYS E 247 -1.32 7.94 -7.05
N HIS E 248 -0.28 7.46 -6.36
CA HIS E 248 0.24 6.11 -6.51
C HIS E 248 0.78 5.78 -7.91
N LEU E 249 0.03 6.05 -8.96
CA LEU E 249 0.36 5.51 -10.27
C LEU E 249 1.57 6.22 -10.89
N ASN E 250 2.11 5.61 -11.95
CA ASN E 250 3.21 6.16 -12.74
C ASN E 250 2.85 7.46 -13.46
N LYS E 251 3.88 8.12 -13.98
CA LYS E 251 3.68 9.21 -14.92
C LYS E 251 3.23 8.70 -16.29
N ARG E 252 2.52 9.55 -17.03
CA ARG E 252 2.28 9.31 -18.45
C ARG E 252 2.54 10.57 -19.26
N THR E 253 2.92 10.38 -20.52
CA THR E 253 3.33 11.45 -21.42
C THR E 253 2.34 11.63 -22.57
N GLN E 254 1.82 12.83 -22.73
CA GLN E 254 0.89 13.12 -23.83
C GLN E 254 0.81 14.63 -24.04
N ILE E 255 0.12 15.04 -25.12
CA ILE E 255 -0.17 16.45 -25.34
C ILE E 255 -1.31 16.88 -24.44
N PHE E 256 -1.13 17.98 -23.76
CA PHE E 256 -2.12 18.44 -22.78
C PHE E 256 -3.34 19.05 -23.48
N PRO E 257 -4.55 18.55 -23.22
CA PRO E 257 -5.72 18.89 -24.07
C PRO E 257 -6.13 20.35 -24.00
N PRO E 258 -6.94 20.80 -24.96
CA PRO E 258 -7.41 22.19 -24.99
C PRO E 258 -8.49 22.44 -23.94
N GLY E 259 -8.85 23.71 -23.77
CA GLY E 259 -9.76 24.04 -22.68
C GLY E 259 -10.13 25.50 -22.56
N ILE E 260 -10.65 25.83 -21.38
CA ILE E 260 -11.31 27.11 -21.11
C ILE E 260 -10.84 27.63 -19.74
N VAL E 261 -10.71 28.95 -19.62
CA VAL E 261 -10.25 29.59 -18.39
C VAL E 261 -11.30 30.59 -17.92
N THR E 262 -11.73 30.47 -16.67
CA THR E 262 -12.75 31.35 -16.11
C THR E 262 -12.19 32.14 -14.96
N MET E 263 -12.59 33.40 -14.84
CA MET E 263 -12.12 34.24 -13.75
C MET E 263 -13.04 35.45 -13.60
N ASN E 264 -12.99 36.05 -12.42
CA ASN E 264 -13.44 37.42 -12.27
C ASN E 264 -12.41 38.37 -12.86
N GLU E 265 -12.67 39.67 -12.73
CA GLU E 265 -11.98 40.67 -13.53
C GLU E 265 -10.59 41.04 -13.00
N TYR E 266 -9.78 40.06 -12.66
CA TYR E 266 -8.37 40.28 -12.31
C TYR E 266 -7.59 40.87 -13.49
N SER E 267 -6.39 41.38 -13.17
CA SER E 267 -5.41 41.76 -14.18
C SER E 267 -4.85 40.53 -14.89
N VAL E 268 -4.13 40.74 -15.99
CA VAL E 268 -3.41 39.65 -16.65
C VAL E 268 -1.97 40.03 -16.95
N PRO E 269 -1.00 39.14 -16.71
CA PRO E 269 0.28 39.24 -17.41
C PRO E 269 0.07 39.18 -18.90
N LYS E 270 0.77 40.05 -19.63
CA LYS E 270 0.68 40.02 -21.09
C LYS E 270 1.18 38.70 -21.67
N THR E 271 2.15 38.07 -21.01
CA THR E 271 2.56 36.71 -21.41
C THR E 271 1.39 35.75 -21.44
N LEU E 272 0.56 35.78 -20.39
CA LEU E 272 -0.59 34.89 -20.34
C LEU E 272 -1.64 35.29 -21.38
N GLN E 273 -1.89 36.59 -21.52
CA GLN E 273 -2.84 37.05 -22.52
C GLN E 273 -2.51 36.54 -23.92
N ALA E 274 -1.23 36.52 -24.28
CA ALA E 274 -0.83 36.09 -25.61
C ALA E 274 -1.17 34.64 -25.93
N ARG E 275 -1.47 33.83 -24.93
CA ARG E 275 -1.76 32.42 -25.13
C ARG E 275 -3.23 32.12 -25.42
N PHE E 276 -4.09 33.12 -25.45
CA PHE E 276 -5.52 32.91 -25.66
C PHE E 276 -5.96 33.28 -27.06
N VAL E 277 -6.79 32.43 -27.66
CA VAL E 277 -7.36 32.70 -28.97
C VAL E 277 -8.45 33.75 -28.90
N LYS E 278 -9.33 33.68 -27.90
CA LYS E 278 -10.36 34.69 -27.74
C LYS E 278 -10.61 34.97 -26.28
N GLN E 279 -10.95 36.23 -26.01
CA GLN E 279 -11.52 36.63 -24.75
C GLN E 279 -13.01 36.85 -24.94
N ILE E 280 -13.81 36.21 -24.11
CA ILE E 280 -15.25 36.40 -24.12
C ILE E 280 -15.62 36.96 -22.76
N ASP E 281 -16.20 38.14 -22.76
CA ASP E 281 -16.56 38.84 -21.55
C ASP E 281 -18.05 38.70 -21.29
N PHE E 282 -18.41 38.41 -20.06
CA PHE E 282 -19.78 38.16 -19.64
C PHE E 282 -20.24 39.31 -18.76
N ARG E 283 -21.43 39.85 -19.03
CA ARG E 283 -21.95 40.96 -18.23
C ARG E 283 -23.32 40.63 -17.67
N PRO E 284 -23.57 40.89 -16.38
CA PRO E 284 -24.93 40.75 -15.85
C PRO E 284 -25.93 41.59 -16.62
N LYS E 285 -27.08 40.99 -16.93
CA LYS E 285 -28.17 41.64 -17.63
C LYS E 285 -29.46 41.36 -16.89
N ASP E 286 -30.14 42.42 -16.45
CA ASP E 286 -31.25 42.28 -15.51
C ASP E 286 -32.40 41.48 -16.08
N TYR E 287 -32.70 41.63 -17.37
CA TYR E 287 -33.85 40.92 -17.93
C TYR E 287 -33.67 39.41 -17.86
N LEU E 288 -32.44 38.92 -18.04
CA LEU E 288 -32.20 37.50 -17.82
C LEU E 288 -32.53 37.12 -16.38
N LYS E 289 -32.11 37.94 -15.42
CA LYS E 289 -32.38 37.66 -14.01
C LYS E 289 -33.88 37.56 -13.74
N HIS E 290 -34.65 38.54 -14.21
CA HIS E 290 -36.10 38.51 -14.02
C HIS E 290 -36.77 37.42 -14.83
N CYS E 291 -36.21 37.07 -15.99
CA CYS E 291 -36.79 36.01 -16.79
C CYS E 291 -36.64 34.66 -16.11
N LEU E 292 -35.45 34.36 -15.59
CA LEU E 292 -35.26 33.14 -14.84
C LEU E 292 -36.21 33.12 -13.65
N GLU E 293 -36.24 34.22 -12.92
CA GLU E 293 -37.13 34.40 -11.79
C GLU E 293 -38.60 34.15 -12.12
N ARG E 294 -39.00 34.21 -13.39
CA ARG E 294 -40.38 33.93 -13.77
C ARG E 294 -40.51 32.76 -14.75
N SER E 295 -39.52 31.88 -14.77
CA SER E 295 -39.59 30.65 -15.56
C SER E 295 -38.67 29.62 -14.91
N GLU E 296 -38.78 29.49 -13.60
CA GLU E 296 -37.82 28.75 -12.80
C GLU E 296 -37.81 27.25 -13.10
N PHE E 297 -38.79 26.73 -13.84
CA PHE E 297 -38.68 25.37 -14.34
C PHE E 297 -37.40 25.14 -15.12
N LEU E 298 -36.86 26.18 -15.75
CA LEU E 298 -35.55 26.09 -16.39
C LEU E 298 -34.49 25.62 -15.40
N LEU E 299 -34.32 26.36 -14.31
CA LEU E 299 -33.34 26.00 -13.31
C LEU E 299 -33.72 24.69 -12.66
N GLU E 300 -34.98 24.55 -12.31
CA GLU E 300 -35.43 23.40 -11.54
C GLU E 300 -35.21 22.10 -12.29
N LYS E 301 -35.40 22.11 -13.60
CA LYS E 301 -35.06 20.94 -14.40
C LYS E 301 -33.59 20.91 -14.81
N ARG E 302 -32.79 21.89 -14.37
CA ARG E 302 -31.40 22.03 -14.77
C ARG E 302 -31.22 22.02 -16.29
N ILE E 303 -32.12 22.69 -16.99
CA ILE E 303 -32.05 22.72 -18.44
C ILE E 303 -30.85 23.51 -18.92
N ILE E 304 -30.67 24.75 -18.43
CA ILE E 304 -29.70 25.63 -19.05
C ILE E 304 -28.26 25.17 -18.83
N GLN E 305 -28.01 24.29 -17.88
CA GLN E 305 -26.67 23.73 -17.72
C GLN E 305 -26.36 22.61 -18.72
N SER E 306 -27.33 22.15 -19.49
CA SER E 306 -27.21 20.87 -20.18
C SER E 306 -26.72 21.00 -21.62
N GLY E 307 -25.80 20.12 -21.97
CA GLY E 307 -25.34 19.96 -23.36
C GLY E 307 -26.43 19.52 -24.31
N ILE E 308 -27.49 18.90 -23.80
CA ILE E 308 -28.64 18.61 -24.65
C ILE E 308 -29.21 19.90 -25.19
N ALA E 309 -29.27 20.94 -24.36
CA ALA E 309 -29.74 22.24 -24.84
C ALA E 309 -28.81 22.80 -25.90
N LEU E 310 -27.49 22.62 -25.76
CA LEU E 310 -26.57 23.12 -26.77
C LEU E 310 -26.75 22.38 -28.07
N LEU E 311 -26.89 21.06 -28.00
CA LEU E 311 -27.12 20.28 -29.22
C LEU E 311 -28.41 20.72 -29.90
N LEU E 312 -29.46 20.97 -29.13
CA LEU E 312 -30.70 21.46 -29.70
C LEU E 312 -30.51 22.80 -30.39
N MET E 313 -29.70 23.67 -29.81
CA MET E 313 -29.44 24.96 -30.43
C MET E 313 -28.72 24.80 -31.76
N LEU E 314 -27.72 23.92 -31.81
CA LEU E 314 -27.00 23.71 -33.06
C LEU E 314 -27.94 23.22 -34.13
N ILE E 315 -28.79 22.25 -33.79
CA ILE E 315 -29.72 21.72 -34.77
C ILE E 315 -30.64 22.83 -35.27
N TRP E 316 -31.10 23.69 -34.37
CA TRP E 316 -32.00 24.74 -34.83
C TRP E 316 -31.33 25.71 -35.78
N TYR E 317 -30.11 26.15 -35.47
CA TYR E 317 -29.49 27.22 -36.23
C TYR E 317 -28.58 26.80 -37.37
N ARG E 318 -27.91 25.64 -37.30
CA ARG E 318 -26.79 25.40 -38.21
C ARG E 318 -27.19 24.61 -39.46
N PRO E 319 -26.56 24.90 -40.60
CA PRO E 319 -26.75 24.07 -41.81
C PRO E 319 -26.33 22.61 -41.63
N VAL E 320 -27.00 21.73 -42.38
CA VAL E 320 -26.77 20.29 -42.27
C VAL E 320 -25.33 19.92 -42.62
N ALA E 321 -24.76 20.54 -43.63
CA ALA E 321 -23.40 20.20 -44.04
C ALA E 321 -22.37 20.48 -42.96
N GLU E 322 -22.66 21.37 -42.03
CA GLU E 322 -21.72 21.64 -40.94
C GLU E 322 -21.55 20.45 -40.02
N PHE E 323 -22.50 19.52 -40.01
CA PHE E 323 -22.37 18.31 -39.20
C PHE E 323 -21.56 17.25 -39.94
N ALA E 324 -20.87 16.42 -39.16
CA ALA E 324 -20.12 15.32 -39.74
C ALA E 324 -21.03 14.39 -40.54
N GLN E 325 -20.53 13.95 -41.69
CA GLN E 325 -21.37 13.34 -42.71
C GLN E 325 -22.15 12.15 -42.18
N SER E 326 -21.52 11.34 -41.31
CA SER E 326 -22.18 10.15 -40.78
C SER E 326 -23.54 10.43 -40.14
N ILE E 327 -23.64 11.45 -39.28
CA ILE E 327 -24.87 11.69 -38.53
C ILE E 327 -25.87 12.58 -39.24
N GLN E 328 -25.54 13.09 -40.43
CA GLN E 328 -26.43 14.03 -41.10
C GLN E 328 -27.84 13.48 -41.28
N SER E 329 -28.01 12.17 -41.44
CA SER E 329 -29.36 11.60 -41.52
C SER E 329 -30.14 11.83 -40.23
N ARG E 330 -29.54 11.54 -39.08
CA ARG E 330 -30.23 11.80 -37.81
C ARG E 330 -30.50 13.28 -37.63
N ILE E 331 -29.57 14.12 -38.09
CA ILE E 331 -29.76 15.56 -38.02
C ILE E 331 -30.99 15.98 -38.83
N VAL E 332 -31.09 15.52 -40.07
CA VAL E 332 -32.21 15.88 -40.91
C VAL E 332 -33.53 15.43 -40.28
N GLU E 333 -33.56 14.20 -39.78
CA GLU E 333 -34.74 13.70 -39.08
C GLU E 333 -35.10 14.59 -37.91
N TRP E 334 -34.12 14.93 -37.08
CA TRP E 334 -34.39 15.78 -35.91
C TRP E 334 -34.78 17.19 -36.30
N LYS E 335 -34.15 17.77 -37.33
CA LYS E 335 -34.59 19.07 -37.81
C LYS E 335 -36.06 19.02 -38.19
N GLU E 336 -36.46 17.99 -38.93
CA GLU E 336 -37.82 17.90 -39.41
C GLU E 336 -38.81 17.73 -38.26
N ARG E 337 -38.46 16.91 -37.27
CA ARG E 337 -39.28 16.82 -36.07
C ARG E 337 -39.45 18.19 -35.43
N LEU E 338 -38.35 18.91 -35.25
CA LEU E 338 -38.40 20.22 -34.61
C LEU E 338 -39.19 21.22 -35.43
N ASP E 339 -38.95 21.26 -36.74
CA ASP E 339 -39.68 22.20 -37.58
C ASP E 339 -41.18 21.94 -37.52
N LYS E 340 -41.57 20.67 -37.52
CA LYS E 340 -42.96 20.33 -37.36
C LYS E 340 -43.49 20.73 -35.99
N GLU E 341 -42.66 20.58 -34.96
CA GLU E 341 -43.08 20.91 -33.60
C GLU E 341 -43.22 22.41 -33.37
N PHE E 342 -42.20 23.20 -33.70
CA PHE E 342 -42.25 24.65 -33.54
C PHE E 342 -42.23 25.36 -34.87
N SER E 343 -43.29 26.12 -35.13
CA SER E 343 -43.20 27.18 -36.11
C SER E 343 -42.26 28.27 -35.61
N LEU E 344 -41.64 28.97 -36.56
CA LEU E 344 -40.75 30.07 -36.21
C LEU E 344 -41.41 31.10 -35.31
N SER E 345 -42.69 31.39 -35.53
CA SER E 345 -43.38 32.38 -34.71
C SER E 345 -43.39 31.99 -33.24
N VAL E 346 -43.50 30.70 -32.94
CA VAL E 346 -43.41 30.26 -31.55
C VAL E 346 -42.07 30.69 -30.98
N TYR E 347 -40.99 30.34 -31.67
CA TYR E 347 -39.66 30.68 -31.20
C TYR E 347 -39.47 32.19 -31.12
N GLN E 348 -39.94 32.93 -32.12
CA GLN E 348 -39.89 34.39 -32.06
C GLN E 348 -40.58 34.92 -30.81
N LYS E 349 -41.75 34.40 -30.49
CA LYS E 349 -42.45 34.85 -29.29
C LYS E 349 -41.65 34.51 -28.03
N MET E 350 -41.14 33.28 -27.95
CA MET E 350 -40.31 32.93 -26.79
C MET E 350 -39.13 33.89 -26.68
N LYS E 351 -38.45 34.13 -27.80
CA LYS E 351 -37.27 34.96 -27.76
C LYS E 351 -37.61 36.38 -27.34
N PHE E 352 -38.67 36.93 -27.92
CA PHE E 352 -39.12 38.26 -27.52
C PHE E 352 -39.62 38.32 -26.08
N ASN E 353 -40.27 37.25 -25.58
CA ASN E 353 -40.57 37.21 -24.15
C ASN E 353 -39.30 37.33 -23.31
N VAL E 354 -38.26 36.58 -23.66
CA VAL E 354 -37.02 36.69 -22.88
C VAL E 354 -36.46 38.10 -22.98
N ALA E 355 -36.53 38.70 -24.16
CA ALA E 355 -36.07 40.06 -24.32
C ALA E 355 -36.81 41.01 -23.39
N MET E 356 -38.12 40.82 -23.22
CA MET E 356 -38.91 41.57 -22.27
C MET E 356 -38.69 41.14 -20.82
N GLY E 357 -37.92 40.09 -20.57
CA GLY E 357 -37.63 39.66 -19.22
C GLY E 357 -38.80 39.06 -18.48
N ILE E 358 -39.98 38.99 -19.10
CA ILE E 358 -41.11 38.23 -18.58
C ILE E 358 -40.78 36.74 -18.66
N GLY E 359 -41.58 35.91 -17.99
CA GLY E 359 -41.50 34.48 -18.17
C GLY E 359 -41.55 34.08 -19.63
N VAL E 360 -40.80 33.02 -19.98
CA VAL E 360 -40.61 32.69 -21.40
C VAL E 360 -41.92 32.33 -22.09
N LEU E 361 -42.88 31.79 -21.36
CA LEU E 361 -44.01 31.09 -21.96
C LEU E 361 -45.26 31.94 -21.93
N ASP E 362 -45.93 32.06 -23.08
CA ASP E 362 -47.27 32.62 -23.15
C ASP E 362 -47.96 32.19 -24.44
N LYS F 1 -25.75 -36.99 -6.22
CA LYS F 1 -26.48 -35.74 -6.35
C LYS F 1 -25.69 -34.61 -5.74
N GLN F 2 -26.09 -33.37 -6.00
CA GLN F 2 -25.20 -32.24 -5.84
C GLN F 2 -25.93 -31.01 -5.28
N VAL F 3 -25.13 -30.12 -4.71
CA VAL F 3 -25.63 -28.85 -4.20
C VAL F 3 -26.25 -28.08 -5.35
N SER F 4 -27.46 -27.61 -5.16
CA SER F 4 -27.98 -26.57 -6.05
C SER F 4 -27.43 -25.23 -5.61
N TRP F 5 -26.60 -24.63 -6.47
CA TRP F 5 -26.14 -23.27 -6.25
C TRP F 5 -27.29 -22.28 -6.33
N LYS F 6 -28.29 -22.62 -7.14
CA LYS F 6 -29.46 -21.77 -7.35
C LYS F 6 -30.23 -21.54 -6.06
N LEU F 7 -30.51 -22.61 -5.32
CA LEU F 7 -31.26 -22.46 -4.08
C LEU F 7 -30.53 -21.58 -3.08
N VAL F 8 -29.21 -21.74 -2.95
CA VAL F 8 -28.44 -20.86 -2.09
C VAL F 8 -28.60 -19.41 -2.52
N THR F 9 -28.57 -19.16 -3.82
CA THR F 9 -28.71 -17.79 -4.30
C THR F 9 -30.10 -17.22 -4.01
N GLU F 10 -31.15 -18.05 -4.12
CA GLU F 10 -32.48 -17.59 -3.72
C GLU F 10 -32.49 -17.10 -2.28
N TYR F 11 -31.97 -17.92 -1.38
CA TYR F 11 -32.01 -17.56 0.04
C TYR F 11 -31.28 -16.24 0.28
N ALA F 12 -30.12 -16.06 -0.35
CA ALA F 12 -29.42 -14.79 -0.21
C ALA F 12 -30.27 -13.63 -0.70
N MET F 13 -30.94 -13.79 -1.85
CA MET F 13 -31.81 -12.73 -2.34
C MET F 13 -32.93 -12.46 -1.36
N GLU F 14 -33.59 -13.53 -0.90
CA GLU F 14 -34.75 -13.37 -0.03
C GLU F 14 -34.37 -12.73 1.29
N THR F 15 -33.28 -13.17 1.89
CA THR F 15 -32.81 -12.56 3.12
C THR F 15 -32.10 -11.23 2.89
N LYS F 16 -31.74 -10.94 1.65
CA LYS F 16 -30.90 -9.79 1.33
C LYS F 16 -29.60 -9.84 2.12
N CYS F 17 -29.15 -11.04 2.45
CA CYS F 17 -27.87 -11.20 3.10
C CYS F 17 -26.76 -10.79 2.13
N ASP F 18 -25.80 -10.01 2.61
CA ASP F 18 -24.65 -9.66 1.78
C ASP F 18 -23.35 -9.70 2.55
N ASP F 19 -23.24 -10.59 3.54
CA ASP F 19 -21.95 -10.98 4.08
C ASP F 19 -21.77 -12.47 3.90
N VAL F 20 -20.63 -12.85 3.33
CA VAL F 20 -20.39 -14.25 2.98
C VAL F 20 -20.33 -15.14 4.22
N LEU F 21 -19.72 -14.65 5.30
CA LEU F 21 -19.65 -15.46 6.52
C LEU F 21 -21.02 -15.67 7.11
N LEU F 22 -21.81 -14.61 7.14
CA LEU F 22 -23.15 -14.68 7.68
C LEU F 22 -24.01 -15.66 6.88
N LEU F 23 -23.99 -15.53 5.56
CA LEU F 23 -24.69 -16.49 4.71
C LEU F 23 -24.24 -17.91 5.00
N LEU F 24 -22.93 -18.13 5.04
CA LEU F 24 -22.40 -19.47 5.30
C LEU F 24 -22.93 -20.01 6.62
N GLY F 25 -22.80 -19.22 7.68
CA GLY F 25 -23.18 -19.69 8.99
C GLY F 25 -24.63 -20.11 9.04
N MET F 26 -25.52 -19.23 8.59
CA MET F 26 -26.94 -19.50 8.72
C MET F 26 -27.37 -20.67 7.87
N TYR F 27 -26.83 -20.78 6.65
CA TYR F 27 -27.27 -21.85 5.79
C TYR F 27 -26.86 -23.21 6.34
N LEU F 28 -25.70 -23.28 7.00
CA LEU F 28 -25.28 -24.53 7.61
C LEU F 28 -26.25 -25.00 8.69
N GLU F 29 -26.93 -24.07 9.37
CA GLU F 29 -27.87 -24.46 10.40
C GLU F 29 -28.98 -25.34 9.86
N PHE F 30 -29.34 -25.20 8.60
CA PHE F 30 -30.42 -25.98 8.02
C PHE F 30 -30.09 -27.46 7.86
N GLN F 31 -28.83 -27.87 8.08
CA GLN F 31 -28.46 -29.24 7.78
C GLN F 31 -29.11 -30.26 8.71
N TYR F 32 -29.47 -29.88 9.93
CA TYR F 32 -30.23 -30.79 10.77
C TYR F 32 -31.67 -30.88 10.28
N SER F 33 -32.36 -31.94 10.66
CA SER F 33 -33.75 -32.08 10.23
C SER F 33 -34.58 -30.90 10.72
N PHE F 34 -35.24 -30.23 9.77
CA PHE F 34 -36.20 -29.20 10.15
C PHE F 34 -37.30 -29.81 11.00
N GLU F 35 -37.58 -31.10 10.78
CA GLU F 35 -38.65 -31.80 11.45
C GLU F 35 -38.60 -31.69 12.96
N MET F 36 -37.41 -31.60 13.54
CA MET F 36 -37.26 -31.43 14.98
C MET F 36 -36.59 -30.11 15.33
N CYS F 37 -36.42 -29.22 14.36
CA CYS F 37 -35.56 -28.08 14.56
C CYS F 37 -36.06 -27.19 15.69
N LEU F 38 -35.30 -27.15 16.78
CA LEU F 38 -35.72 -26.41 17.97
C LEU F 38 -35.81 -24.91 17.74
N LYS F 39 -34.93 -24.36 16.90
CA LYS F 39 -35.06 -22.95 16.53
C LYS F 39 -36.37 -22.68 15.79
N CYS F 40 -36.77 -23.59 14.90
CA CYS F 40 -38.11 -23.49 14.31
C CYS F 40 -39.18 -23.58 15.39
N ILE F 41 -39.10 -24.59 16.25
CA ILE F 41 -40.15 -24.83 17.22
C ILE F 41 -40.30 -23.63 18.15
N LYS F 42 -39.19 -23.01 18.55
CA LYS F 42 -39.21 -21.82 19.38
C LYS F 42 -39.53 -20.53 18.61
N LYS F 43 -39.63 -20.60 17.28
CA LYS F 43 -39.96 -19.45 16.45
C LYS F 43 -39.10 -18.22 16.78
N GLU F 44 -37.80 -18.46 16.93
CA GLU F 44 -36.89 -17.42 17.38
C GLU F 44 -36.63 -16.38 16.29
N GLN F 45 -36.29 -16.84 15.10
CA GLN F 45 -35.80 -15.97 14.02
C GLN F 45 -36.41 -16.32 12.67
N PRO F 46 -37.13 -15.39 12.04
CA PRO F 46 -37.82 -15.76 10.78
C PRO F 46 -36.84 -16.13 9.69
N SER F 47 -35.71 -15.44 9.64
CA SER F 47 -34.65 -15.76 8.70
C SER F 47 -34.21 -17.21 8.79
N HIS F 48 -34.46 -17.87 9.91
CA HIS F 48 -34.31 -19.32 9.96
C HIS F 48 -35.63 -20.03 9.69
N TYR F 49 -36.63 -19.84 10.55
CA TYR F 49 -37.73 -20.79 10.56
C TYR F 49 -38.61 -20.69 9.32
N LYS F 50 -38.58 -19.56 8.62
CA LYS F 50 -39.30 -19.45 7.36
C LYS F 50 -38.70 -20.27 6.24
N TYR F 51 -37.49 -20.79 6.41
CA TYR F 51 -36.73 -21.31 5.28
C TYR F 51 -36.27 -22.74 5.48
N HIS F 52 -36.05 -23.14 6.73
CA HIS F 52 -35.35 -24.40 6.99
C HIS F 52 -35.98 -25.57 6.25
N GLU F 53 -37.30 -25.72 6.37
CA GLU F 53 -37.96 -26.88 5.76
C GLU F 53 -37.77 -26.93 4.25
N LYS F 54 -37.84 -25.80 3.59
CA LYS F 54 -37.59 -25.76 2.14
C LYS F 54 -36.16 -26.16 1.81
N HIS F 55 -35.19 -25.56 2.49
CA HIS F 55 -33.79 -25.69 2.12
C HIS F 55 -33.13 -26.95 2.68
N TYR F 56 -33.79 -27.68 3.58
CA TYR F 56 -33.17 -28.78 4.31
C TYR F 56 -32.40 -29.75 3.42
N ALA F 57 -33.04 -30.30 2.39
CA ALA F 57 -32.37 -31.32 1.59
C ALA F 57 -31.10 -30.78 0.97
N ASN F 58 -31.16 -29.58 0.43
CA ASN F 58 -29.99 -28.94 -0.16
C ASN F 58 -28.93 -28.62 0.90
N ALA F 59 -29.36 -28.17 2.08
CA ALA F 59 -28.39 -27.86 3.13
C ALA F 59 -27.61 -29.09 3.58
N ALA F 60 -28.24 -30.26 3.62
CA ALA F 60 -27.49 -31.46 3.96
C ALA F 60 -26.34 -31.67 3.00
N ILE F 61 -26.63 -31.66 1.70
CA ILE F 61 -25.59 -31.85 0.69
C ILE F 61 -24.57 -30.72 0.74
N PHE F 62 -25.03 -29.49 1.01
CA PHE F 62 -24.11 -28.37 1.18
C PHE F 62 -23.09 -28.65 2.28
N ALA F 63 -23.53 -29.21 3.40
CA ALA F 63 -22.61 -29.46 4.50
C ALA F 63 -21.53 -30.48 4.13
N ASP F 64 -21.80 -31.35 3.16
CA ASP F 64 -20.77 -32.27 2.67
C ASP F 64 -19.88 -31.68 1.59
N SER F 65 -20.24 -30.55 1.00
CA SER F 65 -19.43 -29.98 -0.06
C SER F 65 -18.04 -29.61 0.44
N LYS F 66 -17.07 -29.74 -0.45
CA LYS F 66 -15.70 -29.31 -0.21
C LYS F 66 -15.44 -27.88 -0.69
N ASN F 67 -16.46 -27.19 -1.19
CA ASN F 67 -16.28 -25.97 -1.97
C ASN F 67 -17.05 -24.80 -1.37
N GLN F 68 -17.40 -24.89 -0.10
CA GLN F 68 -18.56 -24.17 0.43
C GLN F 68 -18.44 -22.66 0.25
N LYS F 69 -17.30 -22.08 0.63
CA LYS F 69 -17.15 -20.63 0.54
C LYS F 69 -17.27 -20.11 -0.89
N THR F 70 -16.91 -20.91 -1.88
CA THR F 70 -17.06 -20.48 -3.26
C THR F 70 -18.53 -20.32 -3.64
N ILE F 71 -19.37 -21.25 -3.20
CA ILE F 71 -20.81 -21.12 -3.43
C ILE F 71 -21.33 -19.82 -2.84
N CYS F 72 -20.93 -19.54 -1.60
CA CYS F 72 -21.42 -18.35 -0.90
C CYS F 72 -20.91 -17.06 -1.53
N GLN F 73 -19.69 -17.05 -2.04
CA GLN F 73 -19.18 -15.84 -2.66
C GLN F 73 -20.03 -15.43 -3.86
N GLN F 74 -20.37 -16.39 -4.72
CA GLN F 74 -21.24 -16.08 -5.84
C GLN F 74 -22.59 -15.57 -5.39
N ALA F 75 -23.19 -16.19 -4.37
CA ALA F 75 -24.48 -15.73 -3.87
C ALA F 75 -24.43 -14.30 -3.35
N VAL F 76 -23.37 -13.95 -2.59
CA VAL F 76 -23.23 -12.58 -2.12
C VAL F 76 -23.02 -11.60 -3.27
N ASP F 77 -22.31 -12.02 -4.31
CA ASP F 77 -22.19 -11.16 -5.49
C ASP F 77 -23.54 -10.83 -6.08
N THR F 78 -24.44 -11.81 -6.13
CA THR F 78 -25.76 -11.60 -6.70
C THR F 78 -26.50 -10.48 -5.97
N VAL F 79 -26.46 -10.49 -4.64
CA VAL F 79 -27.14 -9.45 -3.87
C VAL F 79 -26.49 -8.10 -4.08
N LEU F 80 -25.16 -8.04 -4.07
CA LEU F 80 -24.47 -6.78 -4.32
C LEU F 80 -24.77 -6.24 -5.72
N ALA F 81 -24.78 -7.12 -6.72
CA ALA F 81 -25.12 -6.70 -8.06
C ALA F 81 -26.53 -6.12 -8.13
N LYS F 82 -27.47 -6.79 -7.49
CA LYS F 82 -28.84 -6.28 -7.42
C LYS F 82 -28.89 -4.86 -6.88
N LYS F 83 -28.20 -4.61 -5.77
CA LYS F 83 -28.15 -3.26 -5.21
C LYS F 83 -27.57 -2.25 -6.20
N ARG F 84 -26.45 -2.60 -6.82
CA ARG F 84 -25.81 -1.66 -7.73
C ARG F 84 -26.66 -1.36 -8.96
N VAL F 85 -27.40 -2.35 -9.47
CA VAL F 85 -28.39 -2.05 -10.52
C VAL F 85 -29.38 -1.02 -10.03
N ASP F 86 -30.06 -1.31 -8.93
CA ASP F 86 -31.12 -0.42 -8.45
C ASP F 86 -30.55 0.95 -8.10
N SER F 87 -29.39 0.96 -7.45
CA SER F 87 -28.76 2.23 -7.07
C SER F 87 -28.54 3.14 -8.26
N LEU F 88 -28.24 2.57 -9.43
CA LEU F 88 -28.08 3.38 -10.63
C LEU F 88 -29.42 3.72 -11.28
N GLN F 89 -30.34 2.76 -11.34
CA GLN F 89 -31.54 2.90 -12.14
C GLN F 89 -32.59 3.85 -11.54
N LEU F 90 -32.84 3.79 -10.25
CA LEU F 90 -34.11 4.27 -9.70
C LEU F 90 -34.10 5.75 -9.32
N THR F 91 -35.32 6.30 -9.22
CA THR F 91 -35.57 7.67 -8.81
C THR F 91 -35.39 7.87 -7.31
N ARG F 92 -35.10 9.12 -6.91
CA ARG F 92 -35.03 9.46 -5.49
C ARG F 92 -36.32 9.10 -4.75
N GLU F 93 -37.47 9.24 -5.41
CA GLU F 93 -38.72 8.90 -4.75
C GLU F 93 -38.88 7.40 -4.60
N GLN F 94 -38.53 6.63 -5.64
CA GLN F 94 -38.50 5.18 -5.51
C GLN F 94 -37.60 4.77 -4.36
N MET F 95 -36.43 5.42 -4.27
CA MET F 95 -35.48 5.07 -3.22
C MET F 95 -36.06 5.35 -1.83
N LEU F 96 -36.63 6.54 -1.64
CA LEU F 96 -37.31 6.82 -0.37
C LEU F 96 -38.49 5.88 -0.14
N THR F 97 -39.22 5.53 -1.21
CA THR F 97 -40.31 4.57 -1.08
C THR F 97 -39.82 3.28 -0.45
N ASN F 98 -38.74 2.73 -0.98
CA ASN F 98 -38.22 1.48 -0.47
C ASN F 98 -37.76 1.61 0.97
N ARG F 99 -37.02 2.67 1.29
CA ARG F 99 -36.60 2.87 2.68
C ARG F 99 -37.79 3.00 3.62
N PHE F 100 -38.86 3.67 3.19
CA PHE F 100 -40.07 3.64 4.01
C PHE F 100 -40.55 2.22 4.23
N ASN F 101 -40.67 1.45 3.16
CA ASN F 101 -41.11 0.07 3.29
C ASN F 101 -40.19 -0.71 4.20
N ASP F 102 -38.89 -0.44 4.15
CA ASP F 102 -37.95 -1.13 5.04
C ASP F 102 -38.25 -0.81 6.49
N LEU F 103 -38.38 0.48 6.80
CA LEU F 103 -38.57 0.89 8.19
C LEU F 103 -39.95 0.48 8.67
N LEU F 104 -40.93 0.44 7.76
CA LEU F 104 -42.24 -0.13 8.05
C LEU F 104 -42.19 -1.62 8.30
N ASP F 105 -41.17 -2.32 7.80
CA ASP F 105 -40.92 -3.68 8.26
C ASP F 105 -40.43 -3.72 9.71
N ARG F 106 -39.60 -2.77 10.12
CA ARG F 106 -39.24 -2.74 11.54
C ARG F 106 -40.45 -2.36 12.38
N MET F 107 -41.25 -1.41 11.89
CA MET F 107 -42.53 -1.10 12.50
C MET F 107 -43.37 -2.36 12.66
N ASP F 108 -43.45 -3.17 11.60
CA ASP F 108 -44.16 -4.44 11.64
C ASP F 108 -43.65 -5.36 12.76
N ILE F 109 -42.35 -5.66 12.76
CA ILE F 109 -41.86 -6.70 13.66
C ILE F 109 -41.68 -6.18 15.09
N MET F 110 -41.21 -4.94 15.26
CA MET F 110 -40.95 -4.44 16.60
C MET F 110 -42.19 -4.53 17.49
N PHE F 111 -43.36 -4.22 16.94
CA PHE F 111 -44.62 -4.36 17.64
C PHE F 111 -45.43 -5.56 17.17
N GLY F 112 -44.79 -6.48 16.48
CA GLY F 112 -45.41 -7.74 16.13
C GLY F 112 -45.71 -8.58 17.36
N SER F 113 -45.98 -9.88 17.15
CA SER F 113 -46.33 -10.77 18.26
C SER F 113 -45.29 -10.79 19.38
N THR F 114 -44.03 -10.47 19.09
CA THR F 114 -43.02 -10.37 20.16
C THR F 114 -43.09 -9.06 20.94
N GLY F 115 -43.53 -7.97 20.32
CA GLY F 115 -43.72 -6.71 21.03
C GLY F 115 -42.55 -6.22 21.85
N SER F 116 -41.32 -6.51 21.43
CA SER F 116 -40.17 -6.45 22.32
C SER F 116 -39.81 -5.04 22.75
N ALA F 117 -40.41 -4.01 22.18
CA ALA F 117 -40.58 -2.72 22.82
C ALA F 117 -42.05 -2.37 22.80
N ASP F 118 -42.54 -1.77 23.88
CA ASP F 118 -43.95 -1.39 23.93
C ASP F 118 -44.18 -0.15 23.07
N ILE F 119 -44.97 -0.35 22.03
CA ILE F 119 -45.45 0.69 21.13
C ILE F 119 -45.91 1.95 21.87
N GLU F 120 -46.50 1.77 23.06
CA GLU F 120 -46.87 2.93 23.87
C GLU F 120 -45.68 3.83 24.18
N GLU F 121 -44.52 3.25 24.48
CA GLU F 121 -43.35 4.07 24.70
C GLU F 121 -43.03 4.90 23.47
N TRP F 122 -43.23 4.32 22.29
CA TRP F 122 -42.97 5.06 21.06
C TRP F 122 -44.03 6.12 20.83
N MET F 123 -45.26 5.90 21.32
CA MET F 123 -46.22 6.99 21.37
C MET F 123 -45.71 8.13 22.24
N ALA F 124 -45.18 7.82 23.42
CA ALA F 124 -44.57 8.86 24.22
C ALA F 124 -43.37 9.47 23.52
N GLY F 125 -42.66 8.68 22.72
CA GLY F 125 -41.65 9.25 21.84
C GLY F 125 -42.23 10.27 20.89
N VAL F 126 -43.31 9.90 20.22
CA VAL F 126 -44.01 10.83 19.33
C VAL F 126 -44.43 12.07 20.09
N ALA F 127 -44.86 11.93 21.35
CA ALA F 127 -45.21 13.10 22.14
C ALA F 127 -44.01 14.02 22.34
N TRP F 128 -42.87 13.48 22.78
CA TRP F 128 -41.69 14.31 22.96
C TRP F 128 -41.10 14.77 21.64
N LEU F 129 -41.47 14.17 20.51
CA LEU F 129 -41.20 14.80 19.23
C LEU F 129 -42.10 16.01 18.99
N HIS F 130 -43.41 15.80 18.95
CA HIS F 130 -44.29 16.82 18.38
C HIS F 130 -44.38 18.07 19.24
N CYS F 131 -43.91 18.02 20.48
CA CYS F 131 -43.83 19.21 21.32
C CYS F 131 -42.81 20.25 20.83
N LEU F 132 -41.83 19.84 20.03
CA LEU F 132 -40.59 20.61 19.90
C LEU F 132 -40.82 22.02 19.36
N LEU F 133 -41.38 22.16 18.16
CA LEU F 133 -41.60 23.46 17.55
C LEU F 133 -42.85 23.40 16.70
N PRO F 134 -43.38 24.56 16.30
CA PRO F 134 -44.69 24.61 15.62
C PRO F 134 -44.86 23.58 14.51
N LYS F 135 -46.01 22.90 14.56
CA LYS F 135 -46.50 22.06 13.47
C LYS F 135 -45.48 21.02 13.06
N MET F 136 -44.81 20.45 14.06
CA MET F 136 -43.51 19.83 13.85
C MET F 136 -43.55 18.77 12.75
N ASP F 137 -44.64 18.00 12.70
CA ASP F 137 -44.83 17.02 11.64
C ASP F 137 -44.81 17.67 10.26
N SER F 138 -45.41 18.85 10.12
CA SER F 138 -45.40 19.52 8.83
C SER F 138 -44.02 20.06 8.49
N VAL F 139 -43.32 20.58 9.49
CA VAL F 139 -41.95 21.04 9.26
C VAL F 139 -41.08 19.87 8.80
N VAL F 140 -41.31 18.69 9.36
CA VAL F 140 -40.68 17.49 8.83
C VAL F 140 -41.12 17.23 7.39
N TYR F 141 -42.43 17.19 7.16
CA TYR F 141 -42.93 16.82 5.84
C TYR F 141 -42.42 17.78 4.78
N ASP F 142 -42.44 19.07 5.08
CA ASP F 142 -41.87 20.07 4.19
C ASP F 142 -40.41 19.82 3.91
N PHE F 143 -39.58 19.70 4.94
CA PHE F 143 -38.17 19.49 4.72
C PHE F 143 -37.89 18.16 4.03
N LEU F 144 -38.68 17.13 4.35
CA LEU F 144 -38.51 15.87 3.63
C LEU F 144 -38.73 16.05 2.12
N LYS F 145 -39.84 16.65 1.73
CA LYS F 145 -40.12 16.80 0.30
C LYS F 145 -39.10 17.70 -0.37
N CYS F 146 -38.70 18.77 0.32
CA CYS F 146 -37.60 19.59 -0.17
C CYS F 146 -36.40 18.74 -0.56
N MET F 147 -35.99 17.84 0.33
CA MET F 147 -34.86 16.97 0.05
C MET F 147 -35.12 15.90 -1.01
N VAL F 148 -36.36 15.44 -1.19
CA VAL F 148 -36.63 14.54 -2.30
C VAL F 148 -36.48 15.25 -3.64
N TYR F 149 -37.05 16.45 -3.77
CA TYR F 149 -36.97 17.15 -5.04
C TYR F 149 -35.56 17.61 -5.37
N ASN F 150 -34.75 17.96 -4.38
CA ASN F 150 -33.36 18.33 -4.61
C ASN F 150 -33.23 19.46 -5.64
N ILE F 151 -34.22 20.35 -5.64
CA ILE F 151 -34.29 21.47 -6.58
C ILE F 151 -33.09 22.40 -6.37
N PRO F 152 -32.40 22.86 -7.44
CA PRO F 152 -31.25 23.74 -7.24
C PRO F 152 -31.55 25.03 -6.49
N LYS F 153 -30.55 25.48 -5.72
CA LYS F 153 -30.63 26.48 -4.66
C LYS F 153 -31.57 26.11 -3.53
N LYS F 154 -32.78 25.64 -3.86
CA LYS F 154 -33.82 25.41 -2.86
C LYS F 154 -33.55 24.12 -2.06
N ARG F 155 -32.45 24.16 -1.29
CA ARG F 155 -31.80 22.93 -0.83
C ARG F 155 -31.24 23.00 0.58
N TYR F 156 -31.05 24.18 1.17
CA TYR F 156 -30.39 24.30 2.46
C TYR F 156 -31.22 25.14 3.42
N TRP F 157 -31.37 24.62 4.65
CA TRP F 157 -32.03 25.32 5.75
C TRP F 157 -31.02 25.53 6.86
N LEU F 158 -31.18 26.63 7.59
CA LEU F 158 -30.25 27.08 8.61
C LEU F 158 -30.82 26.86 10.01
N PHE F 159 -30.40 25.76 10.65
CA PHE F 159 -30.73 25.47 12.04
C PHE F 159 -29.81 26.27 12.96
N LYS F 160 -30.16 27.53 13.16
CA LYS F 160 -29.58 28.31 14.25
C LYS F 160 -30.06 27.75 15.60
N GLY F 161 -29.37 28.16 16.67
CA GLY F 161 -29.79 27.82 18.02
C GLY F 161 -28.63 27.46 18.94
N PRO F 162 -28.75 27.78 20.25
CA PRO F 162 -27.60 27.65 21.15
C PRO F 162 -27.26 26.20 21.51
N ILE F 163 -26.36 26.06 22.48
CA ILE F 163 -25.97 24.75 23.00
C ILE F 163 -27.19 23.95 23.47
N ASP F 164 -27.14 22.64 23.24
CA ASP F 164 -28.19 21.68 23.63
C ASP F 164 -29.55 22.01 23.04
N SER F 165 -29.62 22.85 22.02
CA SER F 165 -30.90 23.23 21.44
C SER F 165 -31.59 22.08 20.70
N GLY F 166 -30.96 20.92 20.58
CA GLY F 166 -31.60 19.74 20.01
C GLY F 166 -31.45 19.60 18.51
N LYS F 167 -30.94 20.62 17.82
CA LYS F 167 -30.81 20.57 16.37
C LYS F 167 -30.02 19.35 15.91
N THR F 168 -28.89 19.05 16.54
CA THR F 168 -28.12 17.86 16.17
C THR F 168 -28.94 16.60 16.39
N THR F 169 -29.59 16.50 17.54
CA THR F 169 -30.40 15.35 17.91
C THR F 169 -31.45 15.04 16.85
N LEU F 170 -32.11 16.06 16.33
CA LEU F 170 -33.16 15.85 15.33
C LEU F 170 -32.58 15.47 13.97
N ALA F 171 -31.63 16.25 13.47
CA ALA F 171 -31.09 16.00 12.13
C ALA F 171 -30.46 14.62 12.04
N ALA F 172 -29.73 14.21 13.08
CA ALA F 172 -29.18 12.86 13.12
C ALA F 172 -30.27 11.79 13.03
N ALA F 173 -31.38 12.02 13.72
CA ALA F 173 -32.49 11.07 13.69
C ALA F 173 -33.03 10.88 12.28
N LEU F 174 -33.21 11.98 11.55
CA LEU F 174 -33.79 11.91 10.21
C LEU F 174 -32.99 11.05 9.25
N LEU F 175 -31.66 11.02 9.40
CA LEU F 175 -30.84 10.16 8.54
C LEU F 175 -31.11 8.66 8.72
N GLU F 176 -31.76 8.23 9.79
CA GLU F 176 -32.25 6.85 9.80
C GLU F 176 -33.29 6.65 8.71
N LEU F 177 -34.18 7.62 8.55
CA LEU F 177 -35.27 7.51 7.59
C LEU F 177 -34.78 7.61 6.15
N CYS F 178 -33.52 8.02 5.94
CA CYS F 178 -33.03 8.37 4.60
C CYS F 178 -31.61 7.89 4.34
N GLY F 179 -30.72 8.02 5.31
CA GLY F 179 -29.28 7.89 5.09
C GLY F 179 -28.60 9.21 4.74
N GLY F 180 -27.35 9.34 5.15
CA GLY F 180 -26.60 10.57 4.93
C GLY F 180 -25.40 10.66 5.87
N LYS F 181 -24.84 11.88 5.98
CA LYS F 181 -23.77 12.14 6.93
C LYS F 181 -23.67 13.62 7.26
N ALA F 182 -22.97 13.93 8.36
CA ALA F 182 -22.65 15.29 8.78
C ALA F 182 -21.18 15.64 8.54
N LEU F 183 -20.89 16.95 8.58
CA LEU F 183 -19.67 17.52 7.99
C LEU F 183 -19.07 18.60 8.89
N ASN F 184 -17.78 18.91 8.68
CA ASN F 184 -17.06 19.95 9.41
C ASN F 184 -16.43 20.97 8.46
N VAL F 185 -16.59 22.26 8.77
CA VAL F 185 -16.00 23.35 7.98
C VAL F 185 -15.14 24.29 8.81
N ASN F 186 -14.98 24.03 10.10
CA ASN F 186 -14.27 24.93 11.01
C ASN F 186 -12.77 24.67 10.96
N LEU F 187 -12.41 23.42 10.73
CA LEU F 187 -11.07 23.04 10.34
C LEU F 187 -10.61 23.86 9.13
N PRO F 188 -9.34 24.28 9.10
CA PRO F 188 -8.92 25.32 8.14
C PRO F 188 -8.93 24.87 6.69
N LEU F 189 -8.89 25.88 5.82
CA LEU F 189 -9.21 25.75 4.40
C LEU F 189 -8.33 24.76 3.67
N ASP F 190 -7.08 24.60 4.09
CA ASP F 190 -6.23 23.54 3.51
C ASP F 190 -6.78 22.15 3.81
N ARG F 191 -7.27 21.93 5.03
CA ARG F 191 -7.90 20.65 5.33
C ARG F 191 -9.23 20.48 4.60
N LEU F 192 -9.97 21.58 4.48
CA LEU F 192 -11.37 21.54 4.04
C LEU F 192 -11.56 20.72 2.76
N ASN F 193 -10.60 20.78 1.86
CA ASN F 193 -10.66 20.01 0.62
C ASN F 193 -10.96 18.53 0.85
N PHE F 194 -10.38 17.95 1.89
CA PHE F 194 -10.64 16.56 2.23
C PHE F 194 -11.92 16.39 3.03
N GLU F 195 -12.25 17.38 3.87
CA GLU F 195 -13.51 17.33 4.60
C GLU F 195 -14.69 17.21 3.63
N LEU F 196 -14.62 17.92 2.51
CA LEU F 196 -15.70 17.90 1.53
C LEU F 196 -15.93 16.51 0.95
N GLY F 197 -14.90 15.67 0.87
CA GLY F 197 -15.07 14.33 0.31
C GLY F 197 -16.03 13.45 1.07
N VAL F 198 -16.26 13.76 2.35
CA VAL F 198 -17.21 13.00 3.16
C VAL F 198 -18.62 13.03 2.59
N ALA F 199 -18.95 14.06 1.82
CA ALA F 199 -20.28 14.16 1.19
C ALA F 199 -20.52 13.17 0.06
N ILE F 200 -19.50 12.44 -0.39
CA ILE F 200 -19.65 11.64 -1.60
C ILE F 200 -20.74 10.59 -1.44
N ASP F 201 -21.60 10.50 -2.46
CA ASP F 201 -22.70 9.55 -2.61
C ASP F 201 -23.77 9.61 -1.53
N GLN F 202 -23.79 10.63 -0.68
CA GLN F 202 -24.80 10.72 0.36
C GLN F 202 -26.17 11.12 -0.19
N PHE F 203 -27.20 10.41 0.28
CA PHE F 203 -28.58 10.74 -0.11
C PHE F 203 -29.01 12.07 0.51
N LEU F 204 -28.41 12.45 1.63
CA LEU F 204 -28.61 13.73 2.30
C LEU F 204 -27.30 14.09 3.01
N VAL F 205 -27.09 15.36 3.34
CA VAL F 205 -25.98 15.74 4.21
C VAL F 205 -26.38 16.81 5.22
N VAL F 206 -25.48 17.02 6.18
CA VAL F 206 -25.65 17.99 7.28
C VAL F 206 -24.29 18.63 7.58
N PHE F 207 -24.32 19.84 8.12
CA PHE F 207 -23.12 20.49 8.65
C PHE F 207 -23.17 20.69 10.16
N GLU F 208 -22.01 20.46 10.79
CA GLU F 208 -21.71 20.93 12.14
C GLU F 208 -21.90 22.44 12.27
N ASP F 209 -22.18 22.89 13.50
CA ASP F 209 -22.21 24.33 13.77
C ASP F 209 -20.92 24.99 13.29
N VAL F 210 -21.05 26.04 12.48
CA VAL F 210 -19.88 26.86 12.17
C VAL F 210 -19.35 27.47 13.46
N LYS F 211 -18.09 27.20 13.75
CA LYS F 211 -17.28 28.13 14.54
C LYS F 211 -16.94 29.29 13.62
N GLY F 212 -17.94 30.15 13.42
CA GLY F 212 -17.88 31.15 12.36
C GLY F 212 -16.84 32.23 12.61
N THR F 213 -16.10 32.56 11.55
CA THR F 213 -15.00 33.52 11.63
C THR F 213 -15.39 34.85 12.28
N GLY F 214 -16.63 35.31 12.07
CA GLY F 214 -17.10 36.52 12.73
C GLY F 214 -17.76 36.35 14.08
N GLY F 215 -18.05 35.10 14.48
CA GLY F 215 -18.85 34.85 15.66
C GLY F 215 -18.27 35.32 16.97
N GLU F 216 -16.95 35.47 17.07
CA GLU F 216 -16.37 35.93 18.34
C GLU F 216 -16.69 37.40 18.64
N SER F 217 -17.24 38.14 17.68
CA SER F 217 -17.93 39.39 18.01
C SER F 217 -19.12 39.13 18.92
N ARG F 218 -19.69 37.93 18.85
CA ARG F 218 -20.72 37.44 19.75
C ARG F 218 -20.14 36.52 20.81
N ASP F 219 -18.81 36.46 20.89
CA ASP F 219 -18.05 35.50 21.71
C ASP F 219 -18.40 34.05 21.39
N LEU F 220 -18.80 33.79 20.16
CA LEU F 220 -19.04 32.43 19.67
C LEU F 220 -17.83 32.00 18.86
N PRO F 221 -17.09 30.97 19.26
CA PRO F 221 -15.75 30.71 18.68
C PRO F 221 -15.69 30.79 17.15
N SER F 222 -14.57 31.32 16.66
CA SER F 222 -14.37 31.70 15.25
C SER F 222 -13.29 30.82 14.61
N GLY F 223 -13.64 29.58 14.30
CA GLY F 223 -12.94 28.84 13.26
C GLY F 223 -13.24 29.41 11.88
N GLN F 224 -12.85 28.65 10.87
CA GLN F 224 -12.83 29.14 9.49
C GLN F 224 -14.20 29.08 8.78
N GLY F 225 -15.23 28.56 9.46
CA GLY F 225 -16.43 28.12 8.76
C GLY F 225 -17.09 29.17 7.87
N ILE F 226 -17.34 30.37 8.42
CA ILE F 226 -18.17 31.36 7.72
C ILE F 226 -17.57 31.77 6.38
N ASN F 227 -16.32 32.22 6.37
CA ASN F 227 -15.73 32.61 5.09
C ASN F 227 -15.56 31.42 4.16
N ASN F 228 -15.21 30.26 4.72
CA ASN F 228 -15.17 29.05 3.91
C ASN F 228 -16.49 28.83 3.19
N LEU F 229 -17.59 28.79 3.96
CA LEU F 229 -18.88 28.41 3.40
C LEU F 229 -19.41 29.50 2.47
N ASP F 230 -19.23 30.76 2.84
CA ASP F 230 -19.68 31.84 1.96
C ASP F 230 -19.04 31.77 0.58
N ASN F 231 -17.80 31.29 0.51
CA ASN F 231 -17.09 31.14 -0.77
C ASN F 231 -17.53 29.92 -1.58
N LEU F 232 -18.11 28.90 -0.95
CA LEU F 232 -18.49 27.67 -1.65
C LEU F 232 -19.81 27.80 -2.42
N ARG F 233 -19.84 28.76 -3.34
CA ARG F 233 -21.10 29.17 -3.98
C ARG F 233 -21.91 27.97 -4.49
N ASP F 234 -21.34 27.18 -5.40
CA ASP F 234 -22.13 26.15 -6.07
C ASP F 234 -22.62 25.07 -5.12
N TYR F 235 -21.74 24.62 -4.21
CA TYR F 235 -22.02 23.40 -3.46
C TYR F 235 -23.42 23.43 -2.85
N LEU F 236 -23.76 24.56 -2.24
CA LEU F 236 -25.10 24.75 -1.69
C LEU F 236 -26.16 24.72 -2.79
N ASP F 237 -25.93 25.46 -3.87
CA ASP F 237 -26.91 25.55 -4.94
C ASP F 237 -27.17 24.22 -5.63
N GLY F 238 -26.18 23.34 -5.69
CA GLY F 238 -26.37 22.11 -6.44
C GLY F 238 -26.74 22.36 -7.89
N SER F 239 -26.26 23.47 -8.45
CA SER F 239 -26.54 23.76 -9.86
C SER F 239 -25.81 22.79 -10.79
N VAL F 240 -24.53 22.53 -10.54
CA VAL F 240 -23.69 21.74 -11.44
C VAL F 240 -22.91 20.70 -10.63
N LYS F 241 -22.35 19.73 -11.36
CA LYS F 241 -21.47 18.76 -10.72
C LYS F 241 -20.20 19.44 -10.22
N VAL F 242 -19.68 18.92 -9.11
CA VAL F 242 -18.45 19.43 -8.51
C VAL F 242 -17.54 18.25 -8.13
N ASN F 243 -16.25 18.53 -8.01
CA ASN F 243 -15.27 17.52 -7.60
C ASN F 243 -15.11 17.46 -6.08
N LEU F 244 -14.80 16.25 -5.61
CA LEU F 244 -14.70 15.95 -4.18
C LEU F 244 -13.52 15.00 -3.95
N GLU F 245 -12.92 15.05 -2.74
CA GLU F 245 -11.56 14.55 -2.55
C GLU F 245 -11.36 13.87 -1.20
N LYS F 246 -10.49 12.85 -1.18
CA LYS F 246 -10.17 12.06 0.02
C LYS F 246 -8.68 11.71 0.04
N LYS F 247 -8.16 11.47 1.25
CA LYS F 247 -6.76 11.11 1.41
C LYS F 247 -6.42 9.81 0.69
N HIS F 248 -5.23 9.77 0.08
CA HIS F 248 -4.74 8.57 -0.62
C HIS F 248 -5.66 8.09 -1.73
N LEU F 249 -6.59 8.92 -2.18
CA LEU F 249 -7.66 8.45 -3.07
C LEU F 249 -7.91 9.50 -4.14
N ASN F 250 -8.38 9.05 -5.30
CA ASN F 250 -8.66 9.93 -6.44
C ASN F 250 -9.93 10.76 -6.24
N LYS F 251 -10.08 11.77 -7.10
CA LYS F 251 -11.29 12.60 -7.12
C LYS F 251 -12.48 11.88 -7.74
N ARG F 252 -13.67 12.35 -7.40
CA ARG F 252 -14.92 11.94 -8.02
C ARG F 252 -15.80 13.17 -8.21
N THR F 253 -16.81 13.06 -9.08
CA THR F 253 -17.71 14.19 -9.31
C THR F 253 -19.17 13.80 -9.44
N GLN F 254 -20.04 14.68 -8.92
CA GLN F 254 -21.48 14.52 -8.83
C GLN F 254 -22.03 15.89 -8.44
N ILE F 255 -23.36 16.04 -8.45
CA ILE F 255 -23.96 17.20 -7.82
C ILE F 255 -23.84 17.07 -6.31
N PHE F 256 -23.44 18.16 -5.65
CA PHE F 256 -23.25 18.12 -4.21
C PHE F 256 -24.58 18.01 -3.47
N PRO F 257 -24.80 16.97 -2.67
CA PRO F 257 -26.14 16.71 -2.11
C PRO F 257 -26.72 17.87 -1.32
N PRO F 258 -28.04 17.92 -1.18
CA PRO F 258 -28.69 18.96 -0.37
C PRO F 258 -28.47 18.67 1.11
N GLY F 259 -28.84 19.61 1.97
CA GLY F 259 -28.59 19.37 3.38
C GLY F 259 -29.06 20.44 4.34
N ILE F 260 -28.51 20.35 5.55
CA ILE F 260 -28.77 21.26 6.66
C ILE F 260 -27.47 21.89 7.12
N VAL F 261 -27.53 23.19 7.41
CA VAL F 261 -26.52 23.87 8.21
C VAL F 261 -27.10 24.14 9.59
N THR F 262 -26.43 23.62 10.62
CA THR F 262 -26.67 24.07 11.99
C THR F 262 -25.67 25.17 12.34
N MET F 263 -26.03 26.00 13.31
CA MET F 263 -25.08 26.92 13.92
C MET F 263 -25.59 27.34 15.29
N ASN F 264 -24.67 27.82 16.12
CA ASN F 264 -25.07 28.68 17.22
C ASN F 264 -25.53 30.01 16.63
N GLU F 265 -25.77 31.00 17.50
CA GLU F 265 -26.42 32.24 17.06
C GLU F 265 -25.45 33.22 16.39
N TYR F 266 -24.64 32.67 15.48
CA TYR F 266 -23.53 33.34 14.81
C TYR F 266 -23.94 34.52 13.92
N SER F 267 -22.96 35.39 13.65
CA SER F 267 -23.03 36.41 12.60
C SER F 267 -22.79 35.79 11.21
N VAL F 268 -23.49 36.31 10.20
CA VAL F 268 -23.48 35.72 8.86
C VAL F 268 -23.45 36.77 7.74
N PRO F 269 -22.61 36.59 6.71
CA PRO F 269 -22.72 37.42 5.50
C PRO F 269 -24.05 37.26 4.78
N LYS F 270 -24.60 38.40 4.32
CA LYS F 270 -25.85 38.38 3.58
C LYS F 270 -25.81 37.46 2.36
N THR F 271 -24.63 37.34 1.75
CA THR F 271 -24.45 36.41 0.62
C THR F 271 -24.61 34.96 1.08
N LEU F 272 -23.97 34.60 2.18
CA LEU F 272 -24.17 33.27 2.75
C LEU F 272 -25.61 33.07 3.22
N GLN F 273 -26.22 34.10 3.79
CA GLN F 273 -27.63 34.00 4.14
C GLN F 273 -28.50 33.70 2.92
N ALA F 274 -28.19 34.32 1.78
CA ALA F 274 -28.96 34.09 0.57
C ALA F 274 -28.92 32.65 0.08
N ARG F 275 -28.00 31.82 0.59
CA ARG F 275 -27.94 30.42 0.23
C ARG F 275 -29.07 29.57 0.82
N PHE F 276 -29.82 30.08 1.80
CA PHE F 276 -30.76 29.27 2.56
C PHE F 276 -32.22 29.51 2.22
N VAL F 277 -32.99 28.42 2.19
CA VAL F 277 -34.43 28.49 2.08
C VAL F 277 -35.06 28.92 3.40
N LYS F 278 -34.60 28.34 4.50
CA LYS F 278 -35.14 28.61 5.83
C LYS F 278 -34.03 28.98 6.79
N GLN F 279 -34.38 29.78 7.80
CA GLN F 279 -33.63 29.81 9.04
C GLN F 279 -34.57 29.58 10.21
N ILE F 280 -34.11 28.78 11.18
CA ILE F 280 -34.81 28.52 12.43
C ILE F 280 -33.79 28.66 13.55
N ASP F 281 -34.18 29.35 14.64
CA ASP F 281 -33.43 29.24 15.90
C ASP F 281 -34.07 28.19 16.80
N PHE F 282 -33.41 27.03 16.89
CA PHE F 282 -33.69 26.06 17.95
C PHE F 282 -33.35 26.65 19.32
N ARG F 283 -34.03 26.20 20.36
CA ARG F 283 -33.62 26.51 21.73
C ARG F 283 -33.87 25.34 22.65
N PRO F 284 -33.00 25.13 23.66
CA PRO F 284 -33.38 24.31 24.81
C PRO F 284 -34.66 24.84 25.44
N LYS F 285 -35.49 23.94 25.96
CA LYS F 285 -36.75 24.31 26.58
C LYS F 285 -36.93 23.69 27.95
N ASP F 286 -37.47 24.50 28.85
CA ASP F 286 -37.43 24.24 30.29
C ASP F 286 -38.37 23.10 30.71
N TYR F 287 -39.52 22.95 30.05
CA TYR F 287 -40.26 21.71 30.20
C TYR F 287 -39.47 20.52 29.68
N LEU F 288 -38.97 20.63 28.45
CA LEU F 288 -38.48 19.45 27.75
C LEU F 288 -37.29 18.82 28.45
N LYS F 289 -36.38 19.63 28.97
CA LYS F 289 -35.23 19.11 29.71
C LYS F 289 -35.67 18.25 30.90
N HIS F 290 -36.51 18.81 31.76
CA HIS F 290 -37.01 18.06 32.91
C HIS F 290 -37.88 16.88 32.49
N CYS F 291 -38.64 17.05 31.41
CA CYS F 291 -39.44 15.94 30.91
C CYS F 291 -38.58 14.74 30.49
N LEU F 292 -37.48 14.98 29.78
CA LEU F 292 -36.56 13.88 29.49
C LEU F 292 -35.99 13.29 30.76
N GLU F 293 -35.53 14.14 31.66
CA GLU F 293 -35.07 13.67 32.96
C GLU F 293 -36.11 12.79 33.63
N ARG F 294 -37.38 13.04 33.35
CA ARG F 294 -38.50 12.29 33.91
C ARG F 294 -39.00 11.16 33.01
N SER F 295 -38.46 10.99 31.81
CA SER F 295 -39.08 10.12 30.81
C SER F 295 -38.03 9.22 30.14
N GLU F 296 -37.07 8.76 30.91
CA GLU F 296 -35.83 8.26 30.34
C GLU F 296 -35.98 6.92 29.61
N PHE F 297 -37.10 6.23 29.76
CA PHE F 297 -37.40 5.06 28.94
C PHE F 297 -37.32 5.36 27.44
N LEU F 298 -37.59 6.61 27.06
CA LEU F 298 -37.41 7.05 25.68
C LEU F 298 -35.97 6.96 25.22
N LEU F 299 -35.02 7.23 26.12
CA LEU F 299 -33.62 7.01 25.83
C LEU F 299 -33.25 5.53 25.94
N GLU F 300 -33.83 4.82 26.91
CA GLU F 300 -33.47 3.43 27.14
C GLU F 300 -33.80 2.53 25.95
N LYS F 301 -35.03 2.57 25.47
CA LYS F 301 -35.39 1.83 24.26
C LYS F 301 -34.89 2.50 22.98
N ARG F 302 -34.04 3.52 23.12
CA ARG F 302 -33.41 4.22 21.99
C ARG F 302 -34.45 4.82 21.04
N ILE F 303 -35.52 5.37 21.62
CA ILE F 303 -36.65 5.85 20.85
C ILE F 303 -36.35 7.21 20.22
N ILE F 304 -35.86 8.15 21.04
CA ILE F 304 -35.98 9.58 20.72
C ILE F 304 -35.49 9.89 19.30
N GLN F 305 -34.27 9.48 18.98
CA GLN F 305 -33.70 9.81 17.68
C GLN F 305 -33.89 8.72 16.65
N SER F 306 -34.82 7.79 16.86
CA SER F 306 -35.08 6.80 15.83
C SER F 306 -35.93 7.37 14.71
N GLY F 307 -35.55 7.04 13.49
CA GLY F 307 -36.43 7.20 12.35
C GLY F 307 -37.79 6.55 12.53
N ILE F 308 -37.84 5.42 13.24
CA ILE F 308 -39.13 4.82 13.55
C ILE F 308 -40.00 5.79 14.35
N ALA F 309 -39.40 6.59 15.23
CA ALA F 309 -40.19 7.56 15.98
C ALA F 309 -40.69 8.68 15.06
N LEU F 310 -39.85 9.13 14.13
CA LEU F 310 -40.30 10.08 13.12
C LEU F 310 -41.37 9.46 12.25
N LEU F 311 -41.18 8.20 11.85
CA LEU F 311 -42.15 7.52 11.02
C LEU F 311 -43.52 7.45 11.68
N LEU F 312 -43.55 7.14 12.98
CA LEU F 312 -44.83 7.14 13.68
C LEU F 312 -45.45 8.53 13.73
N MET F 313 -44.66 9.55 14.05
CA MET F 313 -45.20 10.90 14.05
C MET F 313 -45.80 11.22 12.69
N LEU F 314 -45.05 10.92 11.65
CA LEU F 314 -45.53 11.04 10.28
C LEU F 314 -46.83 10.26 10.04
N ILE F 315 -46.86 8.98 10.40
CA ILE F 315 -48.08 8.18 10.20
C ILE F 315 -49.24 8.76 10.97
N TRP F 316 -48.98 9.27 12.18
CA TRP F 316 -50.07 9.73 13.02
C TRP F 316 -50.68 11.02 12.47
N TYR F 317 -49.84 11.99 12.10
CA TYR F 317 -50.35 13.27 11.61
C TYR F 317 -50.76 13.22 10.15
N ARG F 318 -49.94 12.64 9.30
CA ARG F 318 -50.05 12.98 7.88
C ARG F 318 -51.09 12.11 7.16
N PRO F 319 -51.92 12.71 6.29
CA PRO F 319 -52.88 11.92 5.51
C PRO F 319 -52.23 10.79 4.72
N VAL F 320 -53.02 9.74 4.48
CA VAL F 320 -52.55 8.60 3.68
C VAL F 320 -52.04 9.06 2.32
N ALA F 321 -52.73 10.02 1.70
CA ALA F 321 -52.33 10.47 0.37
C ALA F 321 -50.93 11.07 0.34
N GLU F 322 -50.42 11.55 1.46
CA GLU F 322 -49.10 12.16 1.51
C GLU F 322 -47.96 11.16 1.36
N PHE F 323 -48.24 9.86 1.37
CA PHE F 323 -47.22 8.82 1.37
C PHE F 323 -47.01 8.23 -0.02
N ALA F 324 -45.91 7.50 -0.15
CA ALA F 324 -45.59 6.79 -1.39
C ALA F 324 -46.75 5.88 -1.80
N GLN F 325 -47.12 5.99 -3.08
CA GLN F 325 -48.49 5.69 -3.48
C GLN F 325 -48.92 4.26 -3.11
N SER F 326 -48.14 3.26 -3.51
CA SER F 326 -48.52 1.89 -3.17
C SER F 326 -48.43 1.64 -1.67
N ILE F 327 -47.42 2.18 -1.02
CA ILE F 327 -47.25 1.99 0.43
C ILE F 327 -48.41 2.57 1.21
N GLN F 328 -49.17 3.49 0.63
CA GLN F 328 -50.36 4.03 1.28
C GLN F 328 -51.26 2.95 1.87
N SER F 329 -51.29 1.76 1.27
CA SER F 329 -52.00 0.64 1.89
C SER F 329 -51.45 0.34 3.28
N ARG F 330 -50.12 0.15 3.37
CA ARG F 330 -49.48 -0.06 4.65
C ARG F 330 -49.72 1.10 5.60
N ILE F 331 -49.80 2.32 5.08
CA ILE F 331 -50.09 3.47 5.93
C ILE F 331 -51.47 3.34 6.56
N VAL F 332 -52.47 2.99 5.76
CA VAL F 332 -53.79 2.70 6.32
C VAL F 332 -53.69 1.61 7.38
N GLU F 333 -53.01 0.52 7.06
CA GLU F 333 -52.89 -0.60 7.97
C GLU F 333 -52.24 -0.22 9.31
N TRP F 334 -51.44 0.85 9.34
CA TRP F 334 -50.90 1.34 10.61
C TRP F 334 -51.73 2.45 11.23
N LYS F 335 -52.35 3.30 10.43
CA LYS F 335 -53.34 4.20 10.97
C LYS F 335 -54.42 3.41 11.71
N GLU F 336 -54.83 2.28 11.15
CA GLU F 336 -55.71 1.35 11.84
C GLU F 336 -55.20 1.06 13.25
N ARG F 337 -54.02 0.48 13.34
CA ARG F 337 -53.52 -0.01 14.62
C ARG F 337 -53.27 1.12 15.60
N LEU F 338 -52.60 2.18 15.16
CA LEU F 338 -52.19 3.23 16.08
C LEU F 338 -53.41 3.91 16.69
N ASP F 339 -54.39 4.24 15.88
CA ASP F 339 -55.61 4.86 16.40
C ASP F 339 -56.51 3.86 17.11
N LYS F 340 -56.38 2.58 16.79
CA LYS F 340 -57.03 1.54 17.57
C LYS F 340 -56.47 1.47 18.98
N GLU F 341 -55.16 1.30 19.11
CA GLU F 341 -54.57 1.09 20.42
C GLU F 341 -54.59 2.36 21.28
N PHE F 342 -54.34 3.51 20.68
CA PHE F 342 -54.19 4.75 21.43
C PHE F 342 -55.31 5.72 21.11
N SER F 343 -56.03 6.13 22.15
CA SER F 343 -56.96 7.24 22.04
C SER F 343 -56.21 8.55 21.83
N LEU F 344 -56.91 9.50 21.22
CA LEU F 344 -56.40 10.87 21.16
C LEU F 344 -56.19 11.45 22.54
N SER F 345 -57.04 11.07 23.50
CA SER F 345 -56.88 11.57 24.86
C SER F 345 -55.57 11.13 25.52
N VAL F 346 -55.18 9.86 25.38
CA VAL F 346 -53.89 9.47 25.95
C VAL F 346 -52.77 10.18 25.20
N TYR F 347 -52.93 10.31 23.88
CA TYR F 347 -51.95 11.02 23.07
C TYR F 347 -51.87 12.47 23.50
N GLN F 348 -53.02 13.11 23.65
CA GLN F 348 -53.10 14.48 24.12
C GLN F 348 -52.57 14.60 25.54
N LYS F 349 -53.02 13.73 26.43
CA LYS F 349 -52.48 13.64 27.78
C LYS F 349 -50.96 13.57 27.78
N MET F 350 -50.41 12.64 27.00
CA MET F 350 -48.95 12.53 26.90
C MET F 350 -48.33 13.85 26.47
N LYS F 351 -48.90 14.49 25.43
CA LYS F 351 -48.39 15.80 25.02
C LYS F 351 -48.57 16.85 26.11
N PHE F 352 -49.67 16.78 26.87
CA PHE F 352 -49.85 17.71 27.98
C PHE F 352 -48.84 17.48 29.09
N ASN F 353 -48.45 16.23 29.34
CA ASN F 353 -47.38 15.99 30.30
C ASN F 353 -46.11 16.72 29.89
N VAL F 354 -45.74 16.65 28.60
CA VAL F 354 -44.67 17.50 28.11
C VAL F 354 -45.01 18.98 28.28
N ALA F 355 -46.26 19.35 27.99
CA ALA F 355 -46.68 20.74 28.16
C ALA F 355 -46.60 21.24 29.60
N MET F 356 -46.34 20.36 30.56
CA MET F 356 -46.03 20.76 31.93
C MET F 356 -44.71 20.18 32.42
N GLY F 357 -43.90 19.60 31.53
CA GLY F 357 -42.62 19.02 31.87
C GLY F 357 -42.66 17.79 32.75
N ILE F 358 -43.84 17.36 33.20
CA ILE F 358 -43.97 16.11 33.94
C ILE F 358 -43.68 14.94 33.02
N GLY F 359 -43.21 13.83 33.60
CA GLY F 359 -42.94 12.63 32.82
C GLY F 359 -44.10 12.18 31.96
N VAL F 360 -43.79 11.77 30.72
CA VAL F 360 -44.83 11.62 29.69
C VAL F 360 -45.80 10.50 30.06
N LEU F 361 -45.30 9.28 30.26
CA LEU F 361 -46.18 8.20 30.68
C LEU F 361 -46.59 8.40 32.13
N ASP F 362 -47.88 8.24 32.39
CA ASP F 362 -48.47 8.78 33.60
C ASP F 362 -49.78 8.06 33.93
PG ATP H . -0.34 1.71 35.35
O1G ATP H . 1.14 1.60 35.25
O2G ATP H . -0.98 0.87 34.26
O3G ATP H . -0.79 3.16 35.46
PB ATP H . -2.15 0.69 37.43
O1B ATP H . -2.59 1.81 38.28
O2B ATP H . -3.23 0.26 36.46
O3B ATP H . -0.82 1.04 36.70
PA ATP H . -1.67 -2.10 38.02
O1A ATP H . -3.02 -2.70 38.07
O2A ATP H . -0.99 -2.33 36.68
O3A ATP H . -1.75 -0.59 38.29
O5' ATP H . -0.77 -2.73 39.15
C5' ATP H . 0.65 -2.79 38.99
C4' ATP H . 1.34 -3.23 40.25
O4' ATP H . 0.85 -2.41 41.34
C3' ATP H . 0.99 -4.66 40.62
O3' ATP H . 2.11 -5.26 41.26
C2' ATP H . -0.12 -4.52 41.65
O2' ATP H . -0.15 -5.61 42.55
C1' ATP H . 0.27 -3.22 42.34
N9 ATP H . -0.91 -2.51 42.83
C8 ATP H . -2.04 -2.20 42.13
N7 ATP H . -2.93 -1.53 42.83
C5 ATP H . -2.30 -1.34 44.05
C6 ATP H . -2.71 -0.69 45.23
N6 ATP H . -3.89 -0.09 45.37
N1 ATP H . -1.85 -0.68 46.27
C2 ATP H . -0.68 -1.28 46.13
N3 ATP H . -0.19 -1.94 45.08
C4 ATP H . -1.05 -1.91 44.06
H5'1 ATP H . 0.97 -1.91 38.76
H5'2 ATP H . 0.88 -3.40 38.26
H4' ATP H . 2.30 -3.12 40.15
H3' ATP H . 0.70 -5.18 39.84
HO3' ATP H . 1.81 -5.70 41.92
H2' ATP H . -0.97 -4.43 41.20
HO2' ATP H . -0.88 -5.54 42.99
H1' ATP H . 0.88 -3.36 43.08
H8 ATP H . -2.20 -2.49 41.27
HN61 ATP H . -4.12 0.24 46.13
HN62 ATP H . -4.43 -0.04 44.70
H2 ATP H . -0.12 -1.25 46.88
PG ATP I . 27.56 0.55 23.00
O1G ATP I . 26.90 1.56 23.86
O2G ATP I . 26.63 -0.45 22.34
O3G ATP I . 28.46 1.19 21.96
PB ATP I . 28.47 -1.26 25.10
O1B ATP I . 28.66 -0.46 26.34
O2B ATP I . 27.20 -2.10 25.11
O3B ATP I . 28.52 -0.33 23.86
PA ATP I . 29.94 -3.52 24.07
O1A ATP I . 29.38 -4.69 24.76
O2A ATP I . 29.39 -3.31 22.66
O3A ATP I . 29.69 -2.24 24.88
O5' ATP I . 31.50 -3.72 23.99
C5' ATP I . 32.26 -3.26 22.85
C4' ATP I . 33.71 -3.56 23.08
O4' ATP I . 34.17 -2.90 24.28
C3' ATP I . 33.95 -5.03 23.38
O3' ATP I . 34.05 -5.77 22.16
C2' ATP I . 35.28 -4.99 24.12
O2' ATP I . 36.31 -4.86 23.15
C1' ATP I . 35.16 -3.68 24.91
N9 ATP I . 34.69 -3.89 26.26
C8 ATP I . 33.41 -4.23 26.61
N7 ATP I . 33.19 -4.21 27.91
C5 ATP I . 34.36 -3.70 28.42
C6 ATP I . 34.77 -3.40 29.74
N6 ATP I . 34.00 -3.58 30.81
N1 ATP I . 36.01 -2.90 29.90
C2 ATP I . 36.78 -2.71 28.83
N3 ATP I . 36.51 -2.95 27.56
C4 ATP I . 35.26 -3.42 27.41
H5'1 ATP I . 32.14 -2.31 22.75
H5'2 ATP I . 31.94 -3.70 22.05
H4' ATP I . 34.23 -3.27 22.31
H3' ATP I . 33.26 -5.39 23.95
HO3' ATP I . 33.36 -6.26 22.12
H2' ATP I . 35.41 -5.76 24.70
HO2' ATP I . 36.01 -5.22 22.44
H1' ATP I . 36.02 -3.22 24.95
H8 ATP I . 32.79 -4.56 26.01
HN61 ATP I . 34.28 -3.32 31.59
HN62 ATP I . 33.21 -3.91 30.72
H2 ATP I . 37.63 -2.36 29.01
PG ATP J . 33.21 11.71 -4.16
O1G ATP J . 32.42 12.15 -5.34
O2G ATP J . 33.16 12.69 -3.00
O3G ATP J . 32.85 10.33 -3.71
PB ATP J . 35.79 12.49 -5.29
O1B ATP J . 35.46 13.91 -5.23
O2B ATP J . 37.22 12.26 -4.80
O3B ATP J . 34.73 11.63 -4.55
PA ATP J . 36.22 10.67 -7.54
O1A ATP J . 35.26 10.12 -8.52
O2A ATP J . 36.83 9.59 -6.65
O3A ATP J . 35.71 11.92 -6.78
O5' ATP J . 37.25 11.40 -8.49
C5' ATP J . 36.78 12.30 -9.51
C4' ATP J . 37.86 12.64 -10.48
O4' ATP J . 38.90 13.39 -9.81
C3' ATP J . 38.58 11.44 -11.05
O3' ATP J . 37.86 10.87 -12.13
C2' ATP J . 39.90 12.07 -11.51
O2' ATP J . 39.64 12.72 -12.75
C1' ATP J . 40.15 13.11 -10.41
N9 ATP J . 40.99 12.61 -9.34
C8 ATP J . 40.67 11.64 -8.43
N7 ATP J . 41.56 11.50 -7.48
C5 ATP J . 42.46 12.52 -7.72
C6 ATP J . 43.63 12.94 -7.05
N6 ATP J . 44.10 12.33 -5.96
N1 ATP J . 44.29 13.99 -7.54
C2 ATP J . 43.81 14.60 -8.63
N3 ATP J . 42.73 14.31 -9.34
C4 ATP J . 42.09 13.26 -8.82
H5'1 ATP J . 36.44 13.12 -9.11
H5'2 ATP J . 36.04 11.89 -9.99
H4' ATP J . 37.50 13.18 -11.19
H3' ATP J . 38.76 10.77 -10.36
HO3' ATP J . 37.45 10.19 -11.81
H2' ATP J . 40.62 11.42 -11.58
HO2' ATP J . 39.04 12.26 -13.14
H1' ATP J . 40.55 13.91 -10.78
H8 ATP J . 39.95 11.07 -8.54
HN61 ATP J . 44.79 12.67 -5.54
HN62 ATP J . 43.71 11.64 -5.64
H2 ATP J . 44.31 15.33 -8.93
PG ATP K . 11.08 27.29 -22.95
O1G ATP K . 10.84 25.82 -22.87
O2G ATP K . 9.92 28.03 -22.32
O3G ATP K . 12.42 27.76 -22.40
PB ATP K . 12.08 28.09 -25.58
O1B ATP K . 12.76 29.37 -25.30
O2B ATP K . 13.07 26.96 -25.82
O3B ATP K . 11.08 27.76 -24.44
PA ATP K . 10.42 27.15 -27.76
O1A ATP K . 9.28 26.49 -27.09
O2A ATP K . 11.42 26.14 -28.31
O3A ATP K . 11.16 28.17 -26.86
O5' ATP K . 9.78 28.03 -28.89
C5' ATP K . 8.51 28.69 -28.69
C4' ATP K . 8.28 29.62 -29.83
O4' ATP K . 9.39 30.52 -29.94
C3' ATP K . 8.28 28.91 -31.17
O3' ATP K . 7.05 28.25 -31.43
C2' ATP K . 8.55 30.09 -32.13
O2' ATP K . 7.35 30.82 -32.33
C1' ATP K . 9.52 30.94 -31.30
N9 ATP K . 10.91 30.74 -31.64
C8 ATP K . 11.69 29.66 -31.28
N7 ATP K . 12.95 29.81 -31.58
C5 ATP K . 13.04 31.12 -32.01
C6 ATP K . 14.11 31.91 -32.45
N6 ATP K . 15.37 31.48 -32.50
N1 ATP K . 13.85 33.18 -32.81
C2 ATP K . 12.59 33.63 -32.74
N3 ATP K . 11.50 32.97 -32.35
C4 ATP K . 11.79 31.72 -31.98
H5'1 ATP K . 8.53 29.18 -27.86
H5'2 ATP K . 7.80 28.03 -28.64
H4' ATP K . 7.45 30.11 -29.70
H3' ATP K . 9.03 28.29 -31.23
HO3' ATP K . 7.23 27.44 -31.57
H2' ATP K . 8.95 29.79 -32.96
HO2' ATP K . 7.50 31.36 -32.96
H1' ATP K . 9.31 31.88 -31.38
H8 ATP K . 11.33 28.86 -30.99
HN61 ATP K . 16.01 32.04 -32.68
HN62 ATP K . 15.56 30.66 -32.34
H2 ATP K . 12.46 34.51 -33.00
PG ATP L . -18.71 31.75 -11.33
O1G ATP L . -17.91 31.17 -12.44
O2G ATP L . -18.96 30.76 -10.21
O3G ATP L . -18.17 33.05 -10.75
PB ATP L . -20.79 32.93 -13.00
O1B ATP L . -20.51 34.37 -12.82
O2B ATP L . -20.36 32.46 -14.39
O3B ATP L . -20.14 32.13 -11.85
PA ATP L . -23.18 31.33 -13.03
O1A ATP L . -23.06 30.75 -14.38
O2A ATP L . -22.85 30.30 -11.95
O3A ATP L . -22.32 32.59 -12.87
O5' ATP L . -24.65 31.83 -12.81
C5' ATP L . -25.22 31.91 -11.48
C4' ATP L . -26.56 32.56 -11.62
O4' ATP L . -26.39 33.88 -12.16
C3' ATP L . -27.43 31.89 -12.67
O3' ATP L . -28.08 30.74 -12.15
C2' ATP L . -28.42 33.01 -13.01
O2' ATP L . -29.39 33.04 -11.98
C1' ATP L . -27.52 34.26 -12.92
N9 ATP L . -27.02 34.71 -14.19
C8 ATP L . -26.02 34.11 -14.92
N7 ATP L . -25.66 34.80 -15.97
C5 ATP L . -26.35 35.99 -15.84
C6 ATP L . -26.39 37.15 -16.62
N6 ATP L . -25.67 37.33 -17.73
N1 ATP L . -27.21 38.16 -16.22
C2 ATP L . -27.92 37.98 -15.11
N3 ATP L . -27.97 36.93 -14.30
C4 ATP L . -27.14 35.97 -14.71
H5'1 ATP L . -24.66 32.43 -10.90
H5'2 ATP L . -25.32 31.02 -11.11
H4' ATP L . -27.01 32.59 -10.77
H3' ATP L . -26.92 31.67 -13.46
HO3' ATP L . -27.60 30.08 -12.36
H2' ATP L . -28.81 32.91 -13.89
HO2' ATP L . -29.47 32.25 -11.69
H1' ATP L . -28.00 34.99 -12.49
H8 ATP L . -25.72 33.25 -14.75
HN61 ATP L . -25.67 38.10 -18.13
HN62 ATP L . -25.16 36.70 -18.01
H2 ATP L . -28.46 38.70 -14.88
PG ATP M . -24.74 22.16 20.36
O1G ATP M . -23.88 21.31 19.48
O2G ATP M . -24.17 22.21 21.76
O3G ATP M . -25.07 23.53 19.78
PB ATP M . -27.47 21.24 19.74
O1B ATP M . -27.27 20.72 18.38
O2B ATP M . -28.31 22.52 19.77
O3B ATP M . -26.14 21.46 20.54
PA ATP M . -28.28 18.58 20.61
O1A ATP M . -29.18 18.05 19.57
O2A ATP M . -26.87 18.02 20.54
O3A ATP M . -28.23 20.15 20.60
O5' ATP M . -28.97 18.19 21.98
C5' ATP M . -28.20 17.60 23.04
C4' ATP M . -29.09 16.83 23.98
O4' ATP M . -29.87 17.74 24.77
C3' ATP M . -30.14 16.01 23.26
O3' ATP M . -29.63 14.78 22.74
C2' ATP M . -31.19 15.81 24.34
O2' ATP M . -30.74 14.78 25.22
C1' ATP M . -31.15 17.18 25.04
N9 ATP M . -32.16 18.11 24.54
C8 ATP M . -32.89 18.00 23.38
N7 ATP M . -33.81 18.93 23.24
C5 ATP M . -33.70 19.68 24.39
C6 ATP M . -34.38 20.82 24.86
N6 ATP M . -35.37 21.42 24.19
N1 ATP M . -34.03 21.32 26.07
C2 ATP M . -33.04 20.72 26.75
N3 ATP M . -32.34 19.64 26.41
C4 ATP M . -32.71 19.17 25.22
H5'1 ATP M . -27.72 18.28 23.53
H5'2 ATP M . -27.53 16.98 22.67
H4' ATP M . -28.55 16.27 24.56
H3' ATP M . -30.55 16.52 22.54
HO3' ATP M . -29.67 14.84 21.89
H2' ATP M . -32.07 15.62 23.98
HO2' ATP M . -30.28 14.25 24.74
H1' ATP M . -31.28 17.09 25.99
H8 ATP M . -32.74 17.35 22.74
HN61 ATP M . -35.89 21.97 24.60
HN62 ATP M . -35.50 21.24 23.36
H2 ATP M . -32.84 21.10 27.57
#